data_6L68
# 
_entry.id   6L68 
# 
_audit_conform.dict_name       mmcif_pdbx.dic 
_audit_conform.dict_version    5.380 
_audit_conform.dict_location   http://mmcif.pdb.org/dictionaries/ascii/mmcif_pdbx.dic 
# 
loop_
_database_2.database_id 
_database_2.database_code 
_database_2.pdbx_database_accession 
_database_2.pdbx_DOI 
PDB   6L68         pdb_00006l68 10.2210/pdb6l68/pdb 
WWPDB D_1300014288 ?            ?                   
# 
_pdbx_database_status.status_code                     REL 
_pdbx_database_status.status_code_sf                  REL 
_pdbx_database_status.status_code_mr                  ? 
_pdbx_database_status.entry_id                        6L68 
_pdbx_database_status.recvd_initial_deposition_date   2019-10-28 
_pdbx_database_status.SG_entry                        N 
_pdbx_database_status.deposit_site                    PDBJ 
_pdbx_database_status.process_site                    PDBJ 
_pdbx_database_status.status_code_cs                  ? 
_pdbx_database_status.methods_development_category    ? 
_pdbx_database_status.pdb_format_compatible           Y 
_pdbx_database_status.status_code_nmr_data            ? 
# 
_audit_author.name               'Kamitori, S.' 
_audit_author.pdbx_ordinal       1 
_audit_author.identifier_ORCID   0000-0002-3950-3372 
# 
_citation.abstract                  ? 
_citation.abstract_id_CAS           ? 
_citation.book_id_ISBN              ? 
_citation.book_publisher            ? 
_citation.book_publisher_city       ? 
_citation.book_title                ? 
_citation.coordinate_linkage        ? 
_citation.country                   US 
_citation.database_id_Medline       ? 
_citation.details                   ? 
_citation.id                        primary 
_citation.journal_abbrev            Biochem.Biophys.Res.Commun. 
_citation.journal_id_ASTM           BBRCA9 
_citation.journal_id_CSD            0146 
_citation.journal_id_ISSN           1090-2104 
_citation.journal_full              ? 
_citation.journal_issue             ? 
_citation.journal_volume            ? 
_citation.language                  ? 
_citation.page_first                ? 
_citation.page_last                 ? 
_citation.title                     
;Structures of human galectin-10/monosaccharide complexes demonstrate potential of monosaccharides as effectors in forming Charcot-Leyden crystals.
;
_citation.year                      2020 
_citation.database_id_CSD           ? 
_citation.pdbx_database_id_DOI      10.1016/j.bbrc.2020.02.037 
_citation.pdbx_database_id_PubMed   32081418 
_citation.unpublished_flag          ? 
# 
loop_
_citation_author.citation_id 
_citation_author.name 
_citation_author.ordinal 
_citation_author.identifier_ORCID 
primary 'Itoh, A.'       1 ? 
primary 'Nonaka, Y.'     2 ? 
primary 'Nakakita, S.I.' 3 ? 
primary 'Yoshida, H.'    4 ? 
primary 'Nishi, N.'      5 ? 
primary 'Nakamura, T.'   6 ? 
primary 'Kamitori, S.'   7 ? 
# 
_cell.angle_alpha                  90.000 
_cell.angle_alpha_esd              ? 
_cell.angle_beta                   90.000 
_cell.angle_beta_esd               ? 
_cell.angle_gamma                  120.000 
_cell.angle_gamma_esd              ? 
_cell.entry_id                     6L68 
_cell.details                      ? 
_cell.formula_units_Z              ? 
_cell.length_a                     48.900 
_cell.length_a_esd                 ? 
_cell.length_b                     48.900 
_cell.length_b_esd                 ? 
_cell.length_c                     259.680 
_cell.length_c_esd                 ? 
_cell.volume                       ? 
_cell.volume_esd                   ? 
_cell.Z_PDB                        12 
_cell.reciprocal_angle_alpha       ? 
_cell.reciprocal_angle_beta        ? 
_cell.reciprocal_angle_gamma       ? 
_cell.reciprocal_angle_alpha_esd   ? 
_cell.reciprocal_angle_beta_esd    ? 
_cell.reciprocal_angle_gamma_esd   ? 
_cell.reciprocal_length_a          ? 
_cell.reciprocal_length_b          ? 
_cell.reciprocal_length_c          ? 
_cell.reciprocal_length_a_esd      ? 
_cell.reciprocal_length_b_esd      ? 
_cell.reciprocal_length_c_esd      ? 
_cell.pdbx_unique_axis             ? 
# 
_symmetry.entry_id                         6L68 
_symmetry.cell_setting                     ? 
_symmetry.Int_Tables_number                179 
_symmetry.space_group_name_Hall            ? 
_symmetry.space_group_name_H-M             'P 65 2 2' 
_symmetry.pdbx_full_space_group_name_H-M   ? 
# 
loop_
_entity.id 
_entity.type 
_entity.src_method 
_entity.pdbx_description 
_entity.formula_weight 
_entity.pdbx_number_of_molecules 
_entity.pdbx_ec 
_entity.pdbx_mutation 
_entity.pdbx_fragment 
_entity.details 
1 polymer     man Galectin-10         16644.016 1  ? ? ? ? 
2 non-polymer man beta-D-allopyranose 180.156   2  ? ? ? ? 
3 water       nat water               18.015    60 ? ? ? ? 
# 
_entity_name_com.entity_id   1 
_entity_name_com.name        'Gal-10,Charcot-Leyden crystal protein,CLC,Eosinophil lysophospholipase,Lysolecithin acylhydrolase' 
# 
_entity_poly.entity_id                      1 
_entity_poly.type                           'polypeptide(L)' 
_entity_poly.nstd_linkage                   no 
_entity_poly.nstd_monomer                   no 
_entity_poly.pdbx_seq_one_letter_code       
;GSMSLLPVPYTEAASLSTGSTVTIKGRPLVCFLNEPYLQVDFHTEMKEESDIVFHFQVCFGRRVVMNSREYGAWKQQVES
KNMPFQDGQEFELSISVLPDKYQVMVNGQSSYTFDHRIKPEAVKMVQVWRDISLTKFNVSYLKR
;
_entity_poly.pdbx_seq_one_letter_code_can   
;GSMSLLPVPYTEAASLSTGSTVTIKGRPLVCFLNEPYLQVDFHTEMKEESDIVFHFQVCFGRRVVMNSREYGAWKQQVES
KNMPFQDGQEFELSISVLPDKYQVMVNGQSSYTFDHRIKPEAVKMVQVWRDISLTKFNVSYLKR
;
_entity_poly.pdbx_strand_id                 A 
_entity_poly.pdbx_target_identifier         ? 
# 
loop_
_entity_poly_seq.entity_id 
_entity_poly_seq.num 
_entity_poly_seq.mon_id 
_entity_poly_seq.hetero 
1 1   GLY n 
1 2   SER n 
1 3   MET n 
1 4   SER n 
1 5   LEU n 
1 6   LEU n 
1 7   PRO n 
1 8   VAL n 
1 9   PRO n 
1 10  TYR n 
1 11  THR n 
1 12  GLU n 
1 13  ALA n 
1 14  ALA n 
1 15  SER n 
1 16  LEU n 
1 17  SER n 
1 18  THR n 
1 19  GLY n 
1 20  SER n 
1 21  THR n 
1 22  VAL n 
1 23  THR n 
1 24  ILE n 
1 25  LYS n 
1 26  GLY n 
1 27  ARG n 
1 28  PRO n 
1 29  LEU n 
1 30  VAL n 
1 31  CYS n 
1 32  PHE n 
1 33  LEU n 
1 34  ASN n 
1 35  GLU n 
1 36  PRO n 
1 37  TYR n 
1 38  LEU n 
1 39  GLN n 
1 40  VAL n 
1 41  ASP n 
1 42  PHE n 
1 43  HIS n 
1 44  THR n 
1 45  GLU n 
1 46  MET n 
1 47  LYS n 
1 48  GLU n 
1 49  GLU n 
1 50  SER n 
1 51  ASP n 
1 52  ILE n 
1 53  VAL n 
1 54  PHE n 
1 55  HIS n 
1 56  PHE n 
1 57  GLN n 
1 58  VAL n 
1 59  CYS n 
1 60  PHE n 
1 61  GLY n 
1 62  ARG n 
1 63  ARG n 
1 64  VAL n 
1 65  VAL n 
1 66  MET n 
1 67  ASN n 
1 68  SER n 
1 69  ARG n 
1 70  GLU n 
1 71  TYR n 
1 72  GLY n 
1 73  ALA n 
1 74  TRP n 
1 75  LYS n 
1 76  GLN n 
1 77  GLN n 
1 78  VAL n 
1 79  GLU n 
1 80  SER n 
1 81  LYS n 
1 82  ASN n 
1 83  MET n 
1 84  PRO n 
1 85  PHE n 
1 86  GLN n 
1 87  ASP n 
1 88  GLY n 
1 89  GLN n 
1 90  GLU n 
1 91  PHE n 
1 92  GLU n 
1 93  LEU n 
1 94  SER n 
1 95  ILE n 
1 96  SER n 
1 97  VAL n 
1 98  LEU n 
1 99  PRO n 
1 100 ASP n 
1 101 LYS n 
1 102 TYR n 
1 103 GLN n 
1 104 VAL n 
1 105 MET n 
1 106 VAL n 
1 107 ASN n 
1 108 GLY n 
1 109 GLN n 
1 110 SER n 
1 111 SER n 
1 112 TYR n 
1 113 THR n 
1 114 PHE n 
1 115 ASP n 
1 116 HIS n 
1 117 ARG n 
1 118 ILE n 
1 119 LYS n 
1 120 PRO n 
1 121 GLU n 
1 122 ALA n 
1 123 VAL n 
1 124 LYS n 
1 125 MET n 
1 126 VAL n 
1 127 GLN n 
1 128 VAL n 
1 129 TRP n 
1 130 ARG n 
1 131 ASP n 
1 132 ILE n 
1 133 SER n 
1 134 LEU n 
1 135 THR n 
1 136 LYS n 
1 137 PHE n 
1 138 ASN n 
1 139 VAL n 
1 140 SER n 
1 141 TYR n 
1 142 LEU n 
1 143 LYS n 
1 144 ARG n 
# 
_entity_src_gen.entity_id                          1 
_entity_src_gen.pdbx_src_id                        1 
_entity_src_gen.pdbx_alt_source_flag               sample 
_entity_src_gen.pdbx_seq_type                      'Biological sequence' 
_entity_src_gen.pdbx_beg_seq_num                   1 
_entity_src_gen.pdbx_end_seq_num                   144 
_entity_src_gen.gene_src_common_name               Human 
_entity_src_gen.gene_src_genus                     ? 
_entity_src_gen.pdbx_gene_src_gene                 'CLC, LGALS10, LGALS10A' 
_entity_src_gen.gene_src_species                   ? 
_entity_src_gen.gene_src_strain                    ? 
_entity_src_gen.gene_src_tissue                    ? 
_entity_src_gen.gene_src_tissue_fraction           ? 
_entity_src_gen.gene_src_details                   ? 
_entity_src_gen.pdbx_gene_src_fragment             ? 
_entity_src_gen.pdbx_gene_src_scientific_name      'Homo sapiens' 
_entity_src_gen.pdbx_gene_src_ncbi_taxonomy_id     9606 
_entity_src_gen.pdbx_gene_src_variant              ? 
_entity_src_gen.pdbx_gene_src_cell_line            ? 
_entity_src_gen.pdbx_gene_src_atcc                 ? 
_entity_src_gen.pdbx_gene_src_organ                ? 
_entity_src_gen.pdbx_gene_src_organelle            ? 
_entity_src_gen.pdbx_gene_src_cell                 ? 
_entity_src_gen.pdbx_gene_src_cellular_location    ? 
_entity_src_gen.host_org_common_name               ? 
_entity_src_gen.pdbx_host_org_scientific_name      'Escherichia coli' 
_entity_src_gen.pdbx_host_org_ncbi_taxonomy_id     562 
_entity_src_gen.host_org_genus                     ? 
_entity_src_gen.pdbx_host_org_gene                 ? 
_entity_src_gen.pdbx_host_org_organ                ? 
_entity_src_gen.host_org_species                   ? 
_entity_src_gen.pdbx_host_org_tissue               ? 
_entity_src_gen.pdbx_host_org_tissue_fraction      ? 
_entity_src_gen.pdbx_host_org_strain               ? 
_entity_src_gen.pdbx_host_org_variant              ? 
_entity_src_gen.pdbx_host_org_cell_line            ? 
_entity_src_gen.pdbx_host_org_atcc                 ? 
_entity_src_gen.pdbx_host_org_culture_collection   ? 
_entity_src_gen.pdbx_host_org_cell                 ? 
_entity_src_gen.pdbx_host_org_organelle            ? 
_entity_src_gen.pdbx_host_org_cellular_location    ? 
_entity_src_gen.pdbx_host_org_vector_type          ? 
_entity_src_gen.pdbx_host_org_vector               ? 
_entity_src_gen.host_org_details                   ? 
_entity_src_gen.expression_system_id               ? 
_entity_src_gen.plasmid_name                       ? 
_entity_src_gen.plasmid_details                    ? 
_entity_src_gen.pdbx_description                   ? 
# 
_struct_ref.id                         1 
_struct_ref.db_name                    UNP 
_struct_ref.db_code                    LEG10_HUMAN 
_struct_ref.pdbx_db_accession          Q05315 
_struct_ref.pdbx_db_isoform            ? 
_struct_ref.entity_id                  1 
_struct_ref.pdbx_seq_one_letter_code   
;MSLLPVPYTEAASLSTGSTVTIKGRPLACFLNEPYLQVDFHTEMKEESDIVFHFQVCFGRRVVMNSREYGAWKQQVESKN
MPFQDGQEFELSISVLPDKYQVMVNGQSSYTFDHRIKPEAVKMVQVWRDISLTKFNVSYLKR
;
_struct_ref.pdbx_align_begin           1 
# 
_struct_ref_seq.align_id                      1 
_struct_ref_seq.ref_id                        1 
_struct_ref_seq.pdbx_PDB_id_code              6L68 
_struct_ref_seq.pdbx_strand_id                A 
_struct_ref_seq.seq_align_beg                 3 
_struct_ref_seq.pdbx_seq_align_beg_ins_code   ? 
_struct_ref_seq.seq_align_end                 144 
_struct_ref_seq.pdbx_seq_align_end_ins_code   ? 
_struct_ref_seq.pdbx_db_accession             Q05315 
_struct_ref_seq.db_align_beg                  1 
_struct_ref_seq.pdbx_db_align_beg_ins_code    ? 
_struct_ref_seq.db_align_end                  142 
_struct_ref_seq.pdbx_db_align_end_ins_code    ? 
_struct_ref_seq.pdbx_auth_seq_align_beg       1 
_struct_ref_seq.pdbx_auth_seq_align_end       142 
# 
loop_
_struct_ref_seq_dif.align_id 
_struct_ref_seq_dif.pdbx_pdb_id_code 
_struct_ref_seq_dif.mon_id 
_struct_ref_seq_dif.pdbx_pdb_strand_id 
_struct_ref_seq_dif.seq_num 
_struct_ref_seq_dif.pdbx_pdb_ins_code 
_struct_ref_seq_dif.pdbx_seq_db_name 
_struct_ref_seq_dif.pdbx_seq_db_accession_code 
_struct_ref_seq_dif.db_mon_id 
_struct_ref_seq_dif.pdbx_seq_db_seq_num 
_struct_ref_seq_dif.details 
_struct_ref_seq_dif.pdbx_auth_seq_num 
_struct_ref_seq_dif.pdbx_ordinal 
1 6L68 GLY A 1  ? UNP Q05315 ?   ?  'expression tag' -1 1 
1 6L68 SER A 2  ? UNP Q05315 ?   ?  'expression tag' 0  2 
1 6L68 VAL A 30 ? UNP Q05315 ALA 28 variant          28 3 
# 
loop_
_chem_comp.id 
_chem_comp.type 
_chem_comp.mon_nstd_flag 
_chem_comp.name 
_chem_comp.pdbx_synonyms 
_chem_comp.formula 
_chem_comp.formula_weight 
ALA 'L-peptide linking'          y ALANINE             ?                                                 'C3 H7 N O2'     89.093  
ALL 'D-saccharide, beta linking' . beta-D-allopyranose 'beta-D-allose; D-allose; allose; D-ALLOPYRANOSE' 'C6 H12 O6'      180.156 
ARG 'L-peptide linking'          y ARGININE            ?                                                 'C6 H15 N4 O2 1' 175.209 
ASN 'L-peptide linking'          y ASPARAGINE          ?                                                 'C4 H8 N2 O3'    132.118 
ASP 'L-peptide linking'          y 'ASPARTIC ACID'     ?                                                 'C4 H7 N O4'     133.103 
CYS 'L-peptide linking'          y CYSTEINE            ?                                                 'C3 H7 N O2 S'   121.158 
GLN 'L-peptide linking'          y GLUTAMINE           ?                                                 'C5 H10 N2 O3'   146.144 
GLU 'L-peptide linking'          y 'GLUTAMIC ACID'     ?                                                 'C5 H9 N O4'     147.129 
GLY 'peptide linking'            y GLYCINE             ?                                                 'C2 H5 N O2'     75.067  
HIS 'L-peptide linking'          y HISTIDINE           ?                                                 'C6 H10 N3 O2 1' 156.162 
HOH non-polymer                  . WATER               ?                                                 'H2 O'           18.015  
ILE 'L-peptide linking'          y ISOLEUCINE          ?                                                 'C6 H13 N O2'    131.173 
LEU 'L-peptide linking'          y LEUCINE             ?                                                 'C6 H13 N O2'    131.173 
LYS 'L-peptide linking'          y LYSINE              ?                                                 'C6 H15 N2 O2 1' 147.195 
MET 'L-peptide linking'          y METHIONINE          ?                                                 'C5 H11 N O2 S'  149.211 
PHE 'L-peptide linking'          y PHENYLALANINE       ?                                                 'C9 H11 N O2'    165.189 
PRO 'L-peptide linking'          y PROLINE             ?                                                 'C5 H9 N O2'     115.130 
SER 'L-peptide linking'          y SERINE              ?                                                 'C3 H7 N O3'     105.093 
THR 'L-peptide linking'          y THREONINE           ?                                                 'C4 H9 N O3'     119.119 
TRP 'L-peptide linking'          y TRYPTOPHAN          ?                                                 'C11 H12 N2 O2'  204.225 
TYR 'L-peptide linking'          y TYROSINE            ?                                                 'C9 H11 N O3'    181.189 
VAL 'L-peptide linking'          y VALINE              ?                                                 'C5 H11 N O2'    117.146 
# 
_exptl.absorpt_coefficient_mu     ? 
_exptl.absorpt_correction_T_max   ? 
_exptl.absorpt_correction_T_min   ? 
_exptl.absorpt_correction_type    ? 
_exptl.absorpt_process_details    ? 
_exptl.entry_id                   6L68 
_exptl.crystals_number            1 
_exptl.details                    ? 
_exptl.method                     'X-RAY DIFFRACTION' 
_exptl.method_details             ? 
# 
_exptl_crystal.colour                      ? 
_exptl_crystal.density_diffrn              ? 
_exptl_crystal.density_Matthews            2.69 
_exptl_crystal.density_method              ? 
_exptl_crystal.density_percent_sol         54.32 
_exptl_crystal.description                 ? 
_exptl_crystal.F_000                       ? 
_exptl_crystal.id                          1 
_exptl_crystal.preparation                 ? 
_exptl_crystal.size_max                    ? 
_exptl_crystal.size_mid                    ? 
_exptl_crystal.size_min                    ? 
_exptl_crystal.size_rad                    ? 
_exptl_crystal.colour_lustre               ? 
_exptl_crystal.colour_modifier             ? 
_exptl_crystal.colour_primary              ? 
_exptl_crystal.density_meas                ? 
_exptl_crystal.density_meas_esd            ? 
_exptl_crystal.density_meas_gt             ? 
_exptl_crystal.density_meas_lt             ? 
_exptl_crystal.density_meas_temp           ? 
_exptl_crystal.density_meas_temp_esd       ? 
_exptl_crystal.density_meas_temp_gt        ? 
_exptl_crystal.density_meas_temp_lt        ? 
_exptl_crystal.pdbx_crystal_image_url      ? 
_exptl_crystal.pdbx_crystal_image_format   ? 
_exptl_crystal.pdbx_mosaicity              ? 
_exptl_crystal.pdbx_mosaicity_esd          ? 
# 
_exptl_crystal_grow.apparatus       ? 
_exptl_crystal_grow.atmosphere      ? 
_exptl_crystal_grow.crystal_id      1 
_exptl_crystal_grow.details         ? 
_exptl_crystal_grow.method          'VAPOR DIFFUSION, SITTING DROP' 
_exptl_crystal_grow.method_ref      ? 
_exptl_crystal_grow.pH              ? 
_exptl_crystal_grow.pressure        ? 
_exptl_crystal_grow.pressure_esd    ? 
_exptl_crystal_grow.seeding         ? 
_exptl_crystal_grow.seeding_ref     ? 
_exptl_crystal_grow.temp            293 
_exptl_crystal_grow.temp_details    ? 
_exptl_crystal_grow.temp_esd        ? 
_exptl_crystal_grow.time            ? 
_exptl_crystal_grow.pdbx_details    '1.6 M ammonium sulfate, 0.1 M MES monohydrate pH 6.5, 10 % (v/v) 1,4-dioxane' 
_exptl_crystal_grow.pdbx_pH_range   ? 
# 
_diffrn.ambient_environment              ? 
_diffrn.ambient_temp                     100 
_diffrn.ambient_temp_details             ? 
_diffrn.ambient_temp_esd                 ? 
_diffrn.crystal_id                       1 
_diffrn.crystal_support                  ? 
_diffrn.crystal_treatment                ? 
_diffrn.details                          ? 
_diffrn.id                               1 
_diffrn.ambient_pressure                 ? 
_diffrn.ambient_pressure_esd             ? 
_diffrn.ambient_pressure_gt              ? 
_diffrn.ambient_pressure_lt              ? 
_diffrn.ambient_temp_gt                  ? 
_diffrn.ambient_temp_lt                  ? 
_diffrn.pdbx_serial_crystal_experiment   N 
# 
_diffrn_detector.details                      ? 
_diffrn_detector.detector                     'IMAGE PLATE' 
_diffrn_detector.diffrn_id                    1 
_diffrn_detector.type                         RIGAKU 
_diffrn_detector.area_resol_mean              ? 
_diffrn_detector.dtime                        ? 
_diffrn_detector.pdbx_frames_total            ? 
_diffrn_detector.pdbx_collection_time_total   ? 
_diffrn_detector.pdbx_collection_date         2018-11-30 
_diffrn_detector.pdbx_frequency               ? 
# 
_diffrn_radiation.collimation                      ? 
_diffrn_radiation.diffrn_id                        1 
_diffrn_radiation.filter_edge                      ? 
_diffrn_radiation.inhomogeneity                    ? 
_diffrn_radiation.monochromator                    ? 
_diffrn_radiation.polarisn_norm                    ? 
_diffrn_radiation.polarisn_ratio                   ? 
_diffrn_radiation.probe                            ? 
_diffrn_radiation.type                             ? 
_diffrn_radiation.xray_symbol                      ? 
_diffrn_radiation.wavelength_id                    1 
_diffrn_radiation.pdbx_monochromatic_or_laue_m_l   M 
_diffrn_radiation.pdbx_wavelength_list             ? 
_diffrn_radiation.pdbx_wavelength                  ? 
_diffrn_radiation.pdbx_diffrn_protocol             'SINGLE WAVELENGTH' 
_diffrn_radiation.pdbx_analyzer                    ? 
_diffrn_radiation.pdbx_scattering_type             x-ray 
# 
_diffrn_radiation_wavelength.id           1 
_diffrn_radiation_wavelength.wavelength   1.5418 
_diffrn_radiation_wavelength.wt           1.0 
# 
_diffrn_source.current                     ? 
_diffrn_source.details                     ? 
_diffrn_source.diffrn_id                   1 
_diffrn_source.power                       ? 
_diffrn_source.size                        ? 
_diffrn_source.source                      'ROTATING ANODE' 
_diffrn_source.target                      ? 
_diffrn_source.type                        RIGAKU 
_diffrn_source.voltage                     ? 
_diffrn_source.take-off_angle              ? 
_diffrn_source.pdbx_wavelength_list        1.5418 
_diffrn_source.pdbx_wavelength             ? 
_diffrn_source.pdbx_synchrotron_beamline   ? 
_diffrn_source.pdbx_synchrotron_site       ? 
# 
_reflns.B_iso_Wilson_estimate            ? 
_reflns.entry_id                         6L68 
_reflns.data_reduction_details           ? 
_reflns.data_reduction_method            ? 
_reflns.d_resolution_high                1.92 
_reflns.d_resolution_low                 19.61 
_reflns.details                          ? 
_reflns.limit_h_max                      ? 
_reflns.limit_h_min                      ? 
_reflns.limit_k_max                      ? 
_reflns.limit_k_min                      ? 
_reflns.limit_l_max                      ? 
_reflns.limit_l_min                      ? 
_reflns.number_all                       ? 
_reflns.number_obs                       14791 
_reflns.observed_criterion               ? 
_reflns.observed_criterion_F_max         ? 
_reflns.observed_criterion_F_min         ? 
_reflns.observed_criterion_I_max         ? 
_reflns.observed_criterion_I_min         ? 
_reflns.observed_criterion_sigma_F       ? 
_reflns.observed_criterion_sigma_I       ? 
_reflns.percent_possible_obs             97.7 
_reflns.R_free_details                   ? 
_reflns.Rmerge_F_all                     ? 
_reflns.Rmerge_F_obs                     ? 
_reflns.Friedel_coverage                 ? 
_reflns.number_gt                        ? 
_reflns.threshold_expression             ? 
_reflns.pdbx_redundancy                  19.9 
_reflns.pdbx_Rmerge_I_obs                ? 
_reflns.pdbx_Rmerge_I_all                ? 
_reflns.pdbx_Rsym_value                  ? 
_reflns.pdbx_netI_over_av_sigmaI         ? 
_reflns.pdbx_netI_over_sigmaI            18.7 
_reflns.pdbx_res_netI_over_av_sigmaI_2   ? 
_reflns.pdbx_res_netI_over_sigmaI_2      ? 
_reflns.pdbx_chi_squared                 ? 
_reflns.pdbx_scaling_rejects             ? 
_reflns.pdbx_d_res_high_opt              ? 
_reflns.pdbx_d_res_low_opt               ? 
_reflns.pdbx_d_res_opt_method            ? 
_reflns.phase_calculation_details        ? 
_reflns.pdbx_Rrim_I_all                  ? 
_reflns.pdbx_Rpim_I_all                  ? 
_reflns.pdbx_d_opt                       ? 
_reflns.pdbx_number_measured_all         ? 
_reflns.pdbx_diffrn_id                   1 
_reflns.pdbx_ordinal                     1 
_reflns.pdbx_CC_half                     0.999 
_reflns.pdbx_CC_star                     ? 
_reflns.pdbx_R_split                     ? 
# 
_reflns_shell.d_res_high                  1.92 
_reflns_shell.d_res_low                   1.97 
_reflns_shell.meanI_over_sigI_all         ? 
_reflns_shell.meanI_over_sigI_obs         ? 
_reflns_shell.number_measured_all         ? 
_reflns_shell.number_measured_obs         ? 
_reflns_shell.number_possible             ? 
_reflns_shell.number_unique_all           ? 
_reflns_shell.number_unique_obs           1033 
_reflns_shell.percent_possible_all        ? 
_reflns_shell.percent_possible_obs        ? 
_reflns_shell.Rmerge_F_all                ? 
_reflns_shell.Rmerge_F_obs                ? 
_reflns_shell.Rmerge_I_all                ? 
_reflns_shell.Rmerge_I_obs                ? 
_reflns_shell.meanI_over_sigI_gt          ? 
_reflns_shell.meanI_over_uI_all           ? 
_reflns_shell.meanI_over_uI_gt            ? 
_reflns_shell.number_measured_gt          ? 
_reflns_shell.number_unique_gt            ? 
_reflns_shell.percent_possible_gt         ? 
_reflns_shell.Rmerge_F_gt                 ? 
_reflns_shell.Rmerge_I_gt                 ? 
_reflns_shell.pdbx_redundancy             ? 
_reflns_shell.pdbx_Rsym_value             ? 
_reflns_shell.pdbx_chi_squared            ? 
_reflns_shell.pdbx_netI_over_sigmaI_all   ? 
_reflns_shell.pdbx_netI_over_sigmaI_obs   ? 
_reflns_shell.pdbx_Rrim_I_all             ? 
_reflns_shell.pdbx_Rpim_I_all             ? 
_reflns_shell.pdbx_rejects                ? 
_reflns_shell.pdbx_ordinal                1 
_reflns_shell.pdbx_diffrn_id              1 
_reflns_shell.pdbx_CC_half                0.911 
_reflns_shell.pdbx_CC_star                ? 
_reflns_shell.pdbx_R_split                ? 
# 
_refine.aniso_B[1][1]                            0.015 
_refine.aniso_B[1][2]                            0.007 
_refine.aniso_B[1][3]                            0.000 
_refine.aniso_B[2][2]                            0.015 
_refine.aniso_B[2][3]                            0.000 
_refine.aniso_B[3][3]                            -0.048 
_refine.B_iso_max                                ? 
_refine.B_iso_mean                               18.009 
_refine.B_iso_min                                ? 
_refine.correlation_coeff_Fo_to_Fc               0.951 
_refine.correlation_coeff_Fo_to_Fc_free          0.943 
_refine.details                                  'Hydrogens have been added in their riding positions' 
_refine.diff_density_max                         ? 
_refine.diff_density_max_esd                     ? 
_refine.diff_density_min                         ? 
_refine.diff_density_min_esd                     ? 
_refine.diff_density_rms                         ? 
_refine.diff_density_rms_esd                     ? 
_refine.entry_id                                 6L68 
_refine.pdbx_refine_id                           'X-RAY DIFFRACTION' 
_refine.ls_abs_structure_details                 ? 
_refine.ls_abs_structure_Flack                   ? 
_refine.ls_abs_structure_Flack_esd               ? 
_refine.ls_abs_structure_Rogers                  ? 
_refine.ls_abs_structure_Rogers_esd              ? 
_refine.ls_d_res_high                            1.920 
_refine.ls_d_res_low                             19.607 
_refine.ls_extinction_coef                       ? 
_refine.ls_extinction_coef_esd                   ? 
_refine.ls_extinction_expression                 ? 
_refine.ls_extinction_method                     ? 
_refine.ls_goodness_of_fit_all                   ? 
_refine.ls_goodness_of_fit_all_esd               ? 
_refine.ls_goodness_of_fit_obs                   ? 
_refine.ls_goodness_of_fit_obs_esd               ? 
_refine.ls_hydrogen_treatment                    ? 
_refine.ls_matrix_type                           ? 
_refine.ls_number_constraints                    ? 
_refine.ls_number_parameters                     ? 
_refine.ls_number_reflns_all                     ? 
_refine.ls_number_reflns_obs                     14791 
_refine.ls_number_reflns_R_free                  747 
_refine.ls_number_reflns_R_work                  ? 
_refine.ls_number_restraints                     ? 
_refine.ls_percent_reflns_obs                    97.714 
_refine.ls_percent_reflns_R_free                 5.050 
_refine.ls_R_factor_all                          0.182 
_refine.ls_R_factor_obs                          ? 
_refine.ls_R_factor_R_free                       0.2093 
_refine.ls_R_factor_R_free_error                 ? 
_refine.ls_R_factor_R_free_error_details         ? 
_refine.ls_R_factor_R_work                       0.1804 
_refine.ls_R_Fsqd_factor_obs                     ? 
_refine.ls_R_I_factor_obs                        ? 
_refine.ls_redundancy_reflns_all                 ? 
_refine.ls_redundancy_reflns_obs                 ? 
_refine.ls_restrained_S_all                      ? 
_refine.ls_restrained_S_obs                      ? 
_refine.ls_shift_over_esd_max                    ? 
_refine.ls_shift_over_esd_mean                   ? 
_refine.ls_structure_factor_coef                 ? 
_refine.ls_weighting_details                     ? 
_refine.ls_weighting_scheme                      ? 
_refine.ls_wR_factor_all                         ? 
_refine.ls_wR_factor_obs                         ? 
_refine.ls_wR_factor_R_free                      ? 
_refine.ls_wR_factor_R_work                      ? 
_refine.occupancy_max                            ? 
_refine.occupancy_min                            ? 
_refine.solvent_model_details                    ? 
_refine.solvent_model_param_bsol                 ? 
_refine.solvent_model_param_ksol                 ? 
_refine.pdbx_R_complete                          ? 
_refine.ls_R_factor_gt                           ? 
_refine.ls_goodness_of_fit_gt                    ? 
_refine.ls_goodness_of_fit_ref                   ? 
_refine.ls_shift_over_su_max                     ? 
_refine.ls_shift_over_su_max_lt                  ? 
_refine.ls_shift_over_su_mean                    ? 
_refine.ls_shift_over_su_mean_lt                 ? 
_refine.pdbx_ls_sigma_I                          ? 
_refine.pdbx_ls_sigma_F                          ? 
_refine.pdbx_ls_sigma_Fsqd                       ? 
_refine.pdbx_data_cutoff_high_absF               ? 
_refine.pdbx_data_cutoff_high_rms_absF           ? 
_refine.pdbx_data_cutoff_low_absF                ? 
_refine.pdbx_isotropic_thermal_model             ? 
_refine.pdbx_ls_cross_valid_method               'FREE R-VALUE' 
_refine.pdbx_method_to_determine_struct          'MOLECULAR REPLACEMENT' 
_refine.pdbx_starting_model                      1QKQ 
_refine.pdbx_stereochemistry_target_values       ? 
_refine.pdbx_R_Free_selection_details            ? 
_refine.pdbx_stereochem_target_val_spec_case     ? 
_refine.pdbx_overall_ESU_R                       0.129 
_refine.pdbx_overall_ESU_R_Free                  0.121 
_refine.pdbx_solvent_vdw_probe_radii             1.200 
_refine.pdbx_solvent_ion_probe_radii             0.800 
_refine.pdbx_solvent_shrinkage_radii             0.800 
_refine.pdbx_real_space_R                        ? 
_refine.pdbx_density_correlation                 ? 
_refine.pdbx_pd_number_of_powder_patterns        ? 
_refine.pdbx_pd_number_of_points                 ? 
_refine.pdbx_pd_meas_number_of_points            ? 
_refine.pdbx_pd_proc_ls_prof_R_factor            ? 
_refine.pdbx_pd_proc_ls_prof_wR_factor           ? 
_refine.pdbx_pd_Marquardt_correlation_coeff      ? 
_refine.pdbx_pd_Fsqrd_R_factor                   ? 
_refine.pdbx_pd_ls_matrix_band_width             ? 
_refine.pdbx_overall_phase_error                 ? 
_refine.pdbx_overall_SU_R_free_Cruickshank_DPI   ? 
_refine.pdbx_overall_SU_R_free_Blow_DPI          ? 
_refine.pdbx_overall_SU_R_Blow_DPI               ? 
_refine.pdbx_TLS_residual_ADP_flag               ? 
_refine.pdbx_diffrn_id                           1 
_refine.overall_SU_B                             2.643 
_refine.overall_SU_ML                            0.077 
_refine.overall_SU_R_Cruickshank_DPI             ? 
_refine.overall_SU_R_free                        ? 
_refine.overall_FOM_free_R_set                   ? 
_refine.overall_FOM_work_R_set                   ? 
_refine.pdbx_average_fsc_overall                 ? 
_refine.pdbx_average_fsc_work                    ? 
_refine.pdbx_average_fsc_free                    ? 
# 
_refine_hist.pdbx_refine_id                   'X-RAY DIFFRACTION' 
_refine_hist.cycle_id                         LAST 
_refine_hist.pdbx_number_atoms_protein        1130 
_refine_hist.pdbx_number_atoms_nucleic_acid   0 
_refine_hist.pdbx_number_atoms_ligand         24 
_refine_hist.number_atoms_solvent             60 
_refine_hist.number_atoms_total               1214 
_refine_hist.d_res_high                       1.920 
_refine_hist.d_res_low                        19.607 
# 
loop_
_refine_ls_restr.pdbx_refine_id 
_refine_ls_restr.criterion 
_refine_ls_restr.dev_ideal 
_refine_ls_restr.dev_ideal_target 
_refine_ls_restr.number 
_refine_ls_restr.rejects 
_refine_ls_restr.type 
_refine_ls_restr.weight 
_refine_ls_restr.pdbx_restraint_function 
'X-RAY DIFFRACTION' ? 0.007  0.013  1182 ? r_bond_refined_d               ? ? 
'X-RAY DIFFRACTION' ? 0.001  0.017  1068 ? r_bond_other_d                 ? ? 
'X-RAY DIFFRACTION' ? 1.469  1.673  1602 ? r_angle_refined_deg            ? ? 
'X-RAY DIFFRACTION' ? 1.214  1.594  2491 ? r_angle_other_deg              ? ? 
'X-RAY DIFFRACTION' ? 8.319  5.000  138  ? r_dihedral_angle_1_deg         ? ? 
'X-RAY DIFFRACTION' ? 36.643 22.903 62   ? r_dihedral_angle_2_deg         ? ? 
'X-RAY DIFFRACTION' ? 13.495 15.000 202  ? r_dihedral_angle_3_deg         ? ? 
'X-RAY DIFFRACTION' ? 20.763 15.000 6    ? r_dihedral_angle_4_deg         ? ? 
'X-RAY DIFFRACTION' ? 0.063  0.200  155  ? r_chiral_restr                 ? ? 
'X-RAY DIFFRACTION' ? 0.007  0.020  1278 ? r_gen_planes_refined           ? ? 
'X-RAY DIFFRACTION' ? 0.002  0.020  248  ? r_gen_planes_other             ? ? 
'X-RAY DIFFRACTION' ? 0.179  0.150  157  ? r_nbd_refined                  ? ? 
'X-RAY DIFFRACTION' ? 0.164  0.150  931  ? r_symmetry_nbd_other           ? ? 
'X-RAY DIFFRACTION' ? 0.159  0.150  541  ? r_nbtor_refined                ? ? 
'X-RAY DIFFRACTION' ? 0.075  0.150  539  ? r_symmetry_nbtor_other         ? ? 
'X-RAY DIFFRACTION' ? 0.094  0.150  48   ? r_xyhbond_nbd_refined          ? ? 
'X-RAY DIFFRACTION' ? 0.072  0.150  3    ? r_symmetry_nbd_refined         ? ? 
'X-RAY DIFFRACTION' ? 0.173  0.150  21   ? r_nbd_other                    ? ? 
'X-RAY DIFFRACTION' ? 0.164  0.150  16   ? r_symmetry_xyhbond_nbd_refined ? ? 
'X-RAY DIFFRACTION' ? 1.228  1.717  555  ? r_mcbond_it                    ? ? 
'X-RAY DIFFRACTION' ? 1.220  1.713  554  ? r_mcbond_other                 ? ? 
'X-RAY DIFFRACTION' ? 1.924  2.557  692  ? r_mcangle_it                   ? ? 
'X-RAY DIFFRACTION' ? 1.923  2.561  693  ? r_mcangle_other                ? ? 
'X-RAY DIFFRACTION' ? 2.098  2.016  627  ? r_scbond_it                    ? ? 
'X-RAY DIFFRACTION' ? 2.098  2.016  627  ? r_scbond_other                 ? ? 
'X-RAY DIFFRACTION' ? 3.420  2.911  910  ? r_scangle_it                   ? ? 
'X-RAY DIFFRACTION' ? 3.418  2.913  911  ? r_scangle_other                ? ? 
'X-RAY DIFFRACTION' ? 4.592  19.395 1193 ? r_lrange_it                    ? ? 
'X-RAY DIFFRACTION' ? 4.599  19.334 1189 ? r_lrange_other                 ? ? 
# 
loop_
_refine_ls_shell.pdbx_refine_id 
_refine_ls_shell.d_res_high 
_refine_ls_shell.d_res_low 
_refine_ls_shell.number_reflns_all 
_refine_ls_shell.number_reflns_obs 
_refine_ls_shell.number_reflns_R_free 
_refine_ls_shell.number_reflns_R_work 
_refine_ls_shell.percent_reflns_obs 
_refine_ls_shell.percent_reflns_R_free 
_refine_ls_shell.R_factor_all 
_refine_ls_shell.R_factor_obs 
_refine_ls_shell.R_factor_R_free 
_refine_ls_shell.R_factor_R_free_error 
_refine_ls_shell.R_factor_R_work 
_refine_ls_shell.redundancy_reflns_all 
_refine_ls_shell.redundancy_reflns_obs 
_refine_ls_shell.wR_factor_all 
_refine_ls_shell.wR_factor_obs 
_refine_ls_shell.wR_factor_R_free 
_refine_ls_shell.wR_factor_R_work 
_refine_ls_shell.pdbx_R_complete 
_refine_ls_shell.pdbx_total_number_of_bins_used 
_refine_ls_shell.pdbx_phase_error 
_refine_ls_shell.pdbx_fsc_work 
_refine_ls_shell.pdbx_fsc_free 
'X-RAY DIFFRACTION' 1.920 1.969  1079 . 39 994 95.7368  . 0.214 . 0.219 . 0.214 . . . . . 0.164 . 20 . 0.924 0.921 
'X-RAY DIFFRACTION' 1.969 2.023  1048 . 58 951 96.2786  . 0.211 . 0.288 . 0.207 . . . . . 0.165 . 20 . 0.929 0.896 
'X-RAY DIFFRACTION' 2.023 2.081  993  . 55 899 96.0725  . 0.192 . 0.198 . 0.192 . . . . . 0.150 . 20 . 0.940 0.940 
'X-RAY DIFFRACTION' 2.081 2.144  989  . 51 906 96.7644  . 0.184 . 0.227 . 0.182 . . . . . 0.146 . 20 . 0.950 0.934 
'X-RAY DIFFRACTION' 2.144 2.214  978  . 51 897 96.9325  . 0.184 . 0.212 . 0.182 . . . . . 0.145 . 20 . 0.952 0.951 
'X-RAY DIFFRACTION' 2.214 2.290  930  . 40 863 97.0968  . 0.171 . 0.195 . 0.170 . . . . . 0.137 . 20 . 0.957 0.958 
'X-RAY DIFFRACTION' 2.290 2.375  889  . 45 822 97.5253  . 0.172 . 0.217 . 0.169 . . . . . 0.143 . 20 . 0.960 0.951 
'X-RAY DIFFRACTION' 2.375 2.471  887  . 48 819 97.7452  . 0.175 . 0.234 . 0.172 . . . . . 0.145 . 20 . 0.962 0.944 
'X-RAY DIFFRACTION' 2.471 2.579  852  . 37 800 98.2394  . 0.176 . 0.206 . 0.175 . . . . . 0.147 . 20 . 0.960 0.961 
'X-RAY DIFFRACTION' 2.579 2.702  812  . 43 755 98.2759  . 0.186 . 0.205 . 0.185 . . . . . 0.155 . 20 . 0.960 0.956 
'X-RAY DIFFRACTION' 2.702 2.846  772  . 33 727 98.4456  . 0.177 . 0.161 . 0.178 . . . . . 0.151 . 20 . 0.967 0.969 
'X-RAY DIFFRACTION' 2.846 3.014  735  . 43 683 98.7755  . 0.187 . 0.209 . 0.186 . . . . . 0.160 . 20 . 0.958 0.953 
'X-RAY DIFFRACTION' 3.014 3.217  698  . 31 661 99.1404  . 0.189 . 0.223 . 0.187 . . . . . 0.169 . 20 . 0.958 0.954 
'X-RAY DIFFRACTION' 3.217 3.467  665  . 29 632 99.3985  . 0.173 . 0.255 . 0.169 . . . . . 0.157 . 20 . 0.966 0.939 
'X-RAY DIFFRACTION' 3.467 3.786  613  . 42 570 99.8369  . 0.169 . 0.160 . 0.170 . . . . . 0.160 . 20 . 0.967 0.973 
'X-RAY DIFFRACTION' 3.786 4.213  565  . 22 542 99.8230  . 0.166 . 0.176 . 0.166 . . . . . 0.160 . 20 . 0.969 0.971 
'X-RAY DIFFRACTION' 4.213 4.828  516  . 27 487 99.6124  . 0.145 . 0.180 . 0.143 . . . . . 0.145 . 20 . 0.976 0.973 
'X-RAY DIFFRACTION' 4.828 5.826  441  . 20 421 100.0000 . 0.194 . 0.247 . 0.192 . . . . . 0.187 . 20 . 0.964 0.955 
'X-RAY DIFFRACTION' 5.826 7.897  379  . 20 359 100.0000 . 0.233 . 0.288 . 0.230 . . . . . 0.207 . 20 . 0.946 0.926 
'X-RAY DIFFRACTION' 7.897 19.607 268  . 13 255 100.0000 . 0.227 . 0.219 . 0.227 . . . . . 0.236 . 20 . 0.965 0.954 
# 
_struct.entry_id                     6L68 
_struct.title                        'X-ray structure of human galectin-10 in complex with D-allose' 
_struct.pdbx_model_details           ? 
_struct.pdbx_formula_weight          ? 
_struct.pdbx_formula_weight_method   ? 
_struct.pdbx_model_type_details      ? 
_struct.pdbx_CASP_flag               N 
# 
_struct_keywords.entry_id        6L68 
_struct_keywords.text            'beta-sandwich structure, lectin, SUGAR BINDING PROTEIN' 
_struct_keywords.pdbx_keywords   'SUGAR BINDING PROTEIN' 
# 
loop_
_struct_asym.id 
_struct_asym.pdbx_blank_PDB_chainid_flag 
_struct_asym.pdbx_modified 
_struct_asym.entity_id 
_struct_asym.details 
A N N 1 ? 
B N N 2 ? 
C N N 2 ? 
D N N 3 ? 
# 
loop_
_struct_conf.conf_type_id 
_struct_conf.id 
_struct_conf.pdbx_PDB_helix_id 
_struct_conf.beg_label_comp_id 
_struct_conf.beg_label_asym_id 
_struct_conf.beg_label_seq_id 
_struct_conf.pdbx_beg_PDB_ins_code 
_struct_conf.end_label_comp_id 
_struct_conf.end_label_asym_id 
_struct_conf.end_label_seq_id 
_struct_conf.pdbx_end_PDB_ins_code 
_struct_conf.beg_auth_comp_id 
_struct_conf.beg_auth_asym_id 
_struct_conf.beg_auth_seq_id 
_struct_conf.end_auth_comp_id 
_struct_conf.end_auth_asym_id 
_struct_conf.end_auth_seq_id 
_struct_conf.pdbx_PDB_helix_class 
_struct_conf.details 
_struct_conf.pdbx_PDB_helix_length 
HELX_P HELX_P1 AA1 CYS A 31  ? GLU A 35  ? CYS A 29  GLU A 33  5 ? 5 
HELX_P HELX_P2 AA2 LYS A 119 ? VAL A 123 ? LYS A 117 VAL A 121 5 ? 5 
# 
_struct_conf_type.id          HELX_P 
_struct_conf_type.criteria    ? 
_struct_conf_type.reference   ? 
# 
_struct_mon_prot_cis.pdbx_id                1 
_struct_mon_prot_cis.label_comp_id          VAL 
_struct_mon_prot_cis.label_seq_id           8 
_struct_mon_prot_cis.label_asym_id          A 
_struct_mon_prot_cis.label_alt_id           . 
_struct_mon_prot_cis.pdbx_PDB_ins_code      ? 
_struct_mon_prot_cis.auth_comp_id           VAL 
_struct_mon_prot_cis.auth_seq_id            6 
_struct_mon_prot_cis.auth_asym_id           A 
_struct_mon_prot_cis.pdbx_label_comp_id_2   PRO 
_struct_mon_prot_cis.pdbx_label_seq_id_2    9 
_struct_mon_prot_cis.pdbx_label_asym_id_2   A 
_struct_mon_prot_cis.pdbx_PDB_ins_code_2    ? 
_struct_mon_prot_cis.pdbx_auth_comp_id_2    PRO 
_struct_mon_prot_cis.pdbx_auth_seq_id_2     7 
_struct_mon_prot_cis.pdbx_auth_asym_id_2    A 
_struct_mon_prot_cis.pdbx_PDB_model_num     1 
_struct_mon_prot_cis.pdbx_omega_angle       -6.43 
# 
loop_
_struct_sheet.id 
_struct_sheet.type 
_struct_sheet.number_strands 
_struct_sheet.details 
AA1 ? 6 ? 
AA2 ? 6 ? 
AA3 ? 5 ? 
# 
loop_
_struct_sheet_order.sheet_id 
_struct_sheet_order.range_id_1 
_struct_sheet_order.range_id_2 
_struct_sheet_order.offset 
_struct_sheet_order.sense 
AA1 1 2 ? anti-parallel 
AA1 2 3 ? anti-parallel 
AA1 3 4 ? anti-parallel 
AA1 4 5 ? anti-parallel 
AA1 5 6 ? anti-parallel 
AA2 1 2 ? anti-parallel 
AA2 2 3 ? anti-parallel 
AA2 3 4 ? anti-parallel 
AA2 4 5 ? anti-parallel 
AA2 5 6 ? anti-parallel 
AA3 1 2 ? anti-parallel 
AA3 2 3 ? anti-parallel 
AA3 3 4 ? anti-parallel 
AA3 4 5 ? anti-parallel 
# 
loop_
_struct_sheet_range.sheet_id 
_struct_sheet_range.id 
_struct_sheet_range.beg_label_comp_id 
_struct_sheet_range.beg_label_asym_id 
_struct_sheet_range.beg_label_seq_id 
_struct_sheet_range.pdbx_beg_PDB_ins_code 
_struct_sheet_range.end_label_comp_id 
_struct_sheet_range.end_label_asym_id 
_struct_sheet_range.end_label_seq_id 
_struct_sheet_range.pdbx_end_PDB_ins_code 
_struct_sheet_range.beg_auth_comp_id 
_struct_sheet_range.beg_auth_asym_id 
_struct_sheet_range.beg_auth_seq_id 
_struct_sheet_range.end_auth_comp_id 
_struct_sheet_range.end_auth_asym_id 
_struct_sheet_range.end_auth_seq_id 
AA1 1 TYR A 10  ? ALA A 13  ? TYR A 8   ALA A 11  
AA1 2 MET A 125 ? ARG A 130 ? MET A 123 ARG A 128 
AA1 3 TYR A 37  ? HIS A 43  ? TYR A 35  HIS A 41  
AA1 4 ILE A 52  ? CYS A 59  ? ILE A 50  CYS A 57  
AA1 5 ARG A 63  ? GLU A 70  ? ARG A 61  GLU A 68  
AA1 6 ALA A 73  ? TRP A 74  ? ALA A 71  TRP A 72  
AA2 1 TYR A 10  ? ALA A 13  ? TYR A 8   ALA A 11  
AA2 2 MET A 125 ? ARG A 130 ? MET A 123 ARG A 128 
AA2 3 TYR A 37  ? HIS A 43  ? TYR A 35  HIS A 41  
AA2 4 ILE A 52  ? CYS A 59  ? ILE A 50  CYS A 57  
AA2 5 ARG A 63  ? GLU A 70  ? ARG A 61  GLU A 68  
AA2 6 VAL A 78  ? SER A 80  ? VAL A 76  SER A 78  
AA3 1 GLN A 109 ? ASP A 115 ? GLN A 107 ASP A 113 
AA3 2 LYS A 101 ? VAL A 106 ? LYS A 99  VAL A 104 
AA3 3 PHE A 91  ? VAL A 97  ? PHE A 89  VAL A 95  
AA3 4 SER A 20  ? PRO A 28  ? SER A 18  PRO A 26  
AA3 5 ILE A 132 ? TYR A 141 ? ILE A 130 TYR A 139 
# 
loop_
_pdbx_struct_sheet_hbond.sheet_id 
_pdbx_struct_sheet_hbond.range_id_1 
_pdbx_struct_sheet_hbond.range_id_2 
_pdbx_struct_sheet_hbond.range_1_label_atom_id 
_pdbx_struct_sheet_hbond.range_1_label_comp_id 
_pdbx_struct_sheet_hbond.range_1_label_asym_id 
_pdbx_struct_sheet_hbond.range_1_label_seq_id 
_pdbx_struct_sheet_hbond.range_1_PDB_ins_code 
_pdbx_struct_sheet_hbond.range_1_auth_atom_id 
_pdbx_struct_sheet_hbond.range_1_auth_comp_id 
_pdbx_struct_sheet_hbond.range_1_auth_asym_id 
_pdbx_struct_sheet_hbond.range_1_auth_seq_id 
_pdbx_struct_sheet_hbond.range_2_label_atom_id 
_pdbx_struct_sheet_hbond.range_2_label_comp_id 
_pdbx_struct_sheet_hbond.range_2_label_asym_id 
_pdbx_struct_sheet_hbond.range_2_label_seq_id 
_pdbx_struct_sheet_hbond.range_2_PDB_ins_code 
_pdbx_struct_sheet_hbond.range_2_auth_atom_id 
_pdbx_struct_sheet_hbond.range_2_auth_comp_id 
_pdbx_struct_sheet_hbond.range_2_auth_asym_id 
_pdbx_struct_sheet_hbond.range_2_auth_seq_id 
AA1 1 2 N TYR A 10  ? N TYR A 8   O VAL A 128 ? O VAL A 126 
AA1 2 3 O MET A 125 ? O MET A 123 N HIS A 43  ? N HIS A 41  
AA1 3 4 N LEU A 38  ? N LEU A 36  O VAL A 58  ? O VAL A 56  
AA1 4 5 N CYS A 59  ? N CYS A 57  O ARG A 63  ? O ARG A 61  
AA1 5 6 N GLU A 70  ? N GLU A 68  O ALA A 73  ? O ALA A 71  
AA2 1 2 N TYR A 10  ? N TYR A 8   O VAL A 128 ? O VAL A 126 
AA2 2 3 O MET A 125 ? O MET A 123 N HIS A 43  ? N HIS A 41  
AA2 3 4 N LEU A 38  ? N LEU A 36  O VAL A 58  ? O VAL A 56  
AA2 4 5 N CYS A 59  ? N CYS A 57  O ARG A 63  ? O ARG A 61  
AA2 5 6 N VAL A 64  ? N VAL A 62  O SER A 80  ? O SER A 78  
AA3 1 2 O TYR A 112 ? O TYR A 110 N VAL A 104 ? N VAL A 102 
AA3 2 3 O MET A 105 ? O MET A 103 N SER A 94  ? N SER A 92  
AA3 3 4 O VAL A 97  ? O VAL A 95  N SER A 20  ? N SER A 18  
AA3 4 5 N THR A 23  ? N THR A 21  O ASN A 138 ? O ASN A 136 
# 
_atom_sites.entry_id                    6L68 
_atom_sites.Cartn_transf_matrix[1][1]   ? 
_atom_sites.Cartn_transf_matrix[1][2]   ? 
_atom_sites.Cartn_transf_matrix[1][3]   ? 
_atom_sites.Cartn_transf_matrix[2][1]   ? 
_atom_sites.Cartn_transf_matrix[2][2]   ? 
_atom_sites.Cartn_transf_matrix[2][3]   ? 
_atom_sites.Cartn_transf_matrix[3][1]   ? 
_atom_sites.Cartn_transf_matrix[3][2]   ? 
_atom_sites.Cartn_transf_matrix[3][3]   ? 
_atom_sites.Cartn_transf_vector[1]      ? 
_atom_sites.Cartn_transf_vector[2]      ? 
_atom_sites.Cartn_transf_vector[3]      ? 
_atom_sites.fract_transf_matrix[1][1]   -0.00505347 
_atom_sites.fract_transf_matrix[1][2]   0.00784617 
_atom_sites.fract_transf_matrix[1][3]   -0.02169119 
_atom_sites.fract_transf_matrix[2][1]   -0.02224638 
_atom_sites.fract_transf_matrix[2][2]   -0.00062044 
_atom_sites.fract_transf_matrix[2][3]   -0.00789524 
_atom_sites.fract_transf_matrix[3][1]   -0.00060133 
_atom_sites.fract_transf_matrix[3][2]   0.00352999 
_atom_sites.fract_transf_matrix[3][3]   0.00141697 
_atom_sites.fract_transf_vector[1]      0.266071 
_atom_sites.fract_transf_vector[2]      0.690462 
_atom_sites.fract_transf_vector[3]      0.301794 
_atom_sites.solution_primary            ? 
_atom_sites.solution_secondary          ? 
_atom_sites.solution_hydrogens          ? 
_atom_sites.special_details             ? 
# 
loop_
_atom_type.symbol 
_atom_type.pdbx_scat_Z 
_atom_type.pdbx_N_electrons 
_atom_type.scat_Cromer_Mann_a1 
_atom_type.scat_Cromer_Mann_b1 
_atom_type.scat_Cromer_Mann_a2 
_atom_type.scat_Cromer_Mann_b2 
_atom_type.scat_Cromer_Mann_a3 
_atom_type.scat_Cromer_Mann_b3 
_atom_type.scat_Cromer_Mann_a4 
_atom_type.scat_Cromer_Mann_b4 
_atom_type.scat_Cromer_Mann_c 
C 6  6  2.310  20.844 1.020 10.208 1.589 0.569  0.865 51.651 0.216   
H 1  1  0.493  10.511 0.323 26.126 0.140 3.142  0.041 57.800 0.003   
N 7  7  12.222 0.006  3.135 9.893  2.014 28.997 1.167 0.583  -11.538 
O 8  8  3.049  13.277 2.287 5.701  1.546 0.324  0.867 32.909 0.251   
S 16 16 6.905  1.468  5.203 22.215 1.438 0.254  1.586 56.172 1.184   
# 
loop_
_atom_site.group_PDB 
_atom_site.id 
_atom_site.type_symbol 
_atom_site.label_atom_id 
_atom_site.label_alt_id 
_atom_site.label_comp_id 
_atom_site.label_asym_id 
_atom_site.label_entity_id 
_atom_site.label_seq_id 
_atom_site.pdbx_PDB_ins_code 
_atom_site.Cartn_x 
_atom_site.Cartn_y 
_atom_site.Cartn_z 
_atom_site.occupancy 
_atom_site.B_iso_or_equiv 
_atom_site.pdbx_formal_charge 
_atom_site.auth_seq_id 
_atom_site.auth_comp_id 
_atom_site.auth_asym_id 
_atom_site.auth_atom_id 
_atom_site.pdbx_PDB_model_num 
ATOM   1    N N   . SER A 1 4   ? -19.235 -7.531  -3.346  1.000 52.730 ? 2   SER A N   1 
ATOM   2    C CA  . SER A 1 4   ? -18.556 -8.290  -4.446  1.000 52.174 ? 2   SER A CA  1 
ATOM   3    C C   . SER A 1 4   ? -17.170 -7.689  -4.738  1.000 48.489 ? 2   SER A C   1 
ATOM   4    O O   . SER A 1 4   ? -16.814 -6.670  -4.121  1.000 50.675 ? 2   SER A O   1 
ATOM   5    C CB  . SER A 1 4   ? -19.429 -8.335  -5.681  1.000 55.703 ? 2   SER A CB  1 
ATOM   6    O OG  . SER A 1 4   ? -19.765 -7.025  -6.112  1.000 57.453 ? 2   SER A OG  1 
ATOM   7    N N   . LEU A 1 5   ? -16.398 -8.327  -5.621  1.000 43.895 ? 3   LEU A N   1 
ATOM   8    C CA  . LEU A 1 5   ? -14.946 -8.066  -5.807  1.000 36.968 ? 3   LEU A CA  1 
ATOM   9    C C   . LEU A 1 5   ? -14.755 -6.803  -6.657  1.000 32.600 ? 3   LEU A C   1 
ATOM   10   O O   . LEU A 1 5   ? -15.498 -6.633  -7.637  1.000 31.036 ? 3   LEU A O   1 
ATOM   11   C CB  . LEU A 1 5   ? -14.303 -9.287  -6.477  1.000 36.634 ? 3   LEU A CB  1 
ATOM   12   C CG  . LEU A 1 5   ? -14.270 -10.585 -5.664  1.000 38.832 ? 3   LEU A CG  1 
ATOM   13   C CD1 . LEU A 1 5   ? -13.298 -11.582 -6.286  1.000 41.103 ? 3   LEU A CD1 1 
ATOM   14   C CD2 . LEU A 1 5   ? -13.905 -10.344 -4.206  1.000 37.775 ? 3   LEU A CD2 1 
ATOM   15   N N   . LEU A 1 6   ? -13.767 -5.971  -6.316  1.000 26.085 ? 4   LEU A N   1 
ATOM   16   C CA  . LEU A 1 6   ? -13.303 -4.839  -7.159  1.000 24.114 ? 4   LEU A CA  1 
ATOM   17   C C   . LEU A 1 6   ? -12.315 -5.382  -8.188  1.000 24.793 ? 4   LEU A C   1 
ATOM   18   O O   . LEU A 1 6   ? -11.626 -6.373  -7.921  1.000 25.775 ? 4   LEU A O   1 
ATOM   19   C CB  . LEU A 1 6   ? -12.657 -3.774  -6.268  1.000 22.584 ? 4   LEU A CB  1 
ATOM   20   C CG  . LEU A 1 6   ? -13.597 -3.065  -5.296  1.000 23.582 ? 4   LEU A CG  1 
ATOM   21   C CD1 . LEU A 1 6   ? -12.807 -2.313  -4.230  1.000 24.418 ? 4   LEU A CD1 1 
ATOM   22   C CD2 . LEU A 1 6   ? -14.529 -2.123  -6.039  1.000 23.652 ? 4   LEU A CD2 1 
ATOM   23   N N   . PRO A 1 7   ? -12.207 -4.787  -9.398  1.000 24.949 ? 5   PRO A N   1 
ATOM   24   C CA  . PRO A 1 7   ? -11.205 -5.233  -10.368 1.000 24.850 ? 5   PRO A CA  1 
ATOM   25   C C   . PRO A 1 7   ? -9.774  -5.066  -9.829  1.000 24.343 ? 5   PRO A C   1 
ATOM   26   O O   . PRO A 1 7   ? -9.528  -4.124  -9.100  1.000 25.254 ? 5   PRO A O   1 
ATOM   27   C CB  . PRO A 1 7   ? -11.465 -4.367  -11.613 1.000 27.341 ? 5   PRO A CB  1 
ATOM   28   C CG  . PRO A 1 7   ? -12.241 -3.160  -11.095 1.000 27.200 ? 5   PRO A CG  1 
ATOM   29   C CD  . PRO A 1 7   ? -13.027 -3.673  -9.903  1.000 26.956 ? 5   PRO A CD  1 
ATOM   30   N N   . VAL A 1 8   ? -8.891  -6.022  -10.134 1.000 21.937 ? 6   VAL A N   1 
ATOM   31   C CA  . VAL A 1 8   ? -7.440  -5.992  -9.790  1.000 21.069 ? 6   VAL A CA  1 
ATOM   32   C C   . VAL A 1 8   ? -6.662  -6.154  -11.096 1.000 20.996 ? 6   VAL A C   1 
ATOM   33   O O   . VAL A 1 8   ? -6.922  -7.108  -11.822 1.000 20.755 ? 6   VAL A O   1 
ATOM   34   C CB  . VAL A 1 8   ? -7.081  -7.082  -8.762  1.000 21.986 ? 6   VAL A CB  1 
ATOM   35   C CG1 . VAL A 1 8   ? -5.584  -7.106  -8.469  1.000 22.797 ? 6   VAL A CG1 1 
ATOM   36   C CG2 . VAL A 1 8   ? -7.870  -6.919  -7.458  1.000 21.592 ? 6   VAL A CG2 1 
ATOM   37   N N   . PRO A 1 9   ? -5.674  -5.298  -11.449 1.000 19.324 ? 7   PRO A N   1 
ATOM   38   C CA  . PRO A 1 9   ? -5.336  -4.076  -10.717 1.000 19.248 ? 7   PRO A CA  1 
ATOM   39   C C   . PRO A 1 9   ? -6.492  -3.080  -10.518 1.000 19.406 ? 7   PRO A C   1 
ATOM   40   O O   . PRO A 1 9   ? -7.318  -2.925  -11.400 1.000 21.052 ? 7   PRO A O   1 
ATOM   41   C CB  . PRO A 1 9   ? -4.252  -3.404  -11.579 1.000 19.536 ? 7   PRO A CB  1 
ATOM   42   C CG  . PRO A 1 9   ? -3.630  -4.531  -12.394 1.000 19.663 ? 7   PRO A CG  1 
ATOM   43   C CD  . PRO A 1 9   ? -4.723  -5.564  -12.543 1.000 20.423 ? 7   PRO A CD  1 
ATOM   44   N N   . TYR A 1 10  ? -6.510  -2.436  -9.356  1.000 18.055 ? 8   TYR A N   1 
ATOM   45   C CA  . TYR A 1 10  ? -7.495  -1.407  -8.961  1.000 17.323 ? 8   TYR A CA  1 
ATOM   46   C C   . TYR A 1 10  ? -6.800  -0.040  -8.908  1.000 16.999 ? 8   TYR A C   1 
ATOM   47   O O   . TYR A 1 10  ? -5.846  0.113   -8.139  1.000 16.138 ? 8   TYR A O   1 
ATOM   48   C CB  . TYR A 1 10  ? -8.135  -1.731  -7.606  1.000 17.348 ? 8   TYR A CB  1 
ATOM   49   C CG  . TYR A 1 10  ? -9.239  -0.752  -7.312  1.000 18.838 ? 8   TYR A CG  1 
ATOM   50   C CD1 . TYR A 1 10  ? -10.404 -0.797  -8.061  1.000 19.364 ? 8   TYR A CD1 1 
ATOM   51   C CD2 . TYR A 1 10  ? -9.078  0.299   -6.410  1.000 18.961 ? 8   TYR A CD2 1 
ATOM   52   C CE1 . TYR A 1 10  ? -11.408 0.143   -7.889  1.000 19.969 ? 8   TYR A CE1 1 
ATOM   53   C CE2 . TYR A 1 10  ? -10.094 1.224   -6.202  1.000 19.462 ? 8   TYR A CE2 1 
ATOM   54   C CZ  . TYR A 1 10  ? -11.257 1.151   -6.953  1.000 20.833 ? 8   TYR A CZ  1 
ATOM   55   O OH  . TYR A 1 10  ? -12.275 2.055   -6.816  1.000 23.880 ? 8   TYR A OH  1 
ATOM   56   N N   . THR A 1 11  ? -7.300  0.933   -9.674  1.000 16.136 ? 9   THR A N   1 
ATOM   57   C CA  . THR A 1 11  ? -6.736  2.301   -9.805  1.000 16.838 ? 9   THR A CA  1 
ATOM   58   C C   . THR A 1 11  ? -7.818  3.310   -9.407  1.000 16.443 ? 9   THR A C   1 
ATOM   59   O O   . THR A 1 11  ? -8.900  3.260   -10.000 1.000 15.651 ? 9   THR A O   1 
ATOM   60   C CB  . THR A 1 11  ? -6.234  2.549   -11.233 1.000 17.572 ? 9   THR A CB  1 
ATOM   61   O OG1 . THR A 1 11  ? -5.264  1.558   -11.572 1.000 18.445 ? 9   THR A OG1 1 
ATOM   62   C CG2 . THR A 1 11  ? -5.603  3.909   -11.410 1.000 18.404 ? 9   THR A CG2 1 
ATOM   63   N N   . GLU A 1 12  ? -7.523  4.225   -8.487  1.000 17.186 ? 10  GLU A N   1 
ATOM   64   C CA  . GLU A 1 12  ? -8.480  5.281   -8.055  1.000 16.397 ? 10  GLU A CA  1 
ATOM   65   C C   . GLU A 1 12  ? -7.705  6.595   -7.893  1.000 15.712 ? 10  GLU A C   1 
ATOM   66   O O   . GLU A 1 12  ? -6.642  6.608   -7.219  1.000 13.321 ? 10  GLU A O   1 
ATOM   67   C CB  . GLU A 1 12  ? -9.210  4.826   -6.782  1.000 17.371 ? 10  GLU A CB  1 
ATOM   68   C CG  . GLU A 1 12  ? -10.361 5.740   -6.376  1.000 18.632 ? 10  GLU A CG  1 
ATOM   69   C CD  . GLU A 1 12  ? -11.199 5.320   -5.183  1.000 18.950 ? 10  GLU A CD  1 
ATOM   70   O OE1 . GLU A 1 12  ? -11.800 4.225   -5.248  1.000 18.704 ? 10  GLU A OE1 1 
ATOM   71   O OE2 . GLU A 1 12  ? -11.246 6.093   -4.174  1.000 19.838 ? 10  GLU A OE2 1 
ATOM   72   N N   . ALA A 1 13  ? -8.213  7.677   -8.479  1.000 15.131 ? 11  ALA A N   1 
ATOM   73   C CA  . ALA A 1 13  ? -7.717  9.049   -8.229  1.000 15.394 ? 11  ALA A CA  1 
ATOM   74   C C   . ALA A 1 13  ? -7.834  9.342   -6.728  1.000 14.986 ? 11  ALA A C   1 
ATOM   75   O O   . ALA A 1 13  ? -8.774  8.878   -6.096  1.000 15.957 ? 11  ALA A O   1 
ATOM   76   C CB  . ALA A 1 13  ? -8.491  10.046  -9.073  1.000 15.114 ? 11  ALA A CB  1 
ATOM   77   N N   . ALA A 1 14  ? -6.892  10.070  -6.147  1.000 15.533 ? 12  ALA A N   1 
ATOM   78   C CA  . ALA A 1 14  ? -6.895  10.362  -4.701  1.000 15.812 ? 12  ALA A CA  1 
ATOM   79   C C   . ALA A 1 14  ? -6.096  11.633  -4.434  1.000 16.248 ? 12  ALA A C   1 
ATOM   80   O O   . ALA A 1 14  ? -5.165  11.918  -5.205  1.000 16.950 ? 12  ALA A O   1 
ATOM   81   C CB  . ALA A 1 14  ? -6.343  9.193   -3.913  1.000 16.817 ? 12  ALA A CB  1 
ATOM   82   N N   . SER A 1 15  ? -6.504  12.366  -3.402  1.000 16.677 ? 13  SER A N   1 
ATOM   83   C CA  . SER A 1 15  ? -5.745  13.464  -2.758  1.000 17.453 ? 13  SER A CA  1 
ATOM   84   C C   . SER A 1 15  ? -5.493  13.094  -1.297  1.000 16.753 ? 13  SER A C   1 
ATOM   85   O O   . SER A 1 15  ? -6.468  12.707  -0.607  1.000 16.295 ? 13  SER A O   1 
ATOM   86   C CB  . SER A 1 15  ? -6.498  14.758  -2.866  1.000 18.331 ? 13  SER A CB  1 
ATOM   87   O OG  . SER A 1 15  ? -6.619  15.104  -4.230  1.000 21.725 ? 13  SER A OG  1 
ATOM   88   N N   . LEU A 1 16  ? -4.245  13.248  -0.848  1.000 15.541 ? 14  LEU A N   1 
ATOM   89   C CA  . LEU A 1 16  ? -3.824  12.907  0.531   1.000 15.041 ? 14  LEU A CA  1 
ATOM   90   C C   . LEU A 1 16  ? -3.227  14.146  1.190   1.000 15.962 ? 14  LEU A C   1 
ATOM   91   O O   . LEU A 1 16  ? -2.597  14.973  0.497   1.000 16.059 ? 14  LEU A O   1 
ATOM   92   C CB  . LEU A 1 16  ? -2.812  11.759  0.498   1.000 13.995 ? 14  LEU A CB  1 
ATOM   93   C CG  . LEU A 1 16  ? -3.251  10.526  -0.288  1.000 13.456 ? 14  LEU A CG  1 
ATOM   94   C CD1 . LEU A 1 16  ? -2.141  9.494   -0.328  1.000 13.691 ? 14  LEU A CD1 1 
ATOM   95   C CD2 . LEU A 1 16  ? -4.520  9.934   0.304   1.000 13.472 ? 14  LEU A CD2 1 
ATOM   96   N N   . SER A 1 17  ? -3.458  14.261  2.491   1.000 16.211 ? 15  SER A N   1 
ATOM   97   C CA  . SER A 1 17  ? -2.827  15.265  3.370   1.000 17.330 ? 15  SER A CA  1 
ATOM   98   C C   . SER A 1 17  ? -2.779  14.655  4.766   1.000 17.232 ? 15  SER A C   1 
ATOM   99   O O   . SER A 1 17  ? -3.349  13.529  4.949   1.000 16.049 ? 15  SER A O   1 
ATOM   100  C CB  . SER A 1 17  ? -3.613  16.562  3.328   1.000 19.083 ? 15  SER A CB  1 
ATOM   101  O OG  . SER A 1 17  ? -4.951  16.325  3.747   1.000 20.738 ? 15  SER A OG  1 
ATOM   102  N N   . THR A 1 18  ? -2.197  15.365  5.732   1.000 16.254 ? 16  THR A N   1 
ATOM   103  C CA  . THR A 1 18  ? -2.185  14.914  7.144   1.000 17.303 ? 16  THR A CA  1 
ATOM   104  C C   . THR A 1 18  ? -3.633  14.638  7.566   1.000 16.745 ? 16  THR A C   1 
ATOM   105  O O   . THR A 1 18  ? -4.456  15.559  7.414   1.000 16.644 ? 16  THR A O   1 
ATOM   106  C CB  . THR A 1 18  ? -1.533  15.953  8.060   1.000 17.903 ? 16  THR A CB  1 
ATOM   107  O OG1 . THR A 1 18  ? -0.199  16.095  7.571   1.000 19.875 ? 16  THR A OG1 1 
ATOM   108  C CG2 . THR A 1 18  ? -1.566  15.547  9.515   1.000 18.153 ? 16  THR A CG2 1 
ATOM   109  N N   . GLY A 1 19  ? -3.908  13.433  8.084   1.000 15.802 ? 17  GLY A N   1 
ATOM   110  C CA  . GLY A 1 19  ? -5.235  12.998  8.545   1.000 15.676 ? 17  GLY A CA  1 
ATOM   111  C C   . GLY A 1 19  ? -5.984  12.151  7.523   1.000 15.844 ? 17  GLY A C   1 
ATOM   112  O O   . GLY A 1 19  ? -7.030  11.623  7.903   1.000 15.174 ? 17  GLY A O   1 
ATOM   113  N N   . SER A 1 20  ? -5.509  12.045  6.272   1.000 14.877 ? 18  SER A N   1 
ATOM   114  C CA  . SER A 1 20  ? -6.030  11.092  5.256   1.000 15.744 ? 18  SER A CA  1 
ATOM   115  C C   . SER A 1 20  ? -5.764  9.661   5.731   1.000 15.917 ? 18  SER A C   1 
ATOM   116  O O   . SER A 1 20  ? -4.677  9.406   6.333   1.000 15.722 ? 18  SER A O   1 
ATOM   117  C CB  . SER A 1 20  ? -5.421  11.317  3.889   1.000 15.972 ? 18  SER A CB  1 
ATOM   118  O OG  . SER A 1 20  ? -5.809  12.573  3.354   1.000 15.770 ? 18  SER A OG  1 
ATOM   119  N N   . THR A 1 21  ? -6.718  8.757   5.498   1.000 16.181 ? 19  THR A N   1 
ATOM   120  C CA  . THR A 1 21  ? -6.515  7.300   5.647   1.000 15.914 ? 19  THR A CA  1 
ATOM   121  C C   . THR A 1 21  ? -6.942  6.603   4.355   1.000 15.249 ? 19  THR A C   1 
ATOM   122  O O   . THR A 1 21  ? -8.013  6.946   3.814   1.000 15.840 ? 19  THR A O   1 
ATOM   123  C CB  . THR A 1 21  ? -7.214  6.753   6.903   1.000 17.064 ? 19  THR A CB  1 
ATOM   124  O OG1 . THR A 1 21  ? -6.576  7.315   8.049   1.000 17.549 ? 19  THR A OG1 1 
ATOM   125  C CG2 . THR A 1 21  ? -7.085  5.255   7.034   1.000 17.326 ? 19  THR A CG2 1 
ATOM   126  N N   . VAL A 1 22  ? -6.130  5.652   3.900   1.000 14.369 ? 20  VAL A N   1 
ATOM   127  C CA  . VAL A 1 22  ? -6.470  4.706   2.802   1.000 14.647 ? 20  VAL A CA  1 
ATOM   128  C C   . VAL A 1 22  ? -6.728  3.337   3.440   1.000 14.933 ? 20  VAL A C   1 
ATOM   129  O O   . VAL A 1 22  ? -5.784  2.804   4.063   1.000 15.890 ? 20  VAL A O   1 
ATOM   130  C CB  . VAL A 1 22  ? -5.346  4.653   1.757   1.000 14.388 ? 20  VAL A CB  1 
ATOM   131  C CG1 . VAL A 1 22  ? -5.698  3.704   0.619   1.000 14.691 ? 20  VAL A CG1 1 
ATOM   132  C CG2 . VAL A 1 22  ? -5.000  6.039   1.233   1.000 14.929 ? 20  VAL A CG2 1 
ATOM   133  N N   . THR A 1 23  ? -7.946  2.806   3.308   1.000 14.135 ? 21  THR A N   1 
ATOM   134  C CA  . THR A 1 23  ? -8.358  1.507   3.889   1.000 15.168 ? 21  THR A CA  1 
ATOM   135  C C   . THR A 1 23  ? -8.677  0.517   2.764   1.000 14.645 ? 21  THR A C   1 
ATOM   136  O O   . THR A 1 23  ? -9.471  0.871   1.855   1.000 14.176 ? 21  THR A O   1 
ATOM   137  C CB  . THR A 1 23  ? -9.537  1.669   4.852   1.000 16.748 ? 21  THR A CB  1 
ATOM   138  O OG1 . THR A 1 23  ? -9.128  2.598   5.856   1.000 19.599 ? 21  THR A OG1 1 
ATOM   139  C CG2 . THR A 1 23  ? -9.943  0.361   5.493   1.000 17.220 ? 21  THR A CG2 1 
ATOM   140  N N   . ILE A 1 24  ? -8.055  -0.657  2.824   1.000 14.125 ? 22  ILE A N   1 
ATOM   141  C CA  . ILE A 1 24  ? -8.149  -1.752  1.822   1.000 17.062 ? 22  ILE A CA  1 
ATOM   142  C C   . ILE A 1 24  ? -8.563  -3.024  2.567   1.000 17.346 ? 22  ILE A C   1 
ATOM   143  O O   . ILE A 1 24  ? -7.971  -3.321  3.644   1.000 17.018 ? 22  ILE A O   1 
ATOM   144  C CB  . ILE A 1 24  ? -6.785  -1.887  1.120   1.000 19.162 ? 22  ILE A CB  1 
ATOM   145  C CG1 . ILE A 1 24  ? -6.443  -0.620  0.330   1.000 20.009 ? 22  ILE A CG1 1 
ATOM   146  C CG2 . ILE A 1 24  ? -6.698  -3.139  0.270   1.000 20.256 ? 22  ILE A CG2 1 
ATOM   147  C CD1 . ILE A 1 24  ? -4.956  -0.325  0.302   1.000 20.912 ? 22  ILE A CD1 1 
ATOM   148  N N   . LYS A 1 25  ? -9.543  -3.744  2.041   1.000 16.825 ? 23  LYS A N   1 
ATOM   149  C CA  . LYS A 1 25  ? -9.873  -5.102  2.534   1.000 19.516 ? 23  LYS A CA  1 
ATOM   150  C C   . LYS A 1 25  ? -9.736  -6.058  1.352   1.000 17.101 ? 23  LYS A C   1 
ATOM   151  O O   . LYS A 1 25  ? -10.274 -5.765  0.285   1.000 15.556 ? 23  LYS A O   1 
ATOM   152  C CB  . LYS A 1 25  ? -11.266 -5.105  3.167   1.000 22.954 ? 23  LYS A CB  1 
ATOM   153  C CG  . LYS A 1 25  ? -11.684 -6.396  3.845   1.000 28.492 ? 23  LYS A CG  1 
ATOM   154  C CD  . LYS A 1 25  ? -13.035 -6.279  4.532   1.000 32.664 ? 23  LYS A CD  1 
ATOM   155  C CE  . LYS A 1 25  ? -13.015 -5.325  5.708   1.000 36.779 ? 23  LYS A CE  1 
ATOM   156  N NZ  . LYS A 1 25  ? -14.175 -5.566  6.601   1.000 42.156 ? 23  LYS A NZ  1 
ATOM   157  N N   . GLY A 1 26  ? -8.982  -7.129  1.544   1.000 17.125 ? 24  GLY A N   1 
ATOM   158  C CA  . GLY A 1 26  ? -8.789  -8.150  0.510   1.000 17.291 ? 24  GLY A CA  1 
ATOM   159  C C   . GLY A 1 26  ? -8.340  -9.457  1.116   1.000 17.148 ? 24  GLY A C   1 
ATOM   160  O O   . GLY A 1 26  ? -8.299  -9.599  2.368   1.000 15.944 ? 24  GLY A O   1 
ATOM   161  N N   . ARG A 1 27  ? -8.009  -10.392 0.250   1.000 18.341 ? 25  ARG A N   1 
ATOM   162  C CA  . ARG A 1 27  ? -7.447  -11.686 0.677   1.000 20.293 ? 25  ARG A CA  1 
ATOM   163  C C   . ARG A 1 27  ? -6.458  -12.139 -0.386  1.000 17.062 ? 25  ARG A C   1 
ATOM   164  O O   . ARG A 1 27  ? -6.688  -11.949 -1.574  1.000 15.862 ? 25  ARG A O   1 
ATOM   165  C CB  . ARG A 1 27  ? -8.555  -12.700 0.991   1.000 24.629 ? 25  ARG A CB  1 
ATOM   166  C CG  . ARG A 1 27  ? -9.386  -13.154 -0.193  1.000 31.024 ? 25  ARG A CG  1 
ATOM   167  C CD  . ARG A 1 27  ? -10.437 -14.224 0.140   1.000 36.431 ? 25  ARG A CD  1 
ATOM   168  N NE  . ARG A 1 27  ? -10.039 -15.154 1.198   1.000 38.337 ? 25  ARG A NE  1 
ATOM   169  C CZ  . ARG A 1 27  ? -10.588 -15.255 2.418   1.000 43.481 ? 25  ARG A CZ  1 
ATOM   170  N NH1 . ARG A 1 27  ? -11.606 -14.494 2.792   1.000 44.867 ? 25  ARG A NH1 1 
ATOM   171  N NH2 . ARG A 1 27  ? -10.113 -16.148 3.272   1.000 44.703 ? 25  ARG A NH2 1 
ATOM   172  N N   . PRO A 1 28  ? -5.341  -12.760 0.034   1.000 16.277 ? 26  PRO A N   1 
ATOM   173  C CA  . PRO A 1 28  ? -4.387  -13.357 -0.899  1.000 15.971 ? 26  PRO A CA  1 
ATOM   174  C C   . PRO A 1 28  ? -5.101  -14.417 -1.740  1.000 15.391 ? 26  PRO A C   1 
ATOM   175  O O   . PRO A 1 28  ? -5.969  -15.061 -1.198  1.000 14.127 ? 26  PRO A O   1 
ATOM   176  C CB  . PRO A 1 28  ? -3.330  -14.038 -0.019  1.000 16.936 ? 26  PRO A CB  1 
ATOM   177  C CG  . PRO A 1 28  ? -3.574  -13.528 1.383   1.000 17.021 ? 26  PRO A CG  1 
ATOM   178  C CD  . PRO A 1 28  ? -4.982  -12.982 1.441   1.000 16.876 ? 26  PRO A CD  1 
ATOM   179  N N   . LEU A 1 29  ? -4.748  -14.547 -3.017  1.000 15.246 ? 27  LEU A N   1 
ATOM   180  C CA  . LEU A 1 29  ? -5.420  -15.503 -3.937  1.000 16.051 ? 27  LEU A CA  1 
ATOM   181  C C   . LEU A 1 29  ? -5.002  -16.942 -3.594  1.000 17.717 ? 27  LEU A C   1 
ATOM   182  O O   . LEU A 1 29  ? -5.801  -17.842 -3.895  1.000 18.702 ? 27  LEU A O   1 
ATOM   183  C CB  . LEU A 1 29  ? -5.090  -15.150 -5.386  1.000 16.119 ? 27  LEU A CB  1 
ATOM   184  C CG  . LEU A 1 29  ? -5.713  -13.854 -5.898  1.000 16.072 ? 27  LEU A CG  1 
ATOM   185  C CD1 . LEU A 1 29  ? -5.157  -13.494 -7.259  1.000 16.646 ? 27  LEU A CD1 1 
ATOM   186  C CD2 . LEU A 1 29  ? -7.234  -13.940 -5.945  1.000 16.699 ? 27  LEU A CD2 1 
ATOM   187  N N   . VAL A 1 30  ? -3.820  -17.152 -2.996  1.000 17.642 ? 28  VAL A N   1 
ATOM   188  C CA  . VAL A 1 30  ? -3.230  -18.512 -2.783  1.000 17.929 ? 28  VAL A CA  1 
ATOM   189  C C   . VAL A 1 30  ? -2.518  -18.557 -1.429  1.000 19.048 ? 28  VAL A C   1 
ATOM   190  O O   . VAL A 1 30  ? -2.249  -17.480 -0.846  1.000 18.010 ? 28  VAL A O   1 
ATOM   191  C CB  . VAL A 1 30  ? -2.281  -18.905 -3.930  1.000 17.704 ? 28  VAL A CB  1 
ATOM   192  C CG1 . VAL A 1 30  ? -2.999  -18.885 -5.272  1.000 19.504 ? 28  VAL A CG1 1 
ATOM   193  C CG2 . VAL A 1 30  ? -1.016  -18.049 -3.979  1.000 17.249 ? 28  VAL A CG2 1 
ATOM   194  N N   . CYS A 1 31  ? -2.171  -19.763 -0.978  1.000 17.680 ? 29  CYS A N   1 
ATOM   195  C CA  . CYS A 1 31  ? -1.451  -20.008 0.296   1.000 18.356 ? 29  CYS A CA  1 
ATOM   196  C C   . CYS A 1 31  ? -0.103  -19.263 0.298   1.000 17.016 ? 29  CYS A C   1 
ATOM   197  O O   . CYS A 1 31  ? 0.502   -19.075 -0.771  1.000 15.544 ? 29  CYS A O   1 
ATOM   198  C CB  . CYS A 1 31  ? -1.263  -21.506 0.518   1.000 20.049 ? 29  CYS A CB  1 
ATOM   199  S SG  . CYS A 1 31  ? -0.101  -22.253 -0.654  1.000 24.113 ? 29  CYS A SG  1 
ATOM   200  N N   . PHE A 1 32  ? 0.369   -18.908 1.487   1.000 15.667 ? 30  PHE A N   1 
ATOM   201  C CA  . PHE A 1 32  ? 1.657   -18.224 1.757   1.000 16.734 ? 30  PHE A CA  1 
ATOM   202  C C   . PHE A 1 32  ? 2.849   -19.040 1.244   1.000 15.634 ? 30  PHE A C   1 
ATOM   203  O O   . PHE A 1 32  ? 3.835   -18.424 0.827   1.000 13.895 ? 30  PHE A O   1 
ATOM   204  C CB  . PHE A 1 32  ? 1.805   -17.950 3.258   1.000 17.597 ? 30  PHE A CB  1 
ATOM   205  C CG  . PHE A 1 32  ? 1.033   -16.762 3.782   1.000 18.271 ? 30  PHE A CG  1 
ATOM   206  C CD1 . PHE A 1 32  ? 0.022   -16.156 3.051   1.000 18.272 ? 30  PHE A CD1 1 
ATOM   207  C CD2 . PHE A 1 32  ? 1.334   -16.246 5.034   1.000 18.180 ? 30  PHE A CD2 1 
ATOM   208  C CE1 . PHE A 1 32  ? -0.667  -15.062 3.560   1.000 18.882 ? 30  PHE A CE1 1 
ATOM   209  C CE2 . PHE A 1 32  ? 0.651   -15.143 5.530   1.000 18.793 ? 30  PHE A CE2 1 
ATOM   210  C CZ  . PHE A 1 32  ? -0.356  -14.560 4.798   1.000 17.678 ? 30  PHE A CZ  1 
ATOM   211  N N   . LEU A 1 33  ? 2.775   -20.374 1.267   1.000 15.767 ? 31  LEU A N   1 
ATOM   212  C CA  . LEU A 1 33  ? 3.886   -21.228 0.764   1.000 16.203 ? 31  LEU A CA  1 
ATOM   213  C C   . LEU A 1 33  ? 4.221   -20.816 -0.684  1.000 14.968 ? 31  LEU A C   1 
ATOM   214  O O   . LEU A 1 33  ? 5.396   -20.892 -1.066  1.000 15.037 ? 31  LEU A O   1 
ATOM   215  C CB  . LEU A 1 33  ? 3.492   -22.705 0.865   1.000 17.381 ? 31  LEU A CB  1 
ATOM   216  C CG  . LEU A 1 33  ? 4.627   -23.700 0.623   1.000 19.372 ? 31  LEU A CG  1 
ATOM   217  C CD1 . LEU A 1 33  ? 5.729   -23.535 1.674   1.000 21.152 ? 31  LEU A CD1 1 
ATOM   218  C CD2 . LEU A 1 33  ? 4.107   -25.128 0.617   1.000 19.787 ? 31  LEU A CD2 1 
ATOM   219  N N   . ASN A 1 34  ? 3.222   -20.397 -1.467  1.000 14.040 ? 32  ASN A N   1 
ATOM   220  C CA  . ASN A 1 34  ? 3.397   -19.969 -2.880  1.000 14.407 ? 32  ASN A CA  1 
ATOM   221  C C   . ASN A 1 34  ? 3.820   -18.490 -3.003  1.000 14.096 ? 32  ASN A C   1 
ATOM   222  O O   . ASN A 1 34  ? 4.015   -18.050 -4.145  1.000 13.113 ? 32  ASN A O   1 
ATOM   223  C CB  . ASN A 1 34  ? 2.140   -20.296 -3.689  1.000 14.418 ? 32  ASN A CB  1 
ATOM   224  C CG  . ASN A 1 34  ? 1.940   -21.784 -3.918  1.000 15.448 ? 32  ASN A CG  1 
ATOM   225  O OD1 . ASN A 1 34  ? 2.764   -22.609 -3.517  1.000 16.694 ? 32  ASN A OD1 1 
ATOM   226  N ND2 . ASN A 1 34  ? 0.861   -22.142 -4.591  1.000 15.563 ? 32  ASN A ND2 1 
ATOM   227  N N   . GLU A 1 35  ? 3.986   -17.743 -1.904  1.000 13.407 ? 33  GLU A N   1 
ATOM   228  C CA  . GLU A 1 35  ? 4.557   -16.366 -1.915  1.000 13.792 ? 33  GLU A CA  1 
ATOM   229  C C   . GLU A 1 35  ? 3.757   -15.454 -2.858  1.000 13.225 ? 33  GLU A C   1 
ATOM   230  O O   . GLU A 1 35  ? 4.317   -14.785 -3.728  1.000 12.338 ? 33  GLU A O   1 
ATOM   231  C CB  . GLU A 1 35  ? 6.042   -16.402 -2.272  1.000 15.276 ? 33  GLU A CB  1 
ATOM   232  C CG  . GLU A 1 35  ? 6.898   -17.264 -1.325  1.000 16.034 ? 33  GLU A CG  1 
ATOM   233  C CD  . GLU A 1 35  ? 8.394   -17.167 -1.583  1.000 17.726 ? 33  GLU A CD  1 
ATOM   234  O OE1 . GLU A 1 35  ? 8.791   -16.463 -2.532  1.000 18.392 ? 33  GLU A OE1 1 
ATOM   235  O OE2 . GLU A 1 35  ? 9.166   -17.802 -0.847  1.000 20.555 ? 33  GLU A OE2 1 
ATOM   236  N N   . PRO A 1 36  ? 2.428   -15.298 -2.649  1.000 13.110 ? 34  PRO A N   1 
ATOM   237  C CA  . PRO A 1 36  ? 1.669   -14.266 -3.358  1.000 13.010 ? 34  PRO A CA  1 
ATOM   238  C C   . PRO A 1 36  ? 2.191   -12.902 -2.890  1.000 13.582 ? 34  PRO A C   1 
ATOM   239  O O   . PRO A 1 36  ? 2.731   -12.823 -1.793  1.000 13.784 ? 34  PRO A O   1 
ATOM   240  C CB  . PRO A 1 36  ? 0.209   -14.495 -2.934  1.000 13.082 ? 34  PRO A CB  1 
ATOM   241  C CG  . PRO A 1 36  ? 0.321   -15.184 -1.583  1.000 13.191 ? 34  PRO A CG  1 
ATOM   242  C CD  . PRO A 1 36  ? 1.614   -15.984 -1.631  1.000 12.660 ? 34  PRO A CD  1 
ATOM   243  N N   . TYR A 1 37  ? 2.035   -11.885 -3.732  1.000 14.251 ? 35  TYR A N   1 
ATOM   244  C CA  . TYR A 1 37  ? 2.379   -10.476 -3.432  1.000 15.070 ? 35  TYR A CA  1 
ATOM   245  C C   . TYR A 1 37  ? 1.101   -9.653  -3.276  1.000 13.630 ? 35  TYR A C   1 
ATOM   246  O O   . TYR A 1 37  ? 0.045   -9.983  -3.875  1.000 12.225 ? 35  TYR A O   1 
ATOM   247  C CB  . TYR A 1 37  ? 3.242   -9.863  -4.536  1.000 17.513 ? 35  TYR A CB  1 
ATOM   248  C CG  . TYR A 1 37  ? 4.681   -10.312 -4.546  1.000 21.228 ? 35  TYR A CG  1 
ATOM   249  C CD1 . TYR A 1 37  ? 5.693   -9.496  -4.063  1.000 24.098 ? 35  TYR A CD1 1 
ATOM   250  C CD2 . TYR A 1 37  ? 5.047   -11.529 -5.083  1.000 25.110 ? 35  TYR A CD2 1 
ATOM   251  C CE1 . TYR A 1 37  ? 7.022   -9.892  -4.093  1.000 26.019 ? 35  TYR A CE1 1 
ATOM   252  C CE2 . TYR A 1 37  ? 6.367   -11.964 -5.094  1.000 26.306 ? 35  TYR A CE2 1 
ATOM   253  C CZ  . TYR A 1 37  ? 7.360   -11.131 -4.609  1.000 27.898 ? 35  TYR A CZ  1 
ATOM   254  O OH  . TYR A 1 37  ? 8.667   -11.515 -4.629  1.000 30.199 ? 35  TYR A OH  1 
ATOM   255  N N   . LEU A 1 38  ? 1.218   -8.592  -2.486  1.000 12.232 ? 36  LEU A N   1 
ATOM   256  C CA  . LEU A 1 38  ? 0.322   -7.417  -2.518  1.000 12.455 ? 36  LEU A CA  1 
ATOM   257  C C   . LEU A 1 38  ? 1.183   -6.175  -2.756  1.000 11.911 ? 36  LEU A C   1 
ATOM   258  O O   . LEU A 1 38  ? 2.227   -6.030  -2.078  1.000 11.690 ? 36  LEU A O   1 
ATOM   259  C CB  . LEU A 1 38  ? -0.437  -7.368  -1.186  1.000 12.470 ? 36  LEU A CB  1 
ATOM   260  C CG  . LEU A 1 38  ? -1.079  -6.028  -0.848  1.000 12.395 ? 36  LEU A CG  1 
ATOM   261  C CD1 . LEU A 1 38  ? -2.249  -5.729  -1.772  1.000 12.473 ? 36  LEU A CD1 1 
ATOM   262  C CD2 . LEU A 1 38  ? -1.497  -6.007  0.600   1.000 12.907 ? 36  LEU A CD2 1 
ATOM   263  N N   . GLN A 1 39  ? 0.748   -5.271  -3.635  1.000 11.436 ? 37  GLN A N   1 
ATOM   264  C CA  . GLN A 1 39  ? 1.434   -3.976  -3.822  1.000 10.845 ? 37  GLN A CA  1 
ATOM   265  C C   . GLN A 1 39  ? 0.395   -2.853  -3.742  1.000 10.987 ? 37  GLN A C   1 
ATOM   266  O O   . GLN A 1 39  ? -0.672  -2.964  -4.377  1.000 10.595 ? 37  GLN A O   1 
ATOM   267  C CB  . GLN A 1 39  ? 2.217   -3.946  -5.133  1.000 10.899 ? 37  GLN A CB  1 
ATOM   268  C CG  . GLN A 1 39  ? 3.162   -2.754  -5.279  1.000 11.006 ? 37  GLN A CG  1 
ATOM   269  C CD  . GLN A 1 39  ? 4.252   -3.028  -6.294  1.000 11.071 ? 37  GLN A CD  1 
ATOM   270  O OE1 . GLN A 1 39  ? 4.790   -4.135  -6.349  1.000 11.686 ? 37  GLN A OE1 1 
ATOM   271  N NE2 . GLN A 1 39  ? 4.568   -2.047  -7.137  1.000 10.531 ? 37  GLN A NE2 1 
ATOM   272  N N   . VAL A 1 40  ? 0.752   -1.794  -3.026  1.000 10.581 ? 38  VAL A N   1 
ATOM   273  C CA  . VAL A 1 40  ? -0.008  -0.515  -2.968  1.000 10.737 ? 38  VAL A CA  1 
ATOM   274  C C   . VAL A 1 40  ? 0.983   0.580   -3.346  1.000 10.962 ? 38  VAL A C   1 
ATOM   275  O O   . VAL A 1 40  ? 2.052   0.633   -2.695  1.000 10.577 ? 38  VAL A O   1 
ATOM   276  C CB  . VAL A 1 40  ? -0.652  -0.293  -1.588  1.000 11.134 ? 38  VAL A CB  1 
ATOM   277  C CG1 . VAL A 1 40  ? -1.467  0.997   -1.539  1.000 11.929 ? 38  VAL A CG1 1 
ATOM   278  C CG2 . VAL A 1 40  ? -1.519  -1.482  -1.167  1.000 11.412 ? 38  VAL A CG2 1 
ATOM   279  N N   . ASP A 1 41  ? 0.671   1.358   -4.397  1.000 11.168 ? 39  ASP A N   1 
ATOM   280  C CA  . ASP A 1 41  ? 1.538   2.469   -4.897  1.000 11.254 ? 39  ASP A CA  1 
ATOM   281  C C   . ASP A 1 41  ? 0.732   3.780   -4.885  1.000 11.484 ? 39  ASP A C   1 
ATOM   282  O O   . ASP A 1 41  ? -0.379  3.822   -5.407  1.000 10.301 ? 39  ASP A O   1 
ATOM   283  C CB  . ASP A 1 41  ? 2.139   2.171   -6.277  1.000 11.114 ? 39  ASP A CB  1 
ATOM   284  C CG  . ASP A 1 41  ? 3.015   0.926   -6.326  1.000 11.788 ? 39  ASP A CG  1 
ATOM   285  O OD1 . ASP A 1 41  ? 3.961   0.838   -5.508  1.000 11.405 ? 39  ASP A OD1 1 
ATOM   286  O OD2 . ASP A 1 41  ? 2.752   0.041   -7.192  1.000 12.144 ? 39  ASP A OD2 1 
ATOM   287  N N   . PHE A 1 42  ? 1.280   4.806   -4.243  1.000 12.175 ? 40  PHE A N   1 
ATOM   288  C CA  . PHE A 1 42  ? 0.766   6.192   -4.258  1.000 12.069 ? 40  PHE A CA  1 
ATOM   289  C C   . PHE A 1 42  ? 1.544   6.931   -5.349  1.000 12.257 ? 40  PHE A C   1 
ATOM   290  O O   . PHE A 1 42  ? 2.765   7.156   -5.170  1.000 12.254 ? 40  PHE A O   1 
ATOM   291  C CB  . PHE A 1 42  ? 0.918   6.836   -2.877  1.000 12.527 ? 40  PHE A CB  1 
ATOM   292  C CG  . PHE A 1 42  ? 0.135   6.235   -1.729  1.000 12.547 ? 40  PHE A CG  1 
ATOM   293  C CD1 . PHE A 1 42  ? -0.740  5.165   -1.892  1.000 12.856 ? 40  PHE A CD1 1 
ATOM   294  C CD2 . PHE A 1 42  ? 0.283   6.761   -0.454  1.000 12.849 ? 40  PHE A CD2 1 
ATOM   295  C CE1 . PHE A 1 42  ? -1.446  4.653   -0.814  1.000 13.157 ? 40  PHE A CE1 1 
ATOM   296  C CE2 . PHE A 1 42  ? -0.431  6.252   0.622   1.000 12.527 ? 40  PHE A CE2 1 
ATOM   297  C CZ  . PHE A 1 42  ? -1.297  5.200   0.441   1.000 13.129 ? 40  PHE A CZ  1 
ATOM   298  N N   . HIS A 1 43  ? 0.869   7.224   -6.465  1.000 12.237 ? 41  HIS A N   1 
ATOM   299  C CA  . HIS A 1 43  ? 1.455   7.772   -7.715  1.000 12.060 ? 41  HIS A CA  1 
ATOM   300  C C   . HIS A 1 43  ? 1.247   9.291   -7.790  1.000 12.077 ? 41  HIS A C   1 
ATOM   301  O O   . HIS A 1 43  ? 0.234   9.781   -7.246  1.000 12.012 ? 41  HIS A O   1 
ATOM   302  C CB  . HIS A 1 43  ? 0.813   7.121   -8.943  1.000 12.012 ? 41  HIS A CB  1 
ATOM   303  C CG  . HIS A 1 43  ? 1.331   5.764   -9.263  1.000 12.308 ? 41  HIS A CG  1 
ATOM   304  N ND1 . HIS A 1 43  ? 2.408   5.577   -10.096 1.000 12.729 ? 41  HIS A ND1 1 
ATOM   305  C CD2 . HIS A 1 43  ? 0.907   4.530   -8.892  1.000 12.455 ? 41  HIS A CD2 1 
ATOM   306  C CE1 . HIS A 1 43  ? 2.648   4.276   -10.208 1.000 13.162 ? 41  HIS A CE1 1 
ATOM   307  N NE2 . HIS A 1 43  ? 1.736   3.614   -9.492  1.000 12.435 ? 41  HIS A NE2 1 
ATOM   308  N N   . THR A 1 44  ? 2.147   9.982   -8.478  1.000 12.483 ? 42  THR A N   1 
ATOM   309  C CA  . THR A 1 44  ? 2.109   11.448  -8.725  1.000 13.219 ? 42  THR A CA  1 
ATOM   310  C C   . THR A 1 44  ? 1.195   11.784  -9.913  1.000 14.436 ? 42  THR A C   1 
ATOM   311  O O   . THR A 1 44  ? 0.828   12.977  -10.041 1.000 14.709 ? 42  THR A O   1 
ATOM   312  C CB  . THR A 1 44  ? 3.509   12.019  -8.961  1.000 13.204 ? 42  THR A CB  1 
ATOM   313  O OG1 . THR A 1 44  ? 4.059   11.406  -10.128 1.000 13.419 ? 42  THR A OG1 1 
ATOM   314  C CG2 . THR A 1 44  ? 4.409   11.846  -7.762  1.000 13.181 ? 42  THR A CG2 1 
ATOM   315  N N   . GLU A 1 45  ? 0.820   10.801  -10.741 1.000 15.037 ? 43  GLU A N   1 
ATOM   316  C CA  . GLU A 1 45  ? -0.133  11.007  -11.871 1.000 17.236 ? 43  GLU A CA  1 
ATOM   317  C C   . GLU A 1 45  ? -1.049  9.792   -12.011 1.000 17.503 ? 43  GLU A C   1 
ATOM   318  O O   . GLU A 1 45  ? -0.758  8.759   -11.407 1.000 15.304 ? 43  GLU A O   1 
ATOM   319  C CB  . GLU A 1 45  ? 0.601   11.250  -13.198 1.000 19.483 ? 43  GLU A CB  1 
ATOM   320  C CG  . GLU A 1 45  ? 1.597   12.407  -13.157 1.000 20.646 ? 43  GLU A CG  1 
ATOM   321  C CD  . GLU A 1 45  ? 0.975   13.791  -13.042 1.000 23.594 ? 43  GLU A CD  1 
ATOM   322  O OE1 . GLU A 1 45  ? -0.210  13.938  -13.380 1.000 27.300 ? 43  GLU A OE1 1 
ATOM   323  O OE2 . GLU A 1 45  ? 1.689   14.734  -12.640 1.000 27.028 ? 43  GLU A OE2 1 
ATOM   324  N N   . MET A 1 46  ? -2.098  9.920   -12.830 1.000 19.346 ? 44  MET A N   1 
ATOM   325  C CA  . MET A 1 46  ? -3.053  8.822   -13.135 1.000 22.036 ? 44  MET A CA  1 
ATOM   326  C C   . MET A 1 46  ? -2.346  7.689   -13.894 1.000 22.134 ? 44  MET A C   1 
ATOM   327  O O   . MET A 1 46  ? -2.766  6.533   -13.737 1.000 21.758 ? 44  MET A O   1 
ATOM   328  C CB  . MET A 1 46  ? -4.232  9.345   -13.965 1.000 24.153 ? 44  MET A CB  1 
ATOM   329  C CG  . MET A 1 46  ? -5.195  10.192  -13.155 1.000 25.994 ? 44  MET A CG  1 
ATOM   330  S SD  . MET A 1 46  ? -5.855  9.354   -11.669 1.000 31.529 ? 44  MET A SD  1 
ATOM   331  C CE  . MET A 1 46  ? -6.503  7.834   -12.351 1.000 28.935 ? 44  MET A CE  1 
ATOM   332  N N   . LYS A 1 47  ? -1.300  8.003   -14.654 1.000 22.502 ? 45  LYS A N   1 
ATOM   333  C CA  . LYS A 1 47  ? -0.531  7.037   -15.482 1.000 23.803 ? 45  LYS A CA  1 
ATOM   334  C C   . LYS A 1 47  ? 0.263   6.101   -14.568 1.000 20.770 ? 45  LYS A C   1 
ATOM   335  O O   . LYS A 1 47  ? 0.931   6.593   -13.639 1.000 16.760 ? 45  LYS A O   1 
ATOM   336  C CB  . LYS A 1 47  ? 0.415   7.769   -16.437 1.000 27.975 ? 45  LYS A CB  1 
ATOM   337  C CG  . LYS A 1 47  ? -0.249  8.825   -17.314 1.000 34.743 ? 45  LYS A CG  1 
ATOM   338  C CD  . LYS A 1 47  ? 0.407   8.990   -18.675 1.000 41.131 ? 45  LYS A CD  1 
ATOM   339  C CE  . LYS A 1 47  ? -0.002  7.905   -19.656 1.000 46.818 ? 45  LYS A CE  1 
ATOM   340  N NZ  . LYS A 1 47  ? 1.027   7.698   -20.706 1.000 51.189 ? 45  LYS A NZ  1 
ATOM   341  N N   . GLU A 1 48  ? 0.225   4.801   -14.864 1.000 19.106 ? 46  GLU A N   1 
ATOM   342  C CA  . GLU A 1 48  ? 0.872   3.744   -14.032 1.000 19.861 ? 46  GLU A CA  1 
ATOM   343  C C   . GLU A 1 48  ? 2.392   3.895   -14.071 1.000 18.120 ? 46  GLU A C   1 
ATOM   344  O O   . GLU A 1 48  ? 3.040   3.438   -13.108 1.000 17.723 ? 46  GLU A O   1 
ATOM   345  C CB  . GLU A 1 48  ? 0.545   2.338   -14.536 1.000 21.078 ? 46  GLU A CB  1 
ATOM   346  C CG  . GLU A 1 48  ? -0.927  2.097   -14.716 1.000 23.935 ? 46  GLU A CG  1 
ATOM   347  C CD  . GLU A 1 48  ? -1.267  0.718   -15.244 1.000 23.981 ? 46  GLU A CD  1 
ATOM   348  O OE1 . GLU A 1 48  ? -0.600  0.238   -16.200 1.000 24.505 ? 46  GLU A OE1 1 
ATOM   349  O OE2 . GLU A 1 48  ? -2.189  0.150   -14.691 1.000 23.976 ? 46  GLU A OE2 1 
ATOM   350  N N   . GLU A 1 49  ? 2.953   4.477   -15.138 1.000 17.571 ? 47  GLU A N   1 
ATOM   351  C CA  . GLU A 1 49  ? 4.429   4.663   -15.253 1.000 18.589 ? 47  GLU A CA  1 
ATOM   352  C C   . GLU A 1 49  ? 4.888   5.914   -14.483 1.000 16.620 ? 47  GLU A C   1 
ATOM   353  O O   . GLU A 1 49  ? 6.111   6.117   -14.413 1.000 16.035 ? 47  GLU A O   1 
ATOM   354  C CB  . GLU A 1 49  ? 4.900   4.720   -16.709 1.000 21.266 ? 47  GLU A CB  1 
ATOM   355  C CG  . GLU A 1 49  ? 4.428   5.950   -17.453 1.000 23.718 ? 47  GLU A CG  1 
ATOM   356  C CD  . GLU A 1 49  ? 3.141   5.745   -18.241 1.000 27.573 ? 47  GLU A CD  1 
ATOM   357  O OE1 . GLU A 1 49  ? 3.032   6.375   -19.320 1.000 31.015 ? 47  GLU A OE1 1 
ATOM   358  O OE2 . GLU A 1 49  ? 2.254   4.965   -17.780 1.000 23.973 ? 47  GLU A OE2 1 
ATOM   359  N N   . SER A 1 50  ? 3.971   6.712   -13.918 1.000 16.011 ? 48  SER A N   1 
ATOM   360  C CA  . SER A 1 50  ? 4.313   7.937   -13.135 1.000 14.242 ? 48  SER A CA  1 
ATOM   361  C C   . SER A 1 50  ? 5.104   7.564   -11.883 1.000 13.741 ? 48  SER A C   1 
ATOM   362  O O   . SER A 1 50  ? 5.061   6.387   -11.430 1.000 12.309 ? 48  SER A O   1 
ATOM   363  C CB  . SER A 1 50  ? 3.095   8.771   -12.778 1.000 14.216 ? 48  SER A CB  1 
ATOM   364  O OG  . SER A 1 50  ? 2.229   8.125   -11.847 1.000 14.025 ? 48  SER A OG  1 
ATOM   365  N N   . ASP A 1 51  ? 5.764   8.568   -11.311 1.000 12.963 ? 49  ASP A N   1 
ATOM   366  C CA  . ASP A 1 51  ? 6.565   8.452   -10.076 1.000 13.057 ? 49  ASP A CA  1 
ATOM   367  C C   . ASP A 1 51  ? 5.688   7.948   -8.921  1.000 12.687 ? 49  ASP A C   1 
ATOM   368  O O   . ASP A 1 51  ? 4.438   8.139   -8.952  1.000 12.040 ? 49  ASP A O   1 
ATOM   369  C CB  . ASP A 1 51  ? 7.236   9.793   -9.766  1.000 13.487 ? 49  ASP A CB  1 
ATOM   370  C CG  . ASP A 1 51  ? 8.432   10.098  -10.657 1.000 13.979 ? 49  ASP A CG  1 
ATOM   371  O OD1 . ASP A 1 51  ? 8.845   9.218   -11.437 1.000 13.857 ? 49  ASP A OD1 1 
ATOM   372  O OD2 . ASP A 1 51  ? 8.970   11.204  -10.524 1.000 14.679 ? 49  ASP A OD2 1 
ATOM   373  N N   . ILE A 1 52  ? 6.350   7.337   -7.941  1.000 12.606 ? 50  ILE A N   1 
ATOM   374  C CA  . ILE A 1 52  ? 5.734   6.681   -6.761  1.000 12.399 ? 50  ILE A CA  1 
ATOM   375  C C   . ILE A 1 52  ? 6.291   7.329   -5.498  1.000 12.176 ? 50  ILE A C   1 
ATOM   376  O O   . ILE A 1 52  ? 7.481   7.154   -5.196  1.000 11.489 ? 50  ILE A O   1 
ATOM   377  C CB  . ILE A 1 52  ? 5.938   5.159   -6.763  1.000 12.413 ? 50  ILE A CB  1 
ATOM   378  C CG1 . ILE A 1 52  ? 5.328   4.518   -8.013  1.000 12.952 ? 50  ILE A CG1 1 
ATOM   379  C CG2 . ILE A 1 52  ? 5.360   4.571   -5.481  1.000 12.928 ? 50  ILE A CG2 1 
ATOM   380  C CD1 . ILE A 1 52  ? 5.701   3.073   -8.207  1.000 13.329 ? 50  ILE A CD1 1 
ATOM   381  N N   . VAL A 1 53  ? 5.419   8.034   -4.783  1.000 12.235 ? 51  VAL A N   1 
ATOM   382  C CA  . VAL A 1 53  ? 5.710   8.705   -3.490  1.000 12.903 ? 51  VAL A CA  1 
ATOM   383  C C   . VAL A 1 53  ? 5.914   7.629   -2.409  1.000 13.013 ? 51  VAL A C   1 
ATOM   384  O O   . VAL A 1 53  ? 6.808   7.783   -1.537  1.000 13.169 ? 51  VAL A O   1 
ATOM   385  C CB  . VAL A 1 53  ? 4.547   9.671   -3.180  1.000 13.710 ? 51  VAL A CB  1 
ATOM   386  C CG1 . VAL A 1 53  ? 4.541   10.170  -1.760  1.000 14.162 ? 51  VAL A CG1 1 
ATOM   387  C CG2 . VAL A 1 53  ? 4.560   10.838  -4.175  1.000 14.562 ? 51  VAL A CG2 1 
ATOM   388  N N   . PHE A 1 54  ? 5.101   6.577   -2.458  1.000 12.822 ? 52  PHE A N   1 
ATOM   389  C CA  . PHE A 1 54  ? 5.073   5.495   -1.442  1.000 12.624 ? 52  PHE A CA  1 
ATOM   390  C C   . PHE A 1 54  ? 4.719   4.193   -2.142  1.000 11.978 ? 52  PHE A C   1 
ATOM   391  O O   . PHE A 1 54  ? 3.609   4.085   -2.672  1.000 11.514 ? 52  PHE A O   1 
ATOM   392  C CB  . PHE A 1 54  ? 4.080   5.803   -0.323  1.000 13.049 ? 52  PHE A CB  1 
ATOM   393  C CG  . PHE A 1 54  ? 4.053   4.775   0.784   1.000 12.972 ? 52  PHE A CG  1 
ATOM   394  C CD1 . PHE A 1 54  ? 5.227   4.282   1.340   1.000 13.386 ? 52  PHE A CD1 1 
ATOM   395  C CD2 . PHE A 1 54  ? 2.848   4.272   1.242   1.000 13.532 ? 52  PHE A CD2 1 
ATOM   396  C CE1 . PHE A 1 54  ? 5.193   3.313   2.335   1.000 13.305 ? 52  PHE A CE1 1 
ATOM   397  C CE2 . PHE A 1 54  ? 2.808   3.320   2.254   1.000 13.891 ? 52  PHE A CE2 1 
ATOM   398  C CZ  . PHE A 1 54  ? 3.981   2.845   2.801   1.000 13.249 ? 52  PHE A CZ  1 
ATOM   399  N N   . HIS A 1 55  ? 5.692   3.289   -2.178  1.000 11.912 ? 53  HIS A N   1 
ATOM   400  C CA  . HIS A 1 55  ? 5.611   1.911   -2.710  1.000 11.915 ? 53  HIS A CA  1 
ATOM   401  C C   . HIS A 1 55  ? 5.628   0.956   -1.515  1.000 12.479 ? 53  HIS A C   1 
ATOM   402  O O   . HIS A 1 55  ? 6.552   1.075   -0.683  1.000 11.469 ? 53  HIS A O   1 
ATOM   403  C CB  . HIS A 1 55  ? 6.794   1.683   -3.656  1.000 12.525 ? 53  HIS A CB  1 
ATOM   404  C CG  . HIS A 1 55  ? 7.122   0.269   -3.994  1.000 12.383 ? 53  HIS A CG  1 
ATOM   405  N ND1 . HIS A 1 55  ? 6.369   -0.477  -4.885  1.000 12.654 ? 53  HIS A ND1 1 
ATOM   406  C CD2 . HIS A 1 55  ? 8.172   -0.500  -3.634  1.000 13.120 ? 53  HIS A CD2 1 
ATOM   407  C CE1 . HIS A 1 55  ? 6.943   -1.659  -5.044  1.000 13.005 ? 53  HIS A CE1 1 
ATOM   408  N NE2 . HIS A 1 55  ? 8.055   -1.701  -4.280  1.000 13.318 ? 53  HIS A NE2 1 
ATOM   409  N N   . PHE A 1 56  ? 4.616   0.098   -1.414  1.000 12.392 ? 54  PHE A N   1 
ATOM   410  C CA  . PHE A 1 56  ? 4.417   -0.867  -0.310  1.000 12.382 ? 54  PHE A CA  1 
ATOM   411  C C   . PHE A 1 56  ? 4.182   -2.229  -0.957  1.000 12.915 ? 54  PHE A C   1 
ATOM   412  O O   . PHE A 1 56  ? 3.162   -2.370  -1.663  1.000 12.670 ? 54  PHE A O   1 
ATOM   413  C CB  . PHE A 1 56  ? 3.252   -0.413  0.576   1.000 13.185 ? 54  PHE A CB  1 
ATOM   414  C CG  . PHE A 1 56  ? 2.914   -1.350  1.711   1.000 13.567 ? 54  PHE A CG  1 
ATOM   415  C CD1 . PHE A 1 56  ? 3.629   -1.313  2.903   1.000 13.982 ? 54  PHE A CD1 1 
ATOM   416  C CD2 . PHE A 1 56  ? 1.878   -2.263  1.595   1.000 13.658 ? 54  PHE A CD2 1 
ATOM   417  C CE1 . PHE A 1 56  ? 3.306   -2.157  3.952   1.000 14.065 ? 54  PHE A CE1 1 
ATOM   418  C CE2 . PHE A 1 56  ? 1.558   -3.115  2.644   1.000 13.996 ? 54  PHE A CE2 1 
ATOM   419  C CZ  . PHE A 1 56  ? 2.287   -3.076  3.813   1.000 14.189 ? 54  PHE A CZ  1 
ATOM   420  N N   . GLN A 1 57  ? 5.136   -3.158  -0.807  1.000 12.844 ? 55  GLN A N   1 
ATOM   421  C CA  . GLN A 1 57  ? 5.048   -4.499  -1.429  1.000 13.024 ? 55  GLN A CA  1 
ATOM   422  C C   . GLN A 1 57  ? 5.206   -5.585  -0.355  1.000 13.026 ? 55  GLN A C   1 
ATOM   423  O O   . GLN A 1 57  ? 6.298   -5.671  0.234   1.000 12.843 ? 55  GLN A O   1 
ATOM   424  C CB  . GLN A 1 57  ? 6.102   -4.635  -2.515  1.000 13.491 ? 55  GLN A CB  1 
ATOM   425  C CG  . GLN A 1 57  ? 5.954   -5.915  -3.303  1.000 14.306 ? 55  GLN A CG  1 
ATOM   426  C CD  . GLN A 1 57  ? 7.147   -6.115  -4.192  1.000 15.327 ? 55  GLN A CD  1 
ATOM   427  O OE1 . GLN A 1 57  ? 8.178   -6.614  -3.754  1.000 16.848 ? 55  GLN A OE1 1 
ATOM   428  N NE2 . GLN A 1 57  ? 7.005   -5.717  -5.447  1.000 14.513 ? 55  GLN A NE2 1 
ATOM   429  N N   . VAL A 1 58  ? 4.148   -6.367  -0.134  1.000 13.070 ? 56  VAL A N   1 
ATOM   430  C CA  . VAL A 1 58  ? 4.122   -7.568  0.752   1.000 13.413 ? 56  VAL A CA  1 
ATOM   431  C C   . VAL A 1 58  ? 4.427   -8.800  -0.102  1.000 13.647 ? 56  VAL A C   1 
ATOM   432  O O   . VAL A 1 58  ? 3.714   -9.054  -1.098  1.000 12.041 ? 56  VAL A O   1 
ATOM   433  C CB  . VAL A 1 58  ? 2.784   -7.715  1.494   1.000 14.075 ? 56  VAL A CB  1 
ATOM   434  C CG1 . VAL A 1 58  ? 2.839   -8.854  2.507   1.000 13.921 ? 56  VAL A CG1 1 
ATOM   435  C CG2 . VAL A 1 58  ? 2.378   -6.414  2.169   1.000 14.045 ? 56  VAL A CG2 1 
ATOM   436  N N   . CYS A 1 59  ? 5.471   -9.535  0.269   1.000 14.402 ? 57  CYS A N   1 
ATOM   437  C CA  . CYS A 1 59  ? 5.651   -10.957 -0.111  1.000 14.701 ? 57  CYS A CA  1 
ATOM   438  C C   . CYS A 1 59  ? 5.122   -11.795 1.056   1.000 14.356 ? 57  CYS A C   1 
ATOM   439  O O   . CYS A 1 59  ? 5.843   -11.917 2.088   1.000 13.379 ? 57  CYS A O   1 
ATOM   440  C CB  . CYS A 1 59  ? 7.100   -11.261 -0.456  1.000 16.921 ? 57  CYS A CB  1 
ATOM   441  S SG  . CYS A 1 59  ? 7.317   -12.960 -1.044  1.000 19.555 ? 57  CYS A SG  1 
ATOM   442  N N   . PHE A 1 60  ? 3.875   -12.263 0.948   1.000 14.099 ? 58  PHE A N   1 
ATOM   443  C CA  . PHE A 1 60  ? 3.134   -12.873 2.079   1.000 14.718 ? 58  PHE A CA  1 
ATOM   444  C C   . PHE A 1 60  ? 3.978   -14.028 2.646   1.000 16.193 ? 58  PHE A C   1 
ATOM   445  O O   . PHE A 1 60  ? 4.474   -14.851 1.864   1.000 15.079 ? 58  PHE A O   1 
ATOM   446  C CB  . PHE A 1 60  ? 1.730   -13.323 1.674   1.000 14.690 ? 58  PHE A CB  1 
ATOM   447  C CG  . PHE A 1 60  ? 0.727   -12.213 1.464   1.000 14.797 ? 58  PHE A CG  1 
ATOM   448  C CD1 . PHE A 1 60  ? 0.141   -11.566 2.547   1.000 15.625 ? 58  PHE A CD1 1 
ATOM   449  C CD2 . PHE A 1 60  ? 0.345   -11.829 0.184   1.000 14.185 ? 58  PHE A CD2 1 
ATOM   450  C CE1 . PHE A 1 60  ? -0.779  -10.544 2.353   1.000 14.965 ? 58  PHE A CE1 1 
ATOM   451  C CE2 . PHE A 1 60  ? -0.577  -10.813 -0.014  1.000 13.993 ? 58  PHE A CE2 1 
ATOM   452  C CZ  . PHE A 1 60  ? -1.130  -10.162 1.073   1.000 14.994 ? 58  PHE A CZ  1 
ATOM   453  N N   . GLY A 1 61  ? 4.191   -14.027 3.966   1.000 16.510 ? 59  GLY A N   1 
ATOM   454  C CA  . GLY A 1 61  ? 4.930   -15.076 4.684   1.000 17.985 ? 59  GLY A CA  1 
ATOM   455  C C   . GLY A 1 61  ? 6.428   -14.825 4.714   1.000 19.216 ? 59  GLY A C   1 
ATOM   456  O O   . GLY A 1 61  ? 7.109   -15.607 5.398   1.000 17.858 ? 59  GLY A O   1 
ATOM   457  N N   . ARG A 1 62  ? 6.948   -13.801 4.015   1.000 19.663 ? 60  ARG A N   1 
ATOM   458  C CA  . ARG A 1 62  ? 8.415   -13.597 3.834   1.000 21.767 ? 60  ARG A CA  1 
ATOM   459  C C   . ARG A 1 62  ? 8.818   -12.219 4.368   1.000 21.261 ? 60  ARG A C   1 
ATOM   460  O O   . ARG A 1 62  ? 9.544   -12.164 5.368   1.000 22.403 ? 60  ARG A O   1 
ATOM   461  C CB  . ARG A 1 62  ? 8.841   -13.737 2.369   1.000 24.462 ? 60  ARG A CB  1 
ATOM   462  C CG  . ARG A 1 62  ? 8.514   -15.082 1.735   1.000 29.059 ? 60  ARG A CG  1 
ATOM   463  C CD  . ARG A 1 62  ? 9.101   -16.302 2.431   1.000 32.841 ? 60  ARG A CD  1 
ATOM   464  N NE  . ARG A 1 62  ? 10.529  -16.208 2.721   1.000 37.351 ? 60  ARG A NE  1 
ATOM   465  C CZ  . ARG A 1 62  ? 11.521  -16.272 1.825   1.000 39.432 ? 60  ARG A CZ  1 
ATOM   466  N NH1 . ARG A 1 62  ? 12.779  -16.193 2.234   1.000 39.389 ? 60  ARG A NH1 1 
ATOM   467  N NH2 . ARG A 1 62  ? 11.272  -16.410 0.531   1.000 40.038 ? 60  ARG A NH2 1 
ATOM   468  N N   . ARG A 1 63  ? 8.397   -11.132 3.717   1.000 19.977 ? 61  ARG A N   1 
ATOM   469  C CA  . ARG A 1 63  ? 8.891   -9.776  4.073   1.000 19.535 ? 61  ARG A CA  1 
ATOM   470  C C   . ARG A 1 63  ? 8.019   -8.698  3.433   1.000 16.744 ? 61  ARG A C   1 
ATOM   471  O O   . ARG A 1 63  ? 7.225   -9.020  2.537   1.000 15.731 ? 61  ARG A O   1 
ATOM   472  C CB  . ARG A 1 63  ? 10.354  -9.601  3.640   1.000 21.189 ? 61  ARG A CB  1 
ATOM   473  C CG  . ARG A 1 63  ? 10.591  -9.525  2.139   1.000 24.343 ? 61  ARG A CG  1 
ATOM   474  C CD  . ARG A 1 63  ? 12.049  -9.257  1.791   1.000 29.091 ? 61  ARG A CD  1 
ATOM   475  N NE  . ARG A 1 63  ? 12.200  -9.080  0.348   1.000 35.685 ? 61  ARG A NE  1 
ATOM   476  C CZ  . ARG A 1 63  ? 13.237  -8.503  -0.285  1.000 37.697 ? 61  ARG A CZ  1 
ATOM   477  N NH1 . ARG A 1 63  ? 13.216  -8.395  -1.608  1.000 37.052 ? 61  ARG A NH1 1 
ATOM   478  N NH2 . ARG A 1 63  ? 14.274  -8.026  0.382   1.000 36.895 ? 61  ARG A NH2 1 
ATOM   479  N N   . VAL A 1 64  ? 8.263   -7.457  3.840   1.000 16.056 ? 62  VAL A N   1 
ATOM   480  C CA  . VAL A 1 64  ? 7.709   -6.226  3.205   1.000 15.704 ? 62  VAL A CA  1 
ATOM   481  C C   . VAL A 1 64  ? 8.881   -5.339  2.806   1.000 15.578 ? 62  VAL A C   1 
ATOM   482  O O   . VAL A 1 64  ? 9.862   -5.239  3.605   1.000 14.838 ? 62  VAL A O   1 
ATOM   483  C CB  . VAL A 1 64  ? 6.732   -5.530  4.162   1.000 16.011 ? 62  VAL A CB  1 
ATOM   484  C CG1 . VAL A 1 64  ? 6.257   -4.190  3.627   1.000 16.788 ? 62  VAL A CG1 1 
ATOM   485  C CG2 . VAL A 1 64  ? 5.567   -6.449  4.488   1.000 16.690 ? 62  VAL A CG2 1 
ATOM   486  N N   . VAL A 1 65  ? 8.816   -4.780  1.594   1.000 15.063 ? 63  VAL A N   1 
ATOM   487  C CA  . VAL A 1 65  ? 9.717   -3.688  1.145   1.000 14.822 ? 63  VAL A CA  1 
ATOM   488  C C   . VAL A 1 65  ? 8.895   -2.417  0.894   1.000 15.148 ? 63  VAL A C   1 
ATOM   489  O O   . VAL A 1 65  ? 7.745   -2.491  0.378   1.000 13.646 ? 63  VAL A O   1 
ATOM   490  C CB  . VAL A 1 65  ? 10.588  -4.105  -0.056  1.000 16.111 ? 63  VAL A CB  1 
ATOM   491  C CG1 . VAL A 1 65  ? 11.403  -5.357  0.276   1.000 16.914 ? 63  VAL A CG1 1 
ATOM   492  C CG2 . VAL A 1 65  ? 9.797   -4.302  -1.341  1.000 16.189 ? 63  VAL A CG2 1 
ATOM   493  N N   . MET A 1 66  ? 9.489   -1.276  1.238   1.000 14.632 ? 64  MET A N   1 
ATOM   494  C CA  . MET A 1 66  ? 8.939   0.052   0.908   1.000 14.671 ? 64  MET A CA  1 
ATOM   495  C C   . MET A 1 66  ? 10.011  0.882   0.196   1.000 14.376 ? 64  MET A C   1 
ATOM   496  O O   . MET A 1 66  ? 11.205  0.735   0.509   1.000 14.376 ? 64  MET A O   1 
ATOM   497  C CB  . MET A 1 66  ? 8.443   0.752   2.176   1.000 15.139 ? 64  MET A CB  1 
ATOM   498  C CG  . MET A 1 66  ? 7.305   -0.002  2.836   1.000 15.781 ? 64  MET A CG  1 
ATOM   499  S SD  . MET A 1 66  ? 6.900   0.591   4.476   1.000 16.320 ? 64  MET A SD  1 
ATOM   500  C CE  . MET A 1 66  ? 8.161   -0.228  5.456   1.000 17.335 ? 64  MET A CE  1 
ATOM   501  N N   . ASN A 1 67  ? 9.583   1.724   -0.742  1.000 13.772 ? 65  ASN A N   1 
ATOM   502  C CA  . ASN A 1 67  ? 10.495  2.571   -1.538  1.000 13.589 ? 65  ASN A CA  1 
ATOM   503  C C   . ASN A 1 67  ? 9.707   3.747   -2.117  1.000 12.893 ? 65  ASN A C   1 
ATOM   504  O O   . ASN A 1 67  ? 8.494   3.895   -1.814  1.000 12.517 ? 65  ASN A O   1 
ATOM   505  C CB  . ASN A 1 67  ? 11.202  1.761   -2.634  1.000 14.046 ? 65  ASN A CB  1 
ATOM   506  C CG  . ASN A 1 67  ? 12.624  2.184   -2.939  1.000 14.410 ? 65  ASN A CG  1 
ATOM   507  O OD1 . ASN A 1 67  ? 13.030  3.309   -2.666  1.000 15.346 ? 65  ASN A OD1 1 
ATOM   508  N ND2 . ASN A 1 67  ? 13.378  1.291   -3.565  1.000 14.359 ? 65  ASN A ND2 1 
ATOM   509  N N   . SER A 1 68  ? 10.422  4.577   -2.869  1.000 12.350 ? 66  SER A N   1 
ATOM   510  C CA  . SER A 1 68  ? 9.891   5.643   -3.739  1.000 12.440 ? 66  SER A CA  1 
ATOM   511  C C   . SER A 1 68  ? 10.528  5.451   -5.113  1.000 13.023 ? 66  SER A C   1 
ATOM   512  O O   . SER A 1 68  ? 11.627  4.827   -5.203  1.000 13.363 ? 66  SER A O   1 
ATOM   513  C CB  . SER A 1 68  ? 10.144  7.008   -3.134  1.000 12.445 ? 66  SER A CB  1 
ATOM   514  O OG  . SER A 1 68  ? 11.537  7.234   -2.929  1.000 12.812 ? 66  SER A OG  1 
ATOM   515  N N   . ARG A 1 69  ? 9.830   5.901   -6.147  1.000 12.723 ? 67  ARG A N   1 
ATOM   516  C CA  . ARG A 1 69  ? 10.364  5.946   -7.524  1.000 12.382 ? 67  ARG A CA  1 
ATOM   517  C C   . ARG A 1 69  ? 10.249  7.388   -8.017  1.000 12.953 ? 67  ARG A C   1 
ATOM   518  O O   . ARG A 1 69  ? 9.117   7.895   -8.098  1.000 12.710 ? 67  ARG A O   1 
ATOM   519  C CB  . ARG A 1 69  ? 9.629   4.976   -8.447  1.000 12.823 ? 67  ARG A CB  1 
ATOM   520  C CG  . ARG A 1 69  ? 10.283  4.892   -9.820  1.000 12.574 ? 67  ARG A CG  1 
ATOM   521  C CD  . ARG A 1 69  ? 9.624   3.852   -10.672 1.000 12.805 ? 67  ARG A CD  1 
ATOM   522  N NE  . ARG A 1 69  ? 8.277   4.198   -11.082 1.000 12.815 ? 67  ARG A NE  1 
ATOM   523  C CZ  . ARG A 1 69  ? 7.342   3.315   -11.444 1.000 13.029 ? 67  ARG A CZ  1 
ATOM   524  N NH1 . ARG A 1 69  ? 7.593   2.020   -11.409 1.000 13.896 ? 67  ARG A NH1 1 
ATOM   525  N NH2 . ARG A 1 69  ? 6.143   3.718   -11.828 1.000 12.881 ? 67  ARG A NH2 1 
ATOM   526  N N   . GLU A 1 70  ? 11.399  8.023   -8.233  1.000 13.045 ? 68  GLU A N   1 
ATOM   527  C CA  . GLU A 1 70  ? 11.555  9.490   -8.413  1.000 13.692 ? 68  GLU A CA  1 
ATOM   528  C C   . GLU A 1 70  ? 12.267  9.732   -9.753  1.000 14.115 ? 68  GLU A C   1 
ATOM   529  O O   . GLU A 1 70  ? 13.382  9.160   -9.941  1.000 13.944 ? 68  GLU A O   1 
ATOM   530  C CB  . GLU A 1 70  ? 12.314  10.060  -7.211  1.000 14.949 ? 68  GLU A CB  1 
ATOM   531  C CG  . GLU A 1 70  ? 11.662  9.732   -5.873  1.000 15.886 ? 68  GLU A CG  1 
ATOM   532  C CD  . GLU A 1 70  ? 12.312  10.348  -4.651  1.000 17.427 ? 68  GLU A CD  1 
ATOM   533  O OE1 . GLU A 1 70  ? 12.948  11.395  -4.807  1.000 19.773 ? 68  GLU A OE1 1 
ATOM   534  O OE2 . GLU A 1 70  ? 12.156  9.793   -3.537  1.000 17.331 ? 68  GLU A OE2 1 
ATOM   535  N N   . TYR A 1 71  ? 11.631  10.499  -10.652 1.000 13.964 ? 69  TYR A N   1 
ATOM   536  C CA  . TYR A 1 71  ? 12.074  10.756  -12.050 1.000 14.860 ? 69  TYR A CA  1 
ATOM   537  C C   . TYR A 1 71  ? 12.357  9.419   -12.760 1.000 16.504 ? 69  TYR A C   1 
ATOM   538  O O   . TYR A 1 71  ? 13.347  9.321   -13.493 1.000 16.159 ? 69  TYR A O   1 
ATOM   539  C CB  . TYR A 1 71  ? 13.270  11.725  -12.020 1.000 14.247 ? 69  TYR A CB  1 
ATOM   540  C CG  . TYR A 1 71  ? 12.941  12.985  -11.266 1.000 14.257 ? 69  TYR A CG  1 
ATOM   541  C CD1 . TYR A 1 71  ? 12.238  14.016  -11.875 1.000 14.707 ? 69  TYR A CD1 1 
ATOM   542  C CD2 . TYR A 1 71  ? 13.193  13.089  -9.911  1.000 14.908 ? 69  TYR A CD2 1 
ATOM   543  C CE1 . TYR A 1 71  ? 11.841  15.141  -11.166 1.000 14.806 ? 69  TYR A CE1 1 
ATOM   544  C CE2 . TYR A 1 71  ? 12.815  14.205  -9.191  1.000 14.825 ? 69  TYR A CE2 1 
ATOM   545  C CZ  . TYR A 1 71  ? 12.149  15.243  -9.822  1.000 14.557 ? 69  TYR A CZ  1 
ATOM   546  O OH  . TYR A 1 71  ? 11.774  16.333  -9.090  1.000 15.623 ? 69  TYR A OH  1 
ATOM   547  N N   . GLY A 1 72  ? 11.541  8.392   -12.512 1.000 16.684 ? 70  GLY A N   1 
ATOM   548  C CA  . GLY A 1 72  ? 11.688  7.072   -13.158 1.000 17.643 ? 70  GLY A CA  1 
ATOM   549  C C   . GLY A 1 72  ? 12.661  6.134   -12.453 1.000 18.545 ? 70  GLY A C   1 
ATOM   550  O O   . GLY A 1 72  ? 12.762  4.994   -12.912 1.000 18.879 ? 70  GLY A O   1 
ATOM   551  N N   . ALA A 1 73  ? 13.383  6.570   -11.419 1.000 17.984 ? 71  ALA A N   1 
ATOM   552  C CA  . ALA A 1 73  ? 14.466  5.792   -10.766 1.000 18.738 ? 71  ALA A CA  1 
ATOM   553  C C   . ALA A 1 73  ? 14.027  5.370   -9.363  1.000 18.518 ? 71  ALA A C   1 
ATOM   554  O O   . ALA A 1 73  ? 13.589  6.238   -8.572  1.000 16.158 ? 71  ALA A O   1 
ATOM   555  C CB  . ALA A 1 73  ? 15.756  6.590   -10.699 1.000 19.095 ? 71  ALA A CB  1 
ATOM   556  N N   . TRP A 1 74  ? 14.187  4.086   -9.037  1.000 18.489 ? 72  TRP A N   1 
ATOM   557  C CA  . TRP A 1 74  ? 13.932  3.574   -7.670  1.000 18.881 ? 72  TRP A CA  1 
ATOM   558  C C   . TRP A 1 74  ? 14.991  4.116   -6.711  1.000 19.560 ? 72  TRP A C   1 
ATOM   559  O O   . TRP A 1 74  ? 16.144  4.320   -7.117  1.000 18.879 ? 72  TRP A O   1 
ATOM   560  C CB  . TRP A 1 74  ? 13.892  2.050   -7.648  1.000 19.362 ? 72  TRP A CB  1 
ATOM   561  C CG  . TRP A 1 74  ? 12.745  1.442   -8.394  1.000 19.185 ? 72  TRP A CG  1 
ATOM   562  C CD1 . TRP A 1 74  ? 12.804  0.842   -9.615  1.000 19.706 ? 72  TRP A CD1 1 
ATOM   563  C CD2 . TRP A 1 74  ? 11.386  1.292   -7.937  1.000 18.661 ? 72  TRP A CD2 1 
ATOM   564  N NE1 . TRP A 1 74  ? 11.579  0.343   -9.953  1.000 20.006 ? 72  TRP A NE1 1 
ATOM   565  C CE2 . TRP A 1 74  ? 10.687  0.598   -8.947  1.000 19.726 ? 72  TRP A CE2 1 
ATOM   566  C CE3 . TRP A 1 74  ? 10.692  1.668   -6.781  1.000 18.757 ? 72  TRP A CE3 1 
ATOM   567  C CZ2 . TRP A 1 74  ? 9.331   0.271   -8.841  1.000 19.665 ? 72  TRP A CZ2 1 
ATOM   568  C CZ3 . TRP A 1 74  ? 9.350   1.365   -6.684  1.000 19.633 ? 72  TRP A CZ3 1 
ATOM   569  C CH2 . TRP A 1 74  ? 8.685   0.660   -7.691  1.000 19.088 ? 72  TRP A CH2 1 
ATOM   570  N N   . LYS A 1 75  ? 14.603  4.361   -5.468  1.000 19.111 ? 73  LYS A N   1 
ATOM   571  C CA  . LYS A 1 75  ? 15.503  4.939   -4.446  1.000 21.350 ? 73  LYS A CA  1 
ATOM   572  C C   . LYS A 1 75  ? 15.925  3.809   -3.504  1.000 20.586 ? 73  LYS A C   1 
ATOM   573  O O   . LYS A 1 75  ? 15.886  2.658   -3.937  1.000 20.202 ? 73  LYS A O   1 
ATOM   574  C CB  . LYS A 1 75  ? 14.780  6.130   -3.810  1.000 22.292 ? 73  LYS A CB  1 
ATOM   575  C CG  . LYS A 1 75  ? 14.554  7.276   -4.777  1.000 24.321 ? 73  LYS A CG  1 
ATOM   576  C CD  . LYS A 1 75  ? 15.871  7.785   -5.345  1.000 28.001 ? 73  LYS A CD  1 
ATOM   577  C CE  . LYS A 1 75  ? 15.906  9.280   -5.536  1.000 31.083 ? 73  LYS A CE  1 
ATOM   578  N NZ  . LYS A 1 75  ? 17.261  9.824   -5.316  1.000 31.847 ? 73  LYS A NZ  1 
ATOM   579  N N   . GLN A 1 76  ? 16.296  4.140   -2.272  1.000 22.845 ? 74  GLN A N   1 
ATOM   580  C CA  . GLN A 1 76  ? 16.805  3.194   -1.249  1.000 26.009 ? 74  GLN A CA  1 
ATOM   581  C C   . GLN A 1 76  ? 15.610  2.468   -0.625  1.000 22.507 ? 74  GLN A C   1 
ATOM   582  O O   . GLN A 1 76  ? 14.754  3.127   -0.011  1.000 21.179 ? 74  GLN A O   1 
ATOM   583  C CB  . GLN A 1 76  ? 17.621  3.941   -0.192  1.000 31.916 ? 74  GLN A CB  1 
ATOM   584  C CG  . GLN A 1 76  ? 18.322  3.021   0.806   1.000 38.006 ? 74  GLN A CG  1 
ATOM   585  C CD  . GLN A 1 76  ? 19.719  2.601   0.411   1.000 43.751 ? 74  GLN A CD  1 
ATOM   586  O OE1 . GLN A 1 76  ? 20.245  2.974   -0.637  1.000 52.635 ? 74  GLN A OE1 1 
ATOM   587  N NE2 . GLN A 1 76  ? 20.341  1.814   1.277   1.000 48.644 ? 74  GLN A NE2 1 
ATOM   588  N N   . GLN A 1 77  ? 15.560  1.158   -0.836  1.000 22.120 ? 75  GLN A N   1 
ATOM   589  C CA  . GLN A 1 77  ? 14.586  0.206   -0.252  1.000 22.489 ? 75  GLN A CA  1 
ATOM   590  C C   . GLN A 1 77  ? 14.698  0.234   1.275   1.000 22.735 ? 75  GLN A C   1 
ATOM   591  O O   . GLN A 1 77  ? 15.848  0.283   1.780   1.000 22.165 ? 75  GLN A O   1 
ATOM   592  C CB  . GLN A 1 77  ? 14.918  -1.183  -0.793  1.000 23.520 ? 75  GLN A CB  1 
ATOM   593  C CG  . GLN A 1 77  ? 14.117  -2.296  -0.171  1.000 24.622 ? 75  GLN A CG  1 
ATOM   594  C CD  . GLN A 1 77  ? 14.197  -3.505  -1.062  1.000 24.086 ? 75  GLN A CD  1 
ATOM   595  O OE1 . GLN A 1 77  ? 13.522  -3.568  -2.081  1.000 23.202 ? 75  GLN A OE1 1 
ATOM   596  N NE2 . GLN A 1 77  ? 15.050  -4.446  -0.688  1.000 22.100 ? 75  GLN A NE2 1 
ATOM   597  N N   . VAL A 1 78  ? 13.560  0.201   1.967   1.000 20.334 ? 76  VAL A N   1 
ATOM   598  C CA  . VAL A 1 78  ? 13.426  -0.149  3.413   1.000 21.608 ? 76  VAL A CA  1 
ATOM   599  C C   . VAL A 1 78  ? 12.788  -1.541  3.488   1.000 22.873 ? 76  VAL A C   1 
ATOM   600  O O   . VAL A 1 78  ? 11.796  -1.762  2.749   1.000 21.110 ? 76  VAL A O   1 
ATOM   601  C CB  . VAL A 1 78  ? 12.572  0.909   4.134   1.000 23.336 ? 76  VAL A CB  1 
ATOM   602  C CG1 . VAL A 1 78  ? 12.205  0.507   5.556   1.000 24.694 ? 76  VAL A CG1 1 
ATOM   603  C CG2 . VAL A 1 78  ? 13.274  2.262   4.120   1.000 25.495 ? 76  VAL A CG2 1 
ATOM   604  N N   . GLU A 1 79  ? 13.329  -2.432  4.324   1.000 22.513 ? 77  GLU A N   1 
ATOM   605  C CA  . GLU A 1 79  ? 12.843  -3.833  4.474   1.000 24.269 ? 77  GLU A CA  1 
ATOM   606  C C   . GLU A 1 79  ? 12.333  -4.068  5.902   1.000 23.248 ? 77  GLU A C   1 
ATOM   607  O O   . GLU A 1 79  ? 12.987  -3.597  6.849   1.000 23.654 ? 77  GLU A O   1 
ATOM   608  C CB  . GLU A 1 79  ? 13.953  -4.819  4.120   1.000 27.530 ? 77  GLU A CB  1 
ATOM   609  C CG  . GLU A 1 79  ? 13.436  -6.226  3.908   1.000 32.143 ? 77  GLU A CG  1 
ATOM   610  C CD  . GLU A 1 79  ? 14.515  -7.292  3.978   1.000 38.476 ? 77  GLU A CD  1 
ATOM   611  O OE1 . GLU A 1 79  ? 14.943  -7.620  5.102   1.000 45.836 ? 77  GLU A OE1 1 
ATOM   612  O OE2 . GLU A 1 79  ? 14.921  -7.784  2.915   1.000 39.224 ? 77  GLU A OE2 1 
ATOM   613  N N   . SER A 1 80  ? 11.199  -4.762  6.046   1.000 20.442 ? 78  SER A N   1 
ATOM   614  C CA  . SER A 1 80  ? 10.641  -5.253  7.332   1.000 20.077 ? 78  SER A CA  1 
ATOM   615  C C   . SER A 1 80  ? 10.339  -6.742  7.195   1.000 20.809 ? 78  SER A C   1 
ATOM   616  O O   . SER A 1 80  ? 9.770   -7.146  6.166   1.000 19.334 ? 78  SER A O   1 
ATOM   617  C CB  . SER A 1 80  ? 9.414   -4.477  7.744   1.000 19.904 ? 78  SER A CB  1 
ATOM   618  O OG  . SER A 1 80  ? 8.843   -5.002  8.937   1.000 18.658 ? 78  SER A OG  1 
ATOM   619  N N   . LYS A 1 81  ? 10.715  -7.523  8.203   1.000 21.881 ? 79  LYS A N   1 
ATOM   620  C CA  . LYS A 1 81  ? 10.323  -8.950  8.339   1.000 23.441 ? 79  LYS A CA  1 
ATOM   621  C C   . LYS A 1 81  ? 9.030   -9.071  9.155   1.000 21.574 ? 79  LYS A C   1 
ATOM   622  O O   . LYS A 1 81  ? 8.548   -10.206 9.372   1.000 20.935 ? 79  LYS A O   1 
ATOM   623  C CB  . LYS A 1 81  ? 11.483  -9.727  8.965   1.000 27.212 ? 79  LYS A CB  1 
ATOM   624  C CG  . LYS A 1 81  ? 12.733  -9.821  8.099   1.000 31.972 ? 79  LYS A CG  1 
ATOM   625  C CD  . LYS A 1 81  ? 12.487  -10.376 6.704   1.000 38.148 ? 79  LYS A CD  1 
ATOM   626  C CE  . LYS A 1 81  ? 13.634  -11.215 6.167   1.000 42.502 ? 79  LYS A CE  1 
ATOM   627  N NZ  . LYS A 1 81  ? 14.937  -10.513 6.273   1.000 43.829 ? 79  LYS A NZ  1 
ATOM   628  N N   . ASN A 1 82  ? 8.421   -7.958  9.548   1.000 21.538 ? 80  ASN A N   1 
ATOM   629  C CA  . ASN A 1 82  ? 7.121   -7.987  10.263  1.000 21.914 ? 80  ASN A CA  1 
ATOM   630  C C   . ASN A 1 82  ? 6.026   -8.600  9.372   1.000 21.630 ? 80  ASN A C   1 
ATOM   631  O O   . ASN A 1 82  ? 5.865   -8.116  8.239   1.000 20.773 ? 80  ASN A O   1 
ATOM   632  C CB  . ASN A 1 82  ? 6.720   -6.591  10.725  1.000 24.423 ? 80  ASN A CB  1 
ATOM   633  C CG  . ASN A 1 82  ? 5.767   -6.658  11.885  1.000 27.502 ? 80  ASN A CG  1 
ATOM   634  O OD1 . ASN A 1 82  ? 5.622   -7.725  12.483  1.000 29.486 ? 80  ASN A OD1 1 
ATOM   635  N ND2 . ASN A 1 82  ? 5.099   -5.553  12.176  1.000 29.701 ? 80  ASN A ND2 1 
ATOM   636  N N   . MET A 1 83  ? 5.272   -9.597  9.864   1.000 20.192 ? 81  MET A N   1 
ATOM   637  C CA  . MET A 1 83  ? 4.291   -10.347 9.025   1.000 19.026 ? 81  MET A CA  1 
ATOM   638  C C   . MET A 1 83  ? 3.036   -10.636 9.840   1.000 19.955 ? 81  MET A C   1 
ATOM   639  O O   . MET A 1 83  ? 2.749   -11.785 10.166  1.000 20.528 ? 81  MET A O   1 
ATOM   640  C CB  . MET A 1 83  ? 4.911   -11.642 8.471   1.000 19.453 ? 81  MET A CB  1 
ATOM   641  C CG  . MET A 1 83  ? 4.083   -12.343 7.383   1.000 18.541 ? 81  MET A CG  1 
ATOM   642  S SD  . MET A 1 83  ? 3.630   -11.287 5.956   1.000 18.629 ? 81  MET A SD  1 
ATOM   643  C CE  . MET A 1 83  ? 5.219   -10.681 5.397   1.000 19.415 ? 81  MET A CE  1 
ATOM   644  N N   . PRO A 1 84  ? 2.223   -9.599  10.156  1.000 19.631 ? 82  PRO A N   1 
ATOM   645  C CA  . PRO A 1 84  ? 0.930   -9.791  10.817  1.000 19.968 ? 82  PRO A CA  1 
ATOM   646  C C   . PRO A 1 84  ? -0.162  -10.423 9.940   1.000 20.783 ? 82  PRO A C   1 
ATOM   647  O O   . PRO A 1 84  ? -1.145  -10.918 10.496  1.000 20.551 ? 82  PRO A O   1 
ATOM   648  C CB  . PRO A 1 84  ? 0.535   -8.360  11.211  1.000 20.099 ? 82  PRO A CB  1 
ATOM   649  C CG  . PRO A 1 84  ? 1.180   -7.500  10.153  1.000 19.689 ? 82  PRO A CG  1 
ATOM   650  C CD  . PRO A 1 84  ? 2.501   -8.180  9.884   1.000 19.265 ? 82  PRO A CD  1 
ATOM   651  N N   . PHE A 1 85  ? 0.026   -10.440 8.618   1.000 18.083 ? 83  PHE A N   1 
ATOM   652  C CA  . PHE A 1 85  ? -0.920  -11.080 7.669   1.000 17.785 ? 83  PHE A CA  1 
ATOM   653  C C   . PHE A 1 85  ? -0.988  -12.573 7.994   1.000 17.792 ? 83  PHE A C   1 
ATOM   654  O O   . PHE A 1 85  ? 0.078   -13.172 8.268   1.000 17.914 ? 83  PHE A O   1 
ATOM   655  C CB  . PHE A 1 85  ? -0.491  -10.852 6.216   1.000 15.843 ? 83  PHE A CB  1 
ATOM   656  C CG  . PHE A 1 85  ? -0.433  -9.406  5.809   1.000 15.032 ? 83  PHE A CG  1 
ATOM   657  C CD1 . PHE A 1 85  ? -1.577  -8.738  5.391   1.000 15.061 ? 83  PHE A CD1 1 
ATOM   658  C CD2 . PHE A 1 85  ? 0.764   -8.708  5.844   1.000 15.073 ? 83  PHE A CD2 1 
ATOM   659  C CE1 . PHE A 1 85  ? -1.518  -7.417  4.987   1.000 14.448 ? 83  PHE A CE1 1 
ATOM   660  C CE2 . PHE A 1 85  ? 0.818   -7.376  5.460   1.000 14.657 ? 83  PHE A CE2 1 
ATOM   661  C CZ  . PHE A 1 85  ? -0.323  -6.735  5.037   1.000 14.974 ? 83  PHE A CZ  1 
ATOM   662  N N   . GLN A 1 86  ? -2.195  -13.139 8.005   1.000 18.771 ? 84  GLN A N   1 
ATOM   663  C CA  . GLN A 1 86  ? -2.412  -14.567 8.367   1.000 19.823 ? 84  GLN A CA  1 
ATOM   664  C C   . GLN A 1 86  ? -2.697  -15.363 7.095   1.000 18.172 ? 84  GLN A C   1 
ATOM   665  O O   . GLN A 1 86  ? -3.578  -14.963 6.333   1.000 16.665 ? 84  GLN A O   1 
ATOM   666  C CB  . GLN A 1 86  ? -3.545  -14.730 9.385   1.000 22.189 ? 84  GLN A CB  1 
ATOM   667  C CG  . GLN A 1 86  ? -3.316  -14.000 10.702  1.000 25.048 ? 84  GLN A CG  1 
ATOM   668  C CD  . GLN A 1 86  ? -2.122  -14.535 11.453  1.000 28.811 ? 84  GLN A CD  1 
ATOM   669  O OE1 . GLN A 1 86  ? -2.016  -15.737 11.709  1.000 32.614 ? 84  GLN A OE1 1 
ATOM   670  N NE2 . GLN A 1 86  ? -1.209  -13.642 11.814  1.000 27.611 ? 84  GLN A NE2 1 
ATOM   671  N N   . ASP A 1 87  ? -1.997  -16.487 6.928   1.000 19.897 ? 85  ASP A N   1 
ATOM   672  C CA  . ASP A 1 87  ? -2.186  -17.462 5.819   1.000 21.444 ? 85  ASP A CA  1 
ATOM   673  C C   . ASP A 1 87  ? -3.676  -17.771 5.644   1.000 21.541 ? 85  ASP A C   1 
ATOM   674  O O   . ASP A 1 87  ? -4.309  -18.124 6.646   1.000 23.372 ? 85  ASP A O   1 
ATOM   675  C CB  . ASP A 1 87  ? -1.393  -18.749 6.083   1.000 22.240 ? 85  ASP A CB  1 
ATOM   676  C CG  . ASP A 1 87  ? -1.128  -19.551 4.823   1.000 23.691 ? 85  ASP A CG  1 
ATOM   677  O OD1 . ASP A 1 87  ? -1.656  -19.167 3.757   1.000 22.607 ? 85  ASP A OD1 1 
ATOM   678  O OD2 . ASP A 1 87  ? -0.384  -20.545 4.918   1.000 26.299 ? 85  ASP A OD2 1 
ATOM   679  N N   . GLY A 1 88  ? -4.209  -17.609 4.425   1.000 21.909 ? 86  GLY A N   1 
ATOM   680  C CA  . GLY A 1 88  ? -5.581  -17.996 4.042   1.000 22.436 ? 86  GLY A CA  1 
ATOM   681  C C   . GLY A 1 88  ? -6.656  -16.991 4.459   1.000 23.902 ? 86  GLY A C   1 
ATOM   682  O O   . GLY A 1 88  ? -7.811  -17.239 4.120   1.000 24.441 ? 86  GLY A O   1 
ATOM   683  N N   . GLN A 1 89  ? -6.341  -15.896 5.164   1.000 24.179 ? 87  GLN A N   1 
ATOM   684  C CA  . GLN A 1 89  ? -7.374  -15.044 5.823   1.000 23.978 ? 87  GLN A CA  1 
ATOM   685  C C   . GLN A 1 89  ? -7.559  -13.723 5.066   1.000 23.179 ? 87  GLN A C   1 
ATOM   686  O O   . GLN A 1 89  ? -6.605  -13.246 4.419   1.000 20.447 ? 87  GLN A O   1 
ATOM   687  C CB  . GLN A 1 89  ? -7.022  -14.788 7.287   1.000 27.793 ? 87  GLN A CB  1 
ATOM   688  C CG  . GLN A 1 89  ? -7.033  -16.061 8.130   1.000 33.216 ? 87  GLN A CG  1 
ATOM   689  C CD  . GLN A 1 89  ? -6.903  -15.794 9.612   1.000 40.288 ? 87  GLN A CD  1 
ATOM   690  O OE1 . GLN A 1 89  ? -7.307  -14.745 10.120  1.000 46.320 ? 87  GLN A OE1 1 
ATOM   691  N NE2 . GLN A 1 89  ? -6.344  -16.756 10.332  1.000 43.343 ? 87  GLN A NE2 1 
ATOM   692  N N   . GLU A 1 90  ? -8.750  -13.135 5.190   1.000 21.759 ? 88  GLU A N   1 
ATOM   693  C CA  . GLU A 1 90  ? -9.031  -11.724 4.827   1.000 23.796 ? 88  GLU A CA  1 
ATOM   694  C C   . GLU A 1 90  ? -8.148  -10.815 5.694   1.000 21.940 ? 88  GLU A C   1 
ATOM   695  O O   . GLU A 1 90  ? -7.952  -11.135 6.853   1.000 20.551 ? 88  GLU A O   1 
ATOM   696  C CB  . GLU A 1 90  ? -10.521 -11.431 4.995   1.000 26.342 ? 88  GLU A CB  1 
ATOM   697  C CG  . GLU A 1 90  ? -10.921 -10.028 4.594   1.000 30.077 ? 88  GLU A CG  1 
ATOM   698  C CD  . GLU A 1 90  ? -12.420 -9.832  4.448   1.000 33.010 ? 88  GLU A CD  1 
ATOM   699  O OE1 . GLU A 1 90  ? -13.049 -9.439  5.439   1.000 36.082 ? 88  GLU A OE1 1 
ATOM   700  O OE2 . GLU A 1 90  ? -12.948 -10.065 3.344   1.000 34.113 ? 88  GLU A OE2 1 
ATOM   701  N N   . PHE A 1 91  ? -7.601  -9.738  5.128   1.000 20.138 ? 89  PHE A N   1 
ATOM   702  C CA  . PHE A 1 91  ? -6.875  -8.686  5.880   1.000 19.163 ? 89  PHE A CA  1 
ATOM   703  C C   . PHE A 1 91  ? -7.609  -7.348  5.715   1.000 20.545 ? 89  PHE A C   1 
ATOM   704  O O   . PHE A 1 91  ? -8.295  -7.137  4.674   1.000 18.939 ? 89  PHE A O   1 
ATOM   705  C CB  . PHE A 1 91  ? -5.420  -8.585  5.420   1.000 19.172 ? 89  PHE A CB  1 
ATOM   706  C CG  . PHE A 1 91  ? -5.246  -8.280  3.952   1.000 17.726 ? 89  PHE A CG  1 
ATOM   707  C CD1 . PHE A 1 91  ? -5.399  -6.987  3.471   1.000 16.938 ? 89  PHE A CD1 1 
ATOM   708  C CD2 . PHE A 1 91  ? -4.929  -9.287  3.054   1.000 16.579 ? 89  PHE A CD2 1 
ATOM   709  C CE1 . PHE A 1 91  ? -5.253  -6.713  2.123   1.000 16.661 ? 89  PHE A CE1 1 
ATOM   710  C CE2 . PHE A 1 91  ? -4.788  -9.009  1.701   1.000 16.316 ? 89  PHE A CE2 1 
ATOM   711  C CZ  . PHE A 1 91  ? -4.953  -7.726  1.236   1.000 16.230 ? 89  PHE A CZ  1 
ATOM   712  N N   . GLU A 1 92  ? -7.427  -6.467  6.701   1.000 20.108 ? 90  GLU A N   1 
ATOM   713  C CA  . GLU A 1 92  ? -7.724  -5.019  6.596   1.000 21.326 ? 90  GLU A CA  1 
ATOM   714  C C   . GLU A 1 92  ? -6.406  -4.266  6.749   1.000 19.161 ? 90  GLU A C   1 
ATOM   715  O O   . GLU A 1 92  ? -5.788  -4.379  7.802   1.000 19.269 ? 90  GLU A O   1 
ATOM   716  C CB  . GLU A 1 92  ? -8.761  -4.575  7.633   1.000 24.153 ? 90  GLU A CB  1 
ATOM   717  C CG  . GLU A 1 92  ? -9.243  -3.146  7.399   1.000 27.345 ? 90  GLU A CG  1 
ATOM   718  C CD  . GLU A 1 92  ? -10.362 -2.663  8.317   1.000 32.030 ? 90  GLU A CD  1 
ATOM   719  O OE1 . GLU A 1 92  ? -10.672 -3.350  9.308   1.000 37.988 ? 90  GLU A OE1 1 
ATOM   720  O OE2 . GLU A 1 92  ? -10.943 -1.617  8.022   1.000 38.052 ? 90  GLU A OE2 1 
ATOM   721  N N   . LEU A 1 93  ? -5.995  -3.564  5.695   1.000 18.691 ? 91  LEU A N   1 
ATOM   722  C CA  . LEU A 1 93  ? -4.779  -2.725  5.630   1.000 19.962 ? 91  LEU A CA  1 
ATOM   723  C C   . LEU A 1 93  ? -5.249  -1.271  5.687   1.000 19.618 ? 91  LEU A C   1 
ATOM   724  O O   . LEU A 1 93  ? -6.115  -0.897  4.870   1.000 20.973 ? 91  LEU A O   1 
ATOM   725  C CB  . LEU A 1 93  ? -4.053  -3.037  4.316   1.000 21.158 ? 91  LEU A CB  1 
ATOM   726  C CG  . LEU A 1 93  ? -2.764  -2.268  4.033   1.000 21.574 ? 91  LEU A CG  1 
ATOM   727  C CD1 . LEU A 1 93  ? -1.649  -2.713  4.969   1.000 23.167 ? 91  LEU A CD1 1 
ATOM   728  C CD2 . LEU A 1 93  ? -2.339  -2.484  2.589   1.000 22.239 ? 91  LEU A CD2 1 
ATOM   729  N N   . SER A 1 94  ? -4.733  -0.468  6.608   1.000 19.204 ? 92  SER A N   1 
ATOM   730  C CA  . SER A 1 94  ? -5.021  0.980   6.584   1.000 20.196 ? 92  SER A CA  1 
ATOM   731  C C   . SER A 1 94  ? -3.719  1.767   6.653   1.000 19.035 ? 92  SER A C   1 
ATOM   732  O O   . SER A 1 94  ? -2.802  1.407   7.438   1.000 18.107 ? 92  SER A O   1 
ATOM   733  C CB  . SER A 1 94  ? -6.035  1.390   7.621   1.000 22.560 ? 92  SER A CB  1 
ATOM   734  O OG  . SER A 1 94  ? -5.484  1.324   8.905   1.000 26.226 ? 92  SER A OG  1 
ATOM   735  N N   . ILE A 1 95  ? -3.620  2.766   5.783   1.000 16.267 ? 93  ILE A N   1 
ATOM   736  C CA  . ILE A 1 95  ? -2.391  3.579   5.624   1.000 15.405 ? 93  ILE A CA  1 
ATOM   737  C C   . ILE A 1 95  ? -2.797  5.003   5.968   1.000 14.772 ? 93  ILE A C   1 
ATOM   738  O O   . ILE A 1 95  ? -3.561  5.592   5.187   1.000 14.174 ? 93  ILE A O   1 
ATOM   739  C CB  . ILE A 1 95  ? -1.816  3.454   4.203   1.000 15.101 ? 93  ILE A CB  1 
ATOM   740  C CG1 . ILE A 1 95  ? -1.447  2.008   3.864   1.000 15.342 ? 93  ILE A CG1 1 
ATOM   741  C CG2 . ILE A 1 95  ? -0.639  4.413   4.014   1.000 15.075 ? 93  ILE A CG2 1 
ATOM   742  C CD1 . ILE A 1 95  ? -1.276  1.758   2.386   1.000 16.110 ? 93  ILE A CD1 1 
ATOM   743  N N   . SER A 1 96  ? -2.310  5.514   7.091   1.000 14.550 ? 94  SER A N   1 
ATOM   744  C CA  . SER A 1 96  ? -2.674  6.850   7.605   1.000 15.624 ? 94  SER A CA  1 
ATOM   745  C C   . SER A 1 96  ? -1.539  7.822   7.291   1.000 14.821 ? 94  SER A C   1 
ATOM   746  O O   . SER A 1 96  ? -0.365  7.444   7.432   1.000 13.753 ? 94  SER A O   1 
ATOM   747  C CB  . SER A 1 96  ? -3.001  6.799   9.076   1.000 16.989 ? 94  SER A CB  1 
ATOM   748  O OG  . SER A 1 96  ? -4.239  6.138   9.255   1.000 20.758 ? 94  SER A OG  1 
ATOM   749  N N   . VAL A 1 97  ? -1.890  9.015   6.833   1.000 14.859 ? 95  VAL A N   1 
ATOM   750  C CA  . VAL A 1 97  ? -0.913  10.102  6.551   1.000 14.652 ? 95  VAL A CA  1 
ATOM   751  C C   . VAL A 1 97  ? -0.771  10.907  7.844   1.000 14.943 ? 95  VAL A C   1 
ATOM   752  O O   . VAL A 1 97  ? -1.717  11.637  8.206   1.000 13.576 ? 95  VAL A O   1 
ATOM   753  C CB  . VAL A 1 97  ? -1.350  10.978  5.366   1.000 15.268 ? 95  VAL A CB  1 
ATOM   754  C CG1 . VAL A 1 97  ? -0.284  11.992  5.003   1.000 15.237 ? 95  VAL A CG1 1 
ATOM   755  C CG2 . VAL A 1 97  ? -1.759  10.142  4.166   1.000 15.531 ? 95  VAL A CG2 1 
ATOM   756  N N   . LEU A 1 98  ? 0.379   10.758  8.502   1.000 15.421 ? 96  LEU A N   1 
ATOM   757  C CA  . LEU A 1 98  ? 0.781   11.549  9.688   1.000 16.223 ? 96  LEU A CA  1 
ATOM   758  C C   . LEU A 1 98  ? 1.635   12.713  9.197   1.000 16.744 ? 96  LEU A C   1 
ATOM   759  O O   . LEU A 1 98  ? 2.042   12.745  8.035   1.000 15.167 ? 96  LEU A O   1 
ATOM   760  C CB  . LEU A 1 98  ? 1.560   10.655  10.656  1.000 16.930 ? 96  LEU A CB  1 
ATOM   761  C CG  . LEU A 1 98  ? 0.910   9.335   11.067  1.000 17.998 ? 96  LEU A CG  1 
ATOM   762  C CD1 . LEU A 1 98  ? 1.692   8.719   12.217  1.000 19.091 ? 96  LEU A CD1 1 
ATOM   763  C CD2 . LEU A 1 98  ? -0.547  9.501   11.448  1.000 18.566 ? 96  LEU A CD2 1 
ATOM   764  N N   . PRO A 1 99  ? 1.950   13.701  10.063  1.000 17.494 ? 97  PRO A N   1 
ATOM   765  C CA  . PRO A 1 99  ? 2.747   14.850  9.626   1.000 16.673 ? 97  PRO A CA  1 
ATOM   766  C C   . PRO A 1 99  ? 4.071   14.475  8.930   1.000 16.843 ? 97  PRO A C   1 
ATOM   767  O O   . PRO A 1 99  ? 4.407   15.102  7.931   1.000 16.282 ? 97  PRO A O   1 
ATOM   768  C CB  . PRO A 1 99  ? 2.967   15.599  10.954  1.000 17.397 ? 97  PRO A CB  1 
ATOM   769  C CG  . PRO A 1 99  ? 1.718   15.279  11.764  1.000 17.924 ? 97  PRO A CG  1 
ATOM   770  C CD  . PRO A 1 99  ? 1.475   13.815  11.457  1.000 17.686 ? 97  PRO A CD  1 
ATOM   771  N N   . ASP A 1 100 ? 4.776   13.457  9.437   1.000 16.340 ? 98  ASP A N   1 
ATOM   772  C CA  . ASP A 1 100 ? 6.191   13.140  9.075   1.000 17.993 ? 98  ASP A CA  1 
ATOM   773  C C   . ASP A 1 100 ? 6.293   11.808  8.311   1.000 16.223 ? 98  ASP A C   1 
ATOM   774  O O   . ASP A 1 100 ? 7.404   11.471  7.818   1.000 13.986 ? 98  ASP A O   1 
ATOM   775  C CB  . ASP A 1 100 ? 7.084   13.109  10.323  1.000 20.872 ? 98  ASP A CB  1 
ATOM   776  C CG  . ASP A 1 100 ? 6.565   12.275  11.491  1.000 27.600 ? 98  ASP A CG  1 
ATOM   777  O OD1 . ASP A 1 100 ? 5.348   11.907  11.503  1.000 29.854 ? 98  ASP A OD1 1 
ATOM   778  O OD2 . ASP A 1 100 ? 7.358   12.064  12.441  1.000 37.776 ? 98  ASP A OD2 1 
ATOM   779  N N   . LYS A 1 101 ? 5.216   11.028  8.234   1.000 15.034 ? 99  LYS A N   1 
ATOM   780  C CA  . LYS A 1 101 ? 5.324   9.600   7.838   1.000 14.797 ? 99  LYS A CA  1 
ATOM   781  C C   . LYS A 1 101 ? 3.953   9.042   7.469   1.000 14.006 ? 99  LYS A C   1 
ATOM   782  O O   . LYS A 1 101 ? 2.917   9.669   7.812   1.000 13.249 ? 99  LYS A O   1 
ATOM   783  C CB  . LYS A 1 101 ? 5.947   8.762   8.968   1.000 15.871 ? 99  LYS A CB  1 
ATOM   784  C CG  . LYS A 1 101 ? 5.051   8.526   10.181  1.000 16.857 ? 99  LYS A CG  1 
ATOM   785  C CD  . LYS A 1 101 ? 5.699   7.740   11.324  1.000 19.317 ? 99  LYS A CD  1 
ATOM   786  C CE  . LYS A 1 101 ? 6.794   8.495   12.049  1.000 20.849 ? 99  LYS A CE  1 
ATOM   787  N NZ  . LYS A 1 101 ? 6.235   9.448   13.028  1.000 24.845 ? 99  LYS A NZ  1 
ATOM   788  N N   . TYR A 1 102 ? 3.978   7.889   6.801   1.000 13.728 ? 100 TYR A N   1 
ATOM   789  C CA  . TYR A 1 102 ? 2.834   6.957   6.650   1.000 14.081 ? 100 TYR A CA  1 
ATOM   790  C C   . TYR A 1 102 ? 2.901   5.948   7.795   1.000 14.640 ? 100 TYR A C   1 
ATOM   791  O O   . TYR A 1 102 ? 4.001   5.426   8.098   1.000 13.926 ? 100 TYR A O   1 
ATOM   792  C CB  . TYR A 1 102 ? 2.868   6.237   5.296   1.000 13.411 ? 100 TYR A CB  1 
ATOM   793  C CG  . TYR A 1 102 ? 2.761   7.158   4.108   1.000 12.518 ? 100 TYR A CG  1 
ATOM   794  C CD1 . TYR A 1 102 ? 1.553   7.734   3.762   1.000 12.688 ? 100 TYR A CD1 1 
ATOM   795  C CD2 . TYR A 1 102 ? 3.875   7.480   3.352   1.000 13.002 ? 100 TYR A CD2 1 
ATOM   796  C CE1 . TYR A 1 102 ? 1.450   8.607   2.692   1.000 13.075 ? 100 TYR A CE1 1 
ATOM   797  C CE2 . TYR A 1 102 ? 3.797   8.358   2.282   1.000 12.486 ? 100 TYR A CE2 1 
ATOM   798  C CZ  . TYR A 1 102 ? 2.577   8.915   1.945   1.000 12.569 ? 100 TYR A CZ  1 
ATOM   799  O OH  . TYR A 1 102 ? 2.457   9.755   0.876   1.000 12.713 ? 100 TYR A OH  1 
ATOM   800  N N   . GLN A 1 103 ? 1.757   5.735   8.428   1.000 16.501 ? 101 GLN A N   1 
ATOM   801  C CA  . GLN A 1 103 ? 1.528   4.673   9.440   1.000 17.198 ? 101 GLN A CA  1 
ATOM   802  C C   . GLN A 1 103 ? 0.702   3.578   8.776   1.000 15.926 ? 101 GLN A C   1 
ATOM   803  O O   . GLN A 1 103 ? -0.387  3.874   8.302   1.000 15.592 ? 101 GLN A O   1 
ATOM   804  C CB  . GLN A 1 103 ? 0.810   5.275   10.645  1.000 20.042 ? 101 GLN A CB  1 
ATOM   805  C CG  . GLN A 1 103 ? 0.342   4.249   11.670  1.000 23.785 ? 101 GLN A CG  1 
ATOM   806  C CD  . GLN A 1 103 ? 0.424   4.840   13.052  1.000 27.044 ? 101 GLN A CD  1 
ATOM   807  O OE1 . GLN A 1 103 ? -0.238  5.840   13.350  1.000 32.346 ? 101 GLN A OE1 1 
ATOM   808  N NE2 . GLN A 1 103 ? 1.291   4.264   13.880  1.000 24.207 ? 101 GLN A NE2 1 
ATOM   809  N N   . VAL A 1 104 ? 1.201   2.349   8.776   1.000 15.902 ? 102 VAL A N   1 
ATOM   810  C CA  . VAL A 1 104 ? 0.508   1.187   8.165   1.000 14.985 ? 102 VAL A CA  1 
ATOM   811  C C   . VAL A 1 104 ? 0.026   0.263   9.290   1.000 15.323 ? 102 VAL A C   1 
ATOM   812  O O   . VAL A 1 104 ? 0.877   -0.290  10.029  1.000 15.151 ? 102 VAL A O   1 
ATOM   813  C CB  . VAL A 1 104 ? 1.412   0.475   7.142   1.000 15.391 ? 102 VAL A CB  1 
ATOM   814  C CG1 . VAL A 1 104 ? 0.658   -0.638  6.422   1.000 15.611 ? 102 VAL A CG1 1 
ATOM   815  C CG2 . VAL A 1 104 ? 1.992   1.466   6.134   1.000 16.128 ? 102 VAL A CG2 1 
ATOM   816  N N   . MET A 1 105 ? -1.287  0.088   9.389   1.000 15.380 ? 103 MET A N   1 
ATOM   817  C CA  . MET A 1 105 ? -1.954  -0.850  10.328  1.000 17.388 ? 103 MET A CA  1 
ATOM   818  C C   . MET A 1 105 ? -2.412  -2.068  9.532   1.000 16.342 ? 103 MET A C   1 
ATOM   819  O O   . MET A 1 105 ? -2.981  -1.878  8.439   1.000 15.165 ? 103 MET A O   1 
ATOM   820  C CB  . MET A 1 105 ? -3.191  -0.237  10.991  1.000 19.093 ? 103 MET A CB  1 
ATOM   821  C CG  . MET A 1 105 ? -3.057  1.197   11.369  1.000 23.288 ? 103 MET A CG  1 
ATOM   822  S SD  . MET A 1 105 ? -2.039  1.422   12.830  1.000 27.320 ? 103 MET A SD  1 
ATOM   823  C CE  . MET A 1 105 ? -3.239  0.948   14.077  1.000 25.415 ? 103 MET A CE  1 
ATOM   824  N N   . VAL A 1 106 ? -2.251  -3.255  10.108  1.000 16.300 ? 104 VAL A N   1 
ATOM   825  C CA  . VAL A 1 106 ? -2.805  -4.519  9.559   1.000 17.073 ? 104 VAL A CA  1 
ATOM   826  C C   . VAL A 1 106 ? -3.696  -5.147  10.633  1.000 17.627 ? 104 VAL A C   1 
ATOM   827  O O   . VAL A 1 106 ? -3.164  -5.468  11.735  1.000 17.532 ? 104 VAL A O   1 
ATOM   828  C CB  . VAL A 1 106 ? -1.670  -5.464  9.129   1.000 16.403 ? 104 VAL A CB  1 
ATOM   829  C CG1 . VAL A 1 106 ? -2.231  -6.770  8.570   1.000 16.453 ? 104 VAL A CG1 1 
ATOM   830  C CG2 . VAL A 1 106 ? -0.746  -4.768  8.131   1.000 16.350 ? 104 VAL A CG2 1 
ATOM   831  N N   . ASN A 1 107 ? -4.982  -5.298  10.325  1.000 18.330 ? 105 ASN A N   1 
ATOM   832  C CA  . ASN A 1 107 ? -6.000  -5.893  11.233  1.000 19.427 ? 105 ASN A CA  1 
ATOM   833  C C   . ASN A 1 107 ? -5.992  -5.124  12.561  1.000 21.036 ? 105 ASN A C   1 
ATOM   834  O O   . ASN A 1 107 ? -6.052  -5.778  13.621  1.000 22.278 ? 105 ASN A O   1 
ATOM   835  C CB  . ASN A 1 107 ? -5.743  -7.394  11.393  1.000 19.051 ? 105 ASN A CB  1 
ATOM   836  C CG  . ASN A 1 107 ? -5.745  -8.129  10.067  1.000 19.397 ? 105 ASN A CG  1 
ATOM   837  O OD1 . ASN A 1 107 ? -6.479  -7.767  9.143   1.000 19.319 ? 105 ASN A OD1 1 
ATOM   838  N ND2 . ASN A 1 107 ? -4.933  -9.162  9.962   1.000 19.047 ? 105 ASN A ND2 1 
ATOM   839  N N   . GLY A 1 108 ? -5.866  -3.794  12.505  1.000 21.265 ? 106 GLY A N   1 
ATOM   840  C CA  . GLY A 1 108 ? -5.854  -2.903  13.685  1.000 22.254 ? 106 GLY A CA  1 
ATOM   841  C C   . GLY A 1 108 ? -4.534  -2.882  14.451  1.000 23.428 ? 106 GLY A C   1 
ATOM   842  O O   . GLY A 1 108 ? -4.515  -2.239  15.514  1.000 24.641 ? 106 GLY A O   1 
ATOM   843  N N   . GLN A 1 109 ? -3.450  -3.504  13.960  1.000 22.866 ? 107 GLN A N   1 
ATOM   844  C CA  . GLN A 1 109 ? -2.128  -3.485  14.653  1.000 24.079 ? 107 GLN A CA  1 
ATOM   845  C C   . GLN A 1 109 ? -1.139  -2.601  13.884  1.000 21.272 ? 107 GLN A C   1 
ATOM   846  O O   . GLN A 1 109 ? -0.951  -2.854  12.688  1.000 18.092 ? 107 GLN A O   1 
ATOM   847  C CB  . GLN A 1 109 ? -1.547  -4.894  14.783  1.000 27.016 ? 107 GLN A CB  1 
ATOM   848  C CG  . GLN A 1 109 ? -0.336  -4.916  15.704  1.000 30.928 ? 107 GLN A CG  1 
ATOM   849  C CD  . GLN A 1 109 ? 0.335   -6.259  15.834  1.000 34.617 ? 107 GLN A CD  1 
ATOM   850  O OE1 . GLN A 1 109 ? 1.388   -6.368  16.460  1.000 40.638 ? 107 GLN A OE1 1 
ATOM   851  N NE2 . GLN A 1 109 ? -0.263  -7.288  15.253  1.000 34.902 ? 107 GLN A NE2 1 
ATOM   852  N N   . SER A 1 110 ? -0.481  -1.653  14.559  1.000 18.476 ? 108 SER A N   1 
ATOM   853  C CA  . SER A 1 110 ? 0.623   -0.854  13.976  1.000 18.209 ? 108 SER A CA  1 
ATOM   854  C C   . SER A 1 110 ? 1.712   -1.829  13.511  1.000 16.352 ? 108 SER A C   1 
ATOM   855  O O   . SER A 1 110 ? 2.166   -2.629  14.344  1.000 15.506 ? 108 SER A O   1 
ATOM   856  C CB  . SER A 1 110 ? 1.169   0.175   14.953  1.000 17.888 ? 108 SER A CB  1 
ATOM   857  O OG  . SER A 1 110 ? 2.243   0.895   14.368  1.000 19.740 ? 108 SER A OG  1 
ATOM   858  N N   . SER A 1 111 ? 2.073   -1.799  12.228  1.000 14.601 ? 109 SER A N   1 
ATOM   859  C CA  . SER A 1 111 ? 2.955   -2.827  11.602  1.000 14.320 ? 109 SER A CA  1 
ATOM   860  C C   . SER A 1 111 ? 4.149   -2.199  10.876  1.000 13.394 ? 109 SER A C   1 
ATOM   861  O O   . SER A 1 111 ? 5.223   -2.808  10.907  1.000 13.553 ? 109 SER A O   1 
ATOM   862  C CB  . SER A 1 111 ? 2.151   -3.726  10.698  1.000 14.347 ? 109 SER A CB  1 
ATOM   863  O OG  . SER A 1 111 ? 1.096   -4.348  11.420  1.000 13.902 ? 109 SER A OG  1 
ATOM   864  N N   . TYR A 1 112 ? 3.986   -1.071  10.178  1.000 13.295 ? 110 TYR A N   1 
ATOM   865  C CA  . TYR A 1 112 ? 5.079   -0.429  9.392   1.000 13.963 ? 110 TYR A CA  1 
ATOM   866  C C   . TYR A 1 112 ? 4.914   1.088   9.457   1.000 14.441 ? 110 TYR A C   1 
ATOM   867  O O   . TYR A 1 112 ? 3.765   1.563   9.563   1.000 14.095 ? 110 TYR A O   1 
ATOM   868  C CB  . TYR A 1 112 ? 5.109   -0.910  7.933   1.000 13.605 ? 110 TYR A CB  1 
ATOM   869  C CG  . TYR A 1 112 ? 4.827   -2.381  7.757   1.000 13.991 ? 110 TYR A CG  1 
ATOM   870  C CD1 . TYR A 1 112 ? 3.527   -2.839  7.639   1.000 14.174 ? 110 TYR A CD1 1 
ATOM   871  C CD2 . TYR A 1 112 ? 5.849   -3.326  7.776   1.000 14.694 ? 110 TYR A CD2 1 
ATOM   872  C CE1 . TYR A 1 112 ? 3.245   -4.190  7.515   1.000 14.266 ? 110 TYR A CE1 1 
ATOM   873  C CE2 . TYR A 1 112 ? 5.581   -4.682  7.658   1.000 14.507 ? 110 TYR A CE2 1 
ATOM   874  C CZ  . TYR A 1 112 ? 4.272   -5.115  7.530   1.000 14.715 ? 110 TYR A CZ  1 
ATOM   875  O OH  . TYR A 1 112 ? 3.967   -6.442  7.401   1.000 14.325 ? 110 TYR A OH  1 
ATOM   876  N N   . THR A 1 113 ? 6.034   1.809   9.420   1.000 15.854 ? 111 THR A N   1 
ATOM   877  C CA  . THR A 1 113 ? 6.064   3.263   9.141   1.000 16.661 ? 111 THR A CA  1 
ATOM   878  C C   . THR A 1 113 ? 7.142   3.589   8.103   1.000 16.360 ? 111 THR A C   1 
ATOM   879  O O   . THR A 1 113 ? 8.112   2.840   7.937   1.000 16.901 ? 111 THR A O   1 
ATOM   880  C CB  . THR A 1 113 ? 6.254   4.110   10.411  1.000 18.747 ? 111 THR A CB  1 
ATOM   881  O OG1 . THR A 1 113 ? 7.412   3.646   11.104  1.000 21.278 ? 111 THR A OG1 1 
ATOM   882  C CG2 . THR A 1 113 ? 5.061   4.084   11.341  1.000 19.636 ? 111 THR A CG2 1 
ATOM   883  N N   . PHE A 1 114 ? 6.978   4.736   7.458   1.000 16.020 ? 112 PHE A N   1 
ATOM   884  C CA  . PHE A 1 114 ? 7.810   5.181   6.320   1.000 15.058 ? 112 PHE A CA  1 
ATOM   885  C C   . PHE A 1 114 ? 7.751   6.701   6.298   1.000 15.105 ? 112 PHE A C   1 
ATOM   886  O O   . PHE A 1 114 ? 6.638   7.266   6.090   1.000 12.492 ? 112 PHE A O   1 
ATOM   887  C CB  . PHE A 1 114 ? 7.285   4.576   5.022   1.000 15.630 ? 112 PHE A CB  1 
ATOM   888  C CG  . PHE A 1 114 ? 8.073   4.929   3.790   1.000 15.293 ? 112 PHE A CG  1 
ATOM   889  C CD1 . PHE A 1 114 ? 9.131   4.137   3.382   1.000 15.723 ? 112 PHE A CD1 1 
ATOM   890  C CD2 . PHE A 1 114 ? 7.744   6.036   3.022   1.000 15.657 ? 112 PHE A CD2 1 
ATOM   891  C CE1 . PHE A 1 114 ? 9.819   4.422   2.208   1.000 15.727 ? 112 PHE A CE1 1 
ATOM   892  C CE2 . PHE A 1 114 ? 8.435   6.319   1.849   1.000 14.807 ? 112 PHE A CE2 1 
ATOM   893  C CZ  . PHE A 1 114 ? 9.472   5.515   1.450   1.000 14.878 ? 112 PHE A CZ  1 
ATOM   894  N N   . ASP A 1 115 ? 8.886   7.334   6.568   1.000 14.761 ? 113 ASP A N   1 
ATOM   895  C CA  . ASP A 1 115 ? 8.973   8.817   6.589   1.000 15.621 ? 113 ASP A CA  1 
ATOM   896  C C   . ASP A 1 115 ? 8.690   9.355   5.185   1.000 14.022 ? 113 ASP A C   1 
ATOM   897  O O   . ASP A 1 115 ? 9.150   8.756   4.202   1.000 13.885 ? 113 ASP A O   1 
ATOM   898  C CB  . ASP A 1 115 ? 10.337  9.302   7.096   1.000 16.351 ? 113 ASP A CB  1 
ATOM   899  C CG  . ASP A 1 115 ? 10.536  9.100   8.589   1.000 19.542 ? 113 ASP A CG  1 
ATOM   900  O OD1 . ASP A 1 115 ? 9.562   8.752   9.280   1.000 18.208 ? 113 ASP A OD1 1 
ATOM   901  O OD2 . ASP A 1 115 ? 11.674  9.291   9.045   1.000 23.356 ? 113 ASP A OD2 1 
ATOM   902  N N   . HIS A 1 116 ? 8.007   10.495  5.107   1.000 14.242 ? 114 HIS A N   1 
ATOM   903  C CA  . HIS A 1 116 ? 7.740   11.206  3.833   1.000 14.497 ? 114 HIS A CA  1 
ATOM   904  C C   . HIS A 1 116 ? 9.082   11.531  3.173   1.000 15.368 ? 114 HIS A C   1 
ATOM   905  O O   . HIS A 1 116 ? 9.900   12.180  3.821   1.000 14.992 ? 114 HIS A O   1 
ATOM   906  C CB  . HIS A 1 116 ? 6.879   12.450  4.070   1.000 14.455 ? 114 HIS A CB  1 
ATOM   907  C CG  . HIS A 1 116 ? 5.514   12.123  4.560   1.000 14.213 ? 114 HIS A CG  1 
ATOM   908  N ND1 . HIS A 1 116 ? 4.741   11.134  3.973   1.000 13.793 ? 114 HIS A ND1 1 
ATOM   909  C CD2 . HIS A 1 116 ? 4.780   12.626  5.582   1.000 14.029 ? 114 HIS A CD2 1 
ATOM   910  C CE1 . HIS A 1 116 ? 3.589   11.053  4.604   1.000 13.524 ? 114 HIS A CE1 1 
ATOM   911  N NE2 . HIS A 1 116 ? 3.582   11.952  5.597   1.000 13.612 ? 114 HIS A NE2 1 
ATOM   912  N N   . ARG A 1 117 ? 9.284   11.113  1.924   1.000 14.865 ? 115 ARG A N   1 
ATOM   913  C CA  . ARG A 1 117 ? 10.410  11.602  1.074   1.000 15.008 ? 115 ARG A CA  1 
ATOM   914  C C   . ARG A 1 117 ? 9.941   12.752  0.189   1.000 15.535 ? 115 ARG A C   1 
ATOM   915  O O   . ARG A 1 117 ? 10.774  13.562  -0.239  1.000 15.848 ? 115 ARG A O   1 
ATOM   916  C CB  . ARG A 1 117 ? 10.928  10.446  0.230   1.000 15.344 ? 115 ARG A CB  1 
ATOM   917  C CG  . ARG A 1 117 ? 11.394  9.273   1.071   1.000 16.148 ? 115 ARG A CG  1 
ATOM   918  C CD  . ARG A 1 117 ? 11.847  8.138   0.197   1.000 16.723 ? 115 ARG A CD  1 
ATOM   919  N NE  . ARG A 1 117 ? 12.455  7.112   1.010   1.000 16.908 ? 115 ARG A NE  1 
ATOM   920  C CZ  . ARG A 1 117 ? 12.946  5.976   0.550   1.000 16.865 ? 115 ARG A CZ  1 
ATOM   921  N NH1 . ARG A 1 117 ? 12.890  5.687   -0.743  1.000 17.882 ? 115 ARG A NH1 1 
ATOM   922  N NH2 . ARG A 1 117 ? 13.482  5.116   1.399   1.000 17.725 ? 115 ARG A NH2 1 
ATOM   923  N N   . ILE A 1 118 ? 8.652   12.754  -0.127  1.000 15.906 ? 116 ILE A N   1 
ATOM   924  C CA  . ILE A 1 118 ? 7.950   13.742  -0.993  1.000 15.892 ? 116 ILE A CA  1 
ATOM   925  C C   . ILE A 1 118 ? 6.678   14.075  -0.227  1.000 16.475 ? 116 ILE A C   1 
ATOM   926  O O   . ILE A 1 118 ? 6.111   13.148  0.385   1.000 15.926 ? 116 ILE A O   1 
ATOM   927  C CB  . ILE A 1 118 ? 7.653   13.168  -2.395  1.000 15.841 ? 116 ILE A CB  1 
ATOM   928  C CG1 . ILE A 1 118 ? 8.927   12.705  -3.109  1.000 16.134 ? 116 ILE A CG1 1 
ATOM   929  C CG2 . ILE A 1 118 ? 6.853   14.155  -3.248  1.000 15.904 ? 116 ILE A CG2 1 
ATOM   930  C CD1 . ILE A 1 118 ? 8.677   11.775  -4.269  1.000 16.492 ? 116 ILE A CD1 1 
ATOM   931  N N   . LYS A 1 119 ? 6.242   15.330  -0.243  1.000 17.930 ? 117 LYS A N   1 
ATOM   932  C CA  . LYS A 1 119 ? 4.984   15.738  0.439   1.000 19.454 ? 117 LYS A CA  1 
ATOM   933  C C   . LYS A 1 119 ? 3.841   14.848  -0.061  1.000 17.087 ? 117 LYS A C   1 
ATOM   934  O O   . LYS A 1 119 ? 3.730   14.587  -1.258  1.000 14.241 ? 117 LYS A O   1 
ATOM   935  C CB  . LYS A 1 119 ? 4.702   17.222  0.201   1.000 23.405 ? 117 LYS A CB  1 
ATOM   936  C CG  . LYS A 1 119 ? 4.441   17.579  -1.256  1.000 27.520 ? 117 LYS A CG  1 
ATOM   937  C CD  . LYS A 1 119 ? 4.014   19.007  -1.502  1.000 31.938 ? 117 LYS A CD  1 
ATOM   938  C CE  . LYS A 1 119 ? 3.616   19.189  -2.955  1.000 35.564 ? 117 LYS A CE  1 
ATOM   939  N NZ  . LYS A 1 119 ? 3.197   20.582  -3.239  1.000 40.158 ? 117 LYS A NZ  1 
ATOM   940  N N   . PRO A 1 120 ? 2.944   14.364  0.827   1.000 16.667 ? 118 PRO A N   1 
ATOM   941  C CA  . PRO A 1 120 ? 1.790   13.564  0.388   1.000 16.302 ? 118 PRO A CA  1 
ATOM   942  C C   . PRO A 1 120 ? 0.827   14.287  -0.578  1.000 15.737 ? 118 PRO A C   1 
ATOM   943  O O   . PRO A 1 120 ? 0.148   13.635  -1.333  1.000 14.544 ? 118 PRO A O   1 
ATOM   944  C CB  . PRO A 1 120 ? 1.084   13.202  1.698   1.000 16.458 ? 118 PRO A CB  1 
ATOM   945  C CG  . PRO A 1 120 ? 1.614   14.181  2.725   1.000 17.091 ? 118 PRO A CG  1 
ATOM   946  C CD  . PRO A 1 120 ? 3.026   14.499  2.291   1.000 17.204 ? 118 PRO A CD  1 
ATOM   947  N N   . GLU A 1 121 ? 0.848   15.621  -0.592  1.000 15.432 ? 119 GLU A N   1 
ATOM   948  C CA  . GLU A 1 121 ? 0.049   16.464  -1.522  1.000 15.854 ? 119 GLU A CA  1 
ATOM   949  C C   . GLU A 1 121 ? 0.426   16.187  -2.990  1.000 15.393 ? 119 GLU A C   1 
ATOM   950  O O   . GLU A 1 121 ? -0.386  16.520  -3.869  1.000 15.371 ? 119 GLU A O   1 
ATOM   951  C CB  . GLU A 1 121 ? 0.233   17.950  -1.176  1.000 17.279 ? 119 GLU A CB  1 
ATOM   952  C CG  . GLU A 1 121 ? -0.482  18.361  0.102   1.000 18.208 ? 119 GLU A CG  1 
ATOM   953  C CD  . GLU A 1 121 ? 0.201   18.021  1.424   1.000 20.651 ? 119 GLU A CD  1 
ATOM   954  O OE1 . GLU A 1 121 ? 1.333   17.485  1.415   1.000 18.002 ? 119 GLU A OE1 1 
ATOM   955  O OE2 . GLU A 1 121 ? -0.426  18.276  2.477   1.000 23.834 ? 119 GLU A OE2 1 
ATOM   956  N N   . ALA A 1 122 ? 1.604   15.623  -3.274  1.000 14.948 ? 120 ALA A N   1 
ATOM   957  C CA  . ALA A 1 122 ? 2.034   15.273  -4.649  1.000 14.465 ? 120 ALA A CA  1 
ATOM   958  C C   . ALA A 1 122 ? 1.263   14.059  -5.192  1.000 14.404 ? 120 ALA A C   1 
ATOM   959  O O   . ALA A 1 122 ? 1.354   13.834  -6.393  1.000 14.482 ? 120 ALA A O   1 
ATOM   960  C CB  . ALA A 1 122 ? 3.514   15.008  -4.686  1.000 15.228 ? 120 ALA A CB  1 
ATOM   961  N N   . VAL A 1 123 ? 0.564   13.288  -4.354  1.000 13.629 ? 121 VAL A N   1 
ATOM   962  C CA  . VAL A 1 123 ? -0.165  12.058  -4.778  1.000 12.882 ? 121 VAL A CA  1 
ATOM   963  C C   . VAL A 1 123 ? -1.414  12.453  -5.568  1.000 13.290 ? 121 VAL A C   1 
ATOM   964  O O   . VAL A 1 123 ? -2.181  13.323  -5.083  1.000 12.107 ? 121 VAL A O   1 
ATOM   965  C CB  . VAL A 1 123 ? -0.539  11.161  -3.585  1.000 13.073 ? 121 VAL A CB  1 
ATOM   966  C CG1 . VAL A 1 123 ? -1.464  10.028  -4.016  1.000 12.437 ? 121 VAL A CG1 1 
ATOM   967  C CG2 . VAL A 1 123 ? 0.712   10.620  -2.896  1.000 13.056 ? 121 VAL A CG2 1 
ATOM   968  N N   . LYS A 1 124 ? -1.643  11.788  -6.702  1.000 13.061 ? 122 LYS A N   1 
ATOM   969  C CA  . LYS A 1 124 ? -2.882  11.955  -7.499  1.000 14.352 ? 122 LYS A CA  1 
ATOM   970  C C   . LYS A 1 124 ? -3.640  10.632  -7.692  1.000 13.539 ? 122 LYS A C   1 
ATOM   971  O O   . LYS A 1 124 ? -4.778  10.697  -8.163  1.000 13.942 ? 122 LYS A O   1 
ATOM   972  C CB  . LYS A 1 124 ? -2.523  12.564  -8.849  1.000 16.368 ? 122 LYS A CB  1 
ATOM   973  C CG  . LYS A 1 124 ? -2.116  14.026  -8.767  1.000 17.829 ? 122 LYS A CG  1 
ATOM   974  C CD  . LYS A 1 124 ? -2.153  14.725  -10.104 1.000 19.913 ? 122 LYS A CD  1 
ATOM   975  C CE  . LYS A 1 124 ? -1.575  16.122  -10.019 1.000 23.178 ? 122 LYS A CE  1 
ATOM   976  N NZ  . LYS A 1 124 ? -1.138  16.574  -11.361 1.000 27.977 ? 122 LYS A NZ  1 
ATOM   977  N N   . MET A 1 125 ? -3.043  9.481   -7.396  1.000 13.030 ? 123 MET A N   1 
ATOM   978  C CA  . MET A 1 125 ? -3.645  8.165   -7.739  1.000 13.002 ? 123 MET A CA  1 
ATOM   979  C C   . MET A 1 125 ? -3.062  7.101   -6.806  1.000 12.705 ? 123 MET A C   1 
ATOM   980  O O   . MET A 1 125 ? -1.892  7.232   -6.400  1.000 12.690 ? 123 MET A O   1 
ATOM   981  C CB  . MET A 1 125 ? -3.377  7.837   -9.214  1.000 13.695 ? 123 MET A CB  1 
ATOM   982  C CG  . MET A 1 125 ? -3.841  6.455   -9.677  1.000 13.903 ? 123 MET A CG  1 
ATOM   983  S SD  . MET A 1 125 ? -2.544  5.180   -9.461  1.000 14.600 ? 123 MET A SD  1 
ATOM   984  C CE  . MET A 1 125 ? -1.710  5.197   -11.043 1.000 14.286 ? 123 MET A CE  1 
ATOM   985  N N   . VAL A 1 126 ? -3.879  6.107   -6.465  1.000 12.569 ? 124 VAL A N   1 
ATOM   986  C CA  . VAL A 1 126 ? -3.474  4.902   -5.690  1.000 12.707 ? 124 VAL A CA  1 
ATOM   987  C C   . VAL A 1 126 ? -3.750  3.694   -6.569  1.000 13.018 ? 124 VAL A C   1 
ATOM   988  O O   . VAL A 1 126 ? -4.876  3.591   -7.131  1.000 13.105 ? 124 VAL A O   1 
ATOM   989  C CB  . VAL A 1 126 ? -4.216  4.790   -4.341  1.000 12.607 ? 124 VAL A CB  1 
ATOM   990  C CG1 . VAL A 1 126 ? -3.807  3.525   -3.589  1.000 12.163 ? 124 VAL A CG1 1 
ATOM   991  C CG2 . VAL A 1 126 ? -3.994  6.037   -3.481  1.000 13.080 ? 124 VAL A CG2 1 
ATOM   992  N N   . GLN A 1 127 ? -2.770  2.809   -6.689  1.000 13.011 ? 125 GLN A N   1 
ATOM   993  C CA  . GLN A 1 127 ? -2.984  1.516   -7.371  1.000 13.396 ? 125 GLN A CA  1 
ATOM   994  C C   . GLN A 1 127 ? -2.742  0.362   -6.387  1.000 12.921 ? 125 GLN A C   1 
ATOM   995  O O   . GLN A 1 127 ? -1.721  0.364   -5.710  1.000 12.529 ? 125 GLN A O   1 
ATOM   996  C CB  . GLN A 1 127 ? -2.091  1.399   -8.597  1.000 14.559 ? 125 GLN A CB  1 
ATOM   997  C CG  . GLN A 1 127 ? -2.435  0.165   -9.410  1.000 15.946 ? 125 GLN A CG  1 
ATOM   998  C CD  . GLN A 1 127 ? -1.769  0.184   -10.756 1.000 17.823 ? 125 GLN A CD  1 
ATOM   999  O OE1 . GLN A 1 127 ? -0.550  0.040   -10.863 1.000 19.203 ? 125 GLN A OE1 1 
ATOM   1000 N NE2 . GLN A 1 127 ? -2.577  0.388   -11.790 1.000 19.558 ? 125 GLN A NE2 1 
ATOM   1001 N N   . VAL A 1 128 ? -3.676  -0.579  -6.343  1.000 12.520 ? 126 VAL A N   1 
ATOM   1002 C CA  . VAL A 1 128 ? -3.616  -1.813  -5.518  1.000 12.343 ? 126 VAL A CA  1 
ATOM   1003 C C   . VAL A 1 128 ? -3.617  -2.980  -6.493  1.000 12.052 ? 126 VAL A C   1 
ATOM   1004 O O   . VAL A 1 128 ? -4.557  -3.059  -7.332  1.000 13.166 ? 126 VAL A O   1 
ATOM   1005 C CB  . VAL A 1 128 ? -4.793  -1.910  -4.528  1.000 12.501 ? 126 VAL A CB  1 
ATOM   1006 C CG1 . VAL A 1 128 ? -4.698  -3.143  -3.635  1.000 12.689 ? 126 VAL A CG1 1 
ATOM   1007 C CG2 . VAL A 1 128 ? -4.903  -0.665  -3.675  1.000 12.591 ? 126 VAL A CG2 1 
ATOM   1008 N N   . TRP A 1 129 ? -2.611  -3.842  -6.413  1.000 11.900 ? 127 TRP A N   1 
ATOM   1009 C CA  . TRP A 1 129 ? -2.446  -4.903  -7.432  1.000 11.644 ? 127 TRP A CA  1 
ATOM   1010 C C   . TRP A 1 129 ? -1.627  -6.079  -6.902  1.000 12.221 ? 127 TRP A C   1 
ATOM   1011 O O   . TRP A 1 129 ? -1.328  -6.093  -5.688  1.000 11.650 ? 127 TRP A O   1 
ATOM   1012 C CB  . TRP A 1 129 ? -1.906  -4.274  -8.724  1.000 11.643 ? 127 TRP A CB  1 
ATOM   1013 C CG  . TRP A 1 129 ? -0.520  -3.707  -8.681  1.000 11.217 ? 127 TRP A CG  1 
ATOM   1014 C CD1 . TRP A 1 129 ? -0.057  -2.646  -7.955  1.000 11.388 ? 127 TRP A CD1 1 
ATOM   1015 C CD2 . TRP A 1 129 ? 0.577   -4.127  -9.503  1.000 11.526 ? 127 TRP A CD2 1 
ATOM   1016 N NE1 . TRP A 1 129 ? 1.253   -2.401  -8.249  1.000 11.209 ? 127 TRP A NE1 1 
ATOM   1017 C CE2 . TRP A 1 129 ? 1.679   -3.305  -9.182  1.000 11.548 ? 127 TRP A CE2 1 
ATOM   1018 C CE3 . TRP A 1 129 ? 0.731   -5.130  -10.461 1.000 11.378 ? 127 TRP A CE3 1 
ATOM   1019 C CZ2 . TRP A 1 129 ? 2.924   -3.467  -9.789  1.000 11.742 ? 127 TRP A CZ2 1 
ATOM   1020 C CZ3 . TRP A 1 129 ? 1.965   -5.302  -11.044 1.000 12.164 ? 127 TRP A CZ3 1 
ATOM   1021 C CH2 . TRP A 1 129 ? 3.041   -4.475  -10.716 1.000 11.858 ? 127 TRP A CH2 1 
ATOM   1022 N N   . ARG A 1 130 ? -1.364  -7.043  -7.797  1.000 12.480 ? 128 ARG A N   1 
ATOM   1023 C CA  . ARG A 1 130 ? -0.694  -8.358  -7.572  1.000 13.076 ? 128 ARG A CA  1 
ATOM   1024 C C   . ARG A 1 130 ? -1.728  -9.367  -7.062  1.000 12.870 ? 128 ARG A C   1 
ATOM   1025 O O   . ARG A 1 130 ? -2.889  -9.272  -7.499  1.000 12.736 ? 128 ARG A O   1 
ATOM   1026 C CB  . ARG A 1 130 ? 0.585   -8.163  -6.764  1.000 13.825 ? 128 ARG A CB  1 
ATOM   1027 C CG  . ARG A 1 130 ? 1.449   -7.058  -7.376  1.000 15.016 ? 128 ARG A CG  1 
ATOM   1028 C CD  . ARG A 1 130 ? 2.887   -7.455  -7.343  1.000 15.034 ? 128 ARG A CD  1 
ATOM   1029 N NE  . ARG A 1 130 ? 3.865   -6.428  -7.662  1.000 14.509 ? 128 ARG A NE  1 
ATOM   1030 C CZ  . ARG A 1 130 ? 4.724   -6.493  -8.679  1.000 15.250 ? 128 ARG A CZ  1 
ATOM   1031 N NH1 . ARG A 1 130 ? 4.630   -7.475  -9.571  1.000 15.362 ? 128 ARG A NH1 1 
ATOM   1032 N NH2 . ARG A 1 130 ? 5.655   -5.555  -8.821  1.000 14.261 ? 128 ARG A NH2 1 
ATOM   1033 N N   . ASP A 1 131 ? -1.318  -10.343 -6.250  1.000 12.927 ? 129 ASP A N   1 
ATOM   1034 C CA  . ASP A 1 131 ? -2.005  -11.657 -6.116  1.000 12.931 ? 129 ASP A CA  1 
ATOM   1035 C C   . ASP A 1 131 ? -3.045  -11.573 -4.991  1.000 13.216 ? 129 ASP A C   1 
ATOM   1036 O O   . ASP A 1 131 ? -3.011  -12.423 -4.043  1.000 12.984 ? 129 ASP A O   1 
ATOM   1037 C CB  . ASP A 1 131 ? -0.996  -12.779 -5.912  1.000 12.831 ? 129 ASP A CB  1 
ATOM   1038 C CG  . ASP A 1 131 ? 0.132   -12.708 -6.921  1.000 12.799 ? 129 ASP A CG  1 
ATOM   1039 O OD1 . ASP A 1 131 ? -0.175  -12.822 -8.140  1.000 13.452 ? 129 ASP A OD1 1 
ATOM   1040 O OD2 . ASP A 1 131 ? 1.280   -12.444 -6.488  1.000 12.599 ? 129 ASP A OD2 1 
ATOM   1041 N N   . ILE A 1 132 ? -3.994  -10.636 -5.105  1.000 13.464 ? 130 ILE A N   1 
ATOM   1042 C CA  . ILE A 1 132 ? -5.086  -10.514 -4.099  1.000 14.610 ? 130 ILE A CA  1 
ATOM   1043 C C   . ILE A 1 132 ? -6.446  -10.399 -4.790  1.000 15.050 ? 130 ILE A C   1 
ATOM   1044 O O   . ILE A 1 132 ? -6.515  -9.975  -5.953  1.000 14.988 ? 130 ILE A O   1 
ATOM   1045 C CB  . ILE A 1 132 ? -4.826  -9.340  -3.136  1.000 16.114 ? 130 ILE A CB  1 
ATOM   1046 C CG1 . ILE A 1 132 ? -4.806  -7.999  -3.879  1.000 17.297 ? 130 ILE A CG1 1 
ATOM   1047 C CG2 . ILE A 1 132 ? -3.543  -9.560  -2.343  1.000 15.956 ? 130 ILE A CG2 1 
ATOM   1048 C CD1 . ILE A 1 132 ? -5.744  -7.020  -3.280  1.000 19.165 ? 130 ILE A CD1 1 
ATOM   1049 N N   . SER A 1 133 ? -7.500  -10.714 -4.044  1.000 15.728 ? 131 SER A N   1 
ATOM   1050 C CA  . SER A 1 133 ? -8.883  -10.252 -4.317  1.000 16.972 ? 131 SER A CA  1 
ATOM   1051 C C   . SER A 1 133 ? -9.148  -9.081  -3.378  1.000 17.318 ? 131 SER A C   1 
ATOM   1052 O O   . SER A 1 133 ? -8.598  -9.097  -2.266  1.000 17.158 ? 131 SER A O   1 
ATOM   1053 C CB  . SER A 1 133 ? -9.900  -11.347 -4.141  1.000 17.144 ? 131 SER A CB  1 
ATOM   1054 O OG  . SER A 1 133 ? -9.846  -11.840 -2.827  1.000 16.741 ? 131 SER A OG  1 
ATOM   1055 N N   . LEU A 1 134 ? -9.900  -8.098  -3.862  1.000 16.796 ? 132 LEU A N   1 
ATOM   1056 C CA  . LEU A 1 134 ? -10.154 -6.805  -3.187  1.000 19.017 ? 132 LEU A CA  1 
ATOM   1057 C C   . LEU A 1 134 ? -11.673 -6.657  -3.026  1.000 19.585 ? 132 LEU A C   1 
ATOM   1058 O O   . LEU A 1 134 ? -12.392 -6.680  -4.058  1.000 19.053 ? 132 LEU A O   1 
ATOM   1059 C CB  . LEU A 1 134 ? -9.520  -5.754  -4.103  1.000 21.102 ? 132 LEU A CB  1 
ATOM   1060 C CG  . LEU A 1 134 ? -9.500  -4.296  -3.671  1.000 24.165 ? 132 LEU A CG  1 
ATOM   1061 C CD1 . LEU A 1 134 ? -8.802  -4.109  -2.334  1.000 26.662 ? 132 LEU A CD1 1 
ATOM   1062 C CD2 . LEU A 1 134 ? -8.801  -3.467  -4.747  1.000 26.164 ? 132 LEU A CD2 1 
ATOM   1063 N N   . THR A 1 135 ? -12.162 -6.510  -1.795  1.000 21.024 ? 133 THR A N   1 
ATOM   1064 C CA  . THR A 1 135 ? -13.610 -6.268  -1.522  1.000 22.193 ? 133 THR A CA  1 
ATOM   1065 C C   . THR A 1 135 ? -13.876 -4.802  -1.179  1.000 22.951 ? 133 THR A C   1 
ATOM   1066 O O   . THR A 1 135 ? -15.021 -4.383  -1.387  1.000 25.250 ? 133 THR A O   1 
ATOM   1067 C CB  . THR A 1 135 ? -14.158 -7.215  -0.447  1.000 23.945 ? 133 THR A CB  1 
ATOM   1068 O OG1 . THR A 1 135 ? -13.364 -7.087  0.730   1.000 24.347 ? 133 THR A OG1 1 
ATOM   1069 C CG2 . THR A 1 135 ? -14.161 -8.658  -0.904  1.000 24.926 ? 133 THR A CG2 1 
ATOM   1070 N N   . LYS A 1 136 ? -12.899 -4.050  -0.661  1.000 21.449 ? 134 LYS A N   1 
ATOM   1071 C CA  . LYS A 1 136 ? -13.121 -2.661  -0.169  1.000 22.764 ? 134 LYS A CA  1 
ATOM   1072 C C   . LYS A 1 136 ? -11.884 -1.801  -0.440  1.000 18.092 ? 134 LYS A C   1 
ATOM   1073 O O   . LYS A 1 136 ? -10.765 -2.278  -0.231  1.000 15.695 ? 134 LYS A O   1 
ATOM   1074 C CB  . LYS A 1 136 ? -13.437 -2.618  1.329   1.000 27.548 ? 134 LYS A CB  1 
ATOM   1075 C CG  . LYS A 1 136 ? -14.638 -3.444  1.785   1.000 35.265 ? 134 LYS A CG  1 
ATOM   1076 C CD  . LYS A 1 136 ? -15.990 -2.905  1.302   1.000 40.471 ? 134 LYS A CD  1 
ATOM   1077 C CE  . LYS A 1 136 ? -17.070 -3.966  1.166   1.000 44.358 ? 134 LYS A CE  1 
ATOM   1078 N NZ  . LYS A 1 136 ? -17.016 -4.991  2.238   1.000 46.602 ? 134 LYS A NZ  1 
ATOM   1079 N N   . PHE A 1 137 ? -12.105 -0.591  -0.933  1.000 15.652 ? 135 PHE A N   1 
ATOM   1080 C CA  . PHE A 1 137 ? -11.083 0.474   -1.071  1.000 16.305 ? 135 PHE A CA  1 
ATOM   1081 C C   . PHE A 1 137 ? -11.757 1.798   -0.699  1.000 16.428 ? 135 PHE A C   1 
ATOM   1082 O O   . PHE A 1 137 ? -12.759 2.135   -1.353  1.000 15.338 ? 135 PHE A O   1 
ATOM   1083 C CB  . PHE A 1 137 ? -10.495 0.515   -2.487  1.000 15.911 ? 135 PHE A CB  1 
ATOM   1084 C CG  . PHE A 1 137 ? -9.435  1.571   -2.657  1.000 15.813 ? 135 PHE A CG  1 
ATOM   1085 C CD1 . PHE A 1 137 ? -9.774  2.895   -2.885  1.000 15.939 ? 135 PHE A CD1 1 
ATOM   1086 C CD2 . PHE A 1 137 ? -8.089  1.258   -2.502  1.000 15.715 ? 135 PHE A CD2 1 
ATOM   1087 C CE1 . PHE A 1 137 ? -8.794  3.875   -2.989  1.000 15.604 ? 135 PHE A CE1 1 
ATOM   1088 C CE2 . PHE A 1 137 ? -7.114  2.238   -2.624  1.000 15.824 ? 135 PHE A CE2 1 
ATOM   1089 C CZ  . PHE A 1 137 ? -7.465  3.545   -2.857  1.000 15.556 ? 135 PHE A CZ  1 
ATOM   1090 N N   . ASN A 1 138 ? -11.250 2.500   0.318   1.000 17.446 ? 136 ASN A N   1 
ATOM   1091 C CA  . ASN A 1 138 ? -11.801 3.811   0.747   1.000 19.456 ? 136 ASN A CA  1 
ATOM   1092 C C   . ASN A 1 138 ? -10.660 4.763   1.105   1.000 18.983 ? 136 ASN A C   1 
ATOM   1093 O O   . ASN A 1 138 ? -9.704  4.339   1.777   1.000 16.958 ? 136 ASN A O   1 
ATOM   1094 C CB  . ASN A 1 138 ? -12.800 3.660   1.896   1.000 22.261 ? 136 ASN A CB  1 
ATOM   1095 C CG  . ASN A 1 138 ? -14.135 3.143   1.403   1.000 28.019 ? 136 ASN A CG  1 
ATOM   1096 O OD1 . ASN A 1 138 ? -14.442 1.973   1.603   1.000 27.761 ? 136 ASN A OD1 1 
ATOM   1097 N ND2 . ASN A 1 138 ? -14.900 3.978   0.701   1.000 27.600 ? 136 ASN A ND2 1 
ATOM   1098 N N   . VAL A 1 139 ? -10.784 6.011   0.659   1.000 18.527 ? 137 VAL A N   1 
ATOM   1099 C CA  . VAL A 1 139 ? -9.975  7.164   1.141   1.000 18.890 ? 137 VAL A CA  1 
ATOM   1100 C C   . VAL A 1 139 ? -10.921 8.028   1.974   1.000 20.548 ? 137 VAL A C   1 
ATOM   1101 O O   . VAL A 1 139 ? -11.988 8.426   1.444   1.000 19.789 ? 137 VAL A O   1 
ATOM   1102 C CB  . VAL A 1 139 ? -9.322  7.930   -0.030  1.000 18.426 ? 137 VAL A CB  1 
ATOM   1103 C CG1 . VAL A 1 139 ? -8.455  9.083   0.457   1.000 18.487 ? 137 VAL A CG1 1 
ATOM   1104 C CG2 . VAL A 1 139 ? -8.508  7.009   -0.916  1.000 18.758 ? 137 VAL A CG2 1 
ATOM   1105 N N   . SER A 1 140 ? -10.566 8.258   3.238   1.000 21.158 ? 138 SER A N   1 
ATOM   1106 C CA  . SER A 1 140 ? -11.318 9.080   4.218   1.000 22.890 ? 138 SER A CA  1 
ATOM   1107 C C   . SER A 1 140 ? -10.352 10.058  4.884   1.000 22.640 ? 138 SER A C   1 
ATOM   1108 O O   . SER A 1 140 ? -9.132  10.014  4.590   1.000 20.203 ? 138 SER A O   1 
ATOM   1109 C CB  . SER A 1 140 ? -11.997 8.208   5.257   1.000 25.192 ? 138 SER A CB  1 
ATOM   1110 O OG  . SER A 1 140 ? -11.023 7.518   6.045   1.000 27.380 ? 138 SER A OG  1 
ATOM   1111 N N   . TYR A 1 141 ? -10.883 10.916  5.745   1.000 24.842 ? 139 TYR A N   1 
ATOM   1112 C CA  . TYR A 1 141 ? -10.146 12.052  6.353   1.000 27.877 ? 139 TYR A CA  1 
ATOM   1113 C C   . TYR A 1 141 ? -10.711 12.297  7.753   1.000 28.928 ? 139 TYR A C   1 
ATOM   1114 O O   . TYR A 1 141 ? -11.937 12.191  7.899   1.000 27.331 ? 139 TYR A O   1 
ATOM   1115 C CB  . TYR A 1 141 ? -10.249 13.277  5.441   1.000 29.840 ? 139 TYR A CB  1 
ATOM   1116 C CG  . TYR A 1 141 ? -9.517  14.473  5.984   1.000 32.236 ? 139 TYR A CG  1 
ATOM   1117 C CD1 . TYR A 1 141 ? -8.167  14.658  5.710   1.000 33.195 ? 139 TYR A CD1 1 
ATOM   1118 C CD2 . TYR A 1 141 ? -10.150 15.375  6.832   1.000 32.833 ? 139 TYR A CD2 1 
ATOM   1119 C CE1 . TYR A 1 141 ? -7.469  15.728  6.246   1.000 33.534 ? 139 TYR A CE1 1 
ATOM   1120 C CE2 . TYR A 1 141 ? -9.467  16.459  7.363   1.000 33.003 ? 139 TYR A CE2 1 
ATOM   1121 C CZ  . TYR A 1 141 ? -8.125  16.634  7.065   1.000 33.284 ? 139 TYR A CZ  1 
ATOM   1122 O OH  . TYR A 1 141 ? -7.441  17.692  7.581   1.000 35.209 ? 139 TYR A OH  1 
ATOM   1123 N N   . LEU A 1 142 ? -9.851  12.590  8.736   1.000 33.619 ? 140 LEU A N   1 
ATOM   1124 C CA  . LEU A 1 142 ? -10.273 12.927  10.127  1.000 36.499 ? 140 LEU A CA  1 
ATOM   1125 C C   . LEU A 1 142 ? -9.494  14.148  10.635  1.000 37.191 ? 140 LEU A C   1 
ATOM   1126 O O   . LEU A 1 142 ? -8.269  14.113  10.676  1.000 40.518 ? 140 LEU A O   1 
ATOM   1127 C CB  . LEU A 1 142 ? -10.064 11.693  11.011  1.000 38.091 ? 140 LEU A CB  1 
ATOM   1128 C CG  . LEU A 1 142 ? -10.632 11.760  12.432  1.000 43.149 ? 140 LEU A CG  1 
ATOM   1129 C CD1 . LEU A 1 142 ? -11.975 12.484  12.483  1.000 43.987 ? 140 LEU A CD1 1 
ATOM   1130 C CD2 . LEU A 1 142 ? -10.764 10.363  13.019  1.000 42.996 ? 140 LEU A CD2 1 
HETATM 1131 C C1  . ALL B 2 .   ? 12.276  -2.327  -4.575  1.000 20.137 ? 201 ALL A C1  1 
HETATM 1132 C C2  . ALL B 2 .   ? 11.192  -2.254  -5.660  1.000 19.418 ? 201 ALL A C2  1 
HETATM 1133 C C3  . ALL B 2 .   ? 11.791  -2.683  -6.994  1.000 19.697 ? 201 ALL A C3  1 
HETATM 1134 C C4  . ALL B 2 .   ? 13.131  -1.972  -7.264  1.000 21.053 ? 201 ALL A C4  1 
HETATM 1135 C C5  . ALL B 2 .   ? 14.102  -2.134  -6.115  1.000 21.655 ? 201 ALL A C5  1 
HETATM 1136 C C6  . ALL B 2 .   ? 15.445  -1.432  -6.398  1.000 23.429 ? 201 ALL A C6  1 
HETATM 1137 O O1  . ALL B 2 .   ? 11.748  -1.823  -3.353  1.000 18.359 ? 201 ALL A O1  1 
HETATM 1138 O O2  . ALL B 2 .   ? 10.078  -3.098  -5.282  1.000 19.430 ? 201 ALL A O2  1 
HETATM 1139 O O3  . ALL B 2 .   ? 11.977  -4.105  -7.025  1.000 17.070 ? 201 ALL A O3  1 
HETATM 1140 O O4  . ALL B 2 .   ? 13.713  -2.450  -8.484  1.000 21.605 ? 201 ALL A O4  1 
HETATM 1141 O O5  . ALL B 2 .   ? 13.467  -1.593  -4.939  1.000 21.259 ? 201 ALL A O5  1 
HETATM 1142 O O6  . ALL B 2 .   ? 16.146  -1.316  -5.157  1.000 23.792 ? 201 ALL A O6  1 
HETATM 1143 C C1  . ALL C 2 .   ? 5.875   0.971   13.834  1.000 29.960 ? 202 ALL A C1  1 
HETATM 1144 C C2  . ALL C 2 .   ? 5.363   -0.452  14.075  1.000 28.814 ? 202 ALL A C2  1 
HETATM 1145 C C3  . ALL C 2 .   ? 6.511   -1.448  14.159  1.000 28.047 ? 202 ALL A C3  1 
HETATM 1146 C C4  . ALL C 2 .   ? 7.542   -1.227  13.052  1.000 29.483 ? 202 ALL A C4  1 
HETATM 1147 C C5  . ALL C 2 .   ? 7.914   0.250   12.886  1.000 29.238 ? 202 ALL A C5  1 
HETATM 1148 C C6  . ALL C 2 .   ? 8.839   0.530   11.694  1.000 31.650 ? 202 ALL A C6  1 
HETATM 1149 O O1  . ALL C 2 .   ? 4.768   1.830   13.607  1.000 29.385 ? 202 ALL A O1  1 
HETATM 1150 O O2  . ALL C 2 .   ? 4.603   -0.418  15.279  1.000 28.543 ? 202 ALL A O2  1 
HETATM 1151 O O3  . ALL C 2 .   ? 7.175   -1.266  15.408  1.000 28.221 ? 202 ALL A O3  1 
HETATM 1152 O O4  . ALL C 2 .   ? 8.731   -1.986  13.330  1.000 29.251 ? 202 ALL A O4  1 
HETATM 1153 O O5  . ALL C 2 .   ? 6.731   0.994   12.699  1.000 29.784 ? 202 ALL A O5  1 
HETATM 1154 O O6  . ALL C 2 .   ? 8.247   0.176   10.433  1.000 31.469 ? 202 ALL A O6  1 
HETATM 1155 O O   . HOH D 3 .   ? 1.400   0.244   -17.537 1.000 21.482 ? 301 HOH A O   1 
HETATM 1156 O O   . HOH D 3 .   ? 9.344   -1.776  16.528  1.000 23.824 ? 302 HOH A O   1 
HETATM 1157 O O   . HOH D 3 .   ? 1.203   -1.445  -11.941 1.000 20.491 ? 303 HOH A O   1 
HETATM 1158 O O   . HOH D 3 .   ? -11.803 -9.214  1.240   1.000 32.816 ? 304 HOH A O   1 
HETATM 1159 O O   . HOH D 3 .   ? 7.970   -2.996  10.252  1.000 34.729 ? 305 HOH A O   1 
HETATM 1160 O O   . HOH D 3 .   ? 4.648   3.717   15.357  1.000 19.059 ? 306 HOH A O   1 
HETATM 1161 O O   . HOH D 3 .   ? 0.955   -21.836 3.132   1.000 20.919 ? 307 HOH A O   1 
HETATM 1162 O O   . HOH D 3 .   ? 1.650   -14.966 9.288   1.000 26.310 ? 308 HOH A O   1 
HETATM 1163 O O   . HOH D 3 .   ? 4.816   11.019  1.136   1.000 15.062 ? 309 HOH A O   1 
HETATM 1164 O O   . HOH D 3 .   ? -10.962 -8.524  -6.606  1.000 18.234 ? 310 HOH A O   1 
HETATM 1165 O O   . HOH D 3 .   ? 1.648   15.204  -8.621  1.000 26.923 ? 311 HOH A O   1 
HETATM 1166 O O   . HOH D 3 .   ? -3.787  -18.776 9.146   1.000 25.629 ? 312 HOH A O   1 
HETATM 1167 O O   . HOH D 3 .   ? -7.760  -10.625 -8.201  1.000 27.303 ? 313 HOH A O   1 
HETATM 1168 O O   . HOH D 3 .   ? 1.766   0.959   -9.519  1.000 11.848 ? 314 HOH A O   1 
HETATM 1169 O O   . HOH D 3 .   ? 12.868  14.017  -4.321  1.000 26.879 ? 315 HOH A O   1 
HETATM 1170 O O   . HOH D 3 .   ? 0.962   18.160  8.807   1.000 31.236 ? 316 HOH A O   1 
HETATM 1171 O O   . HOH D 3 .   ? 6.041   -19.068 -5.579  1.000 14.368 ? 317 HOH A O   1 
HETATM 1172 O O   . HOH D 3 .   ? -8.140  -4.015  -13.710 1.000 26.346 ? 318 HOH A O   1 
HETATM 1173 O O   . HOH D 3 .   ? -6.006  12.767  -9.365  1.000 22.625 ? 319 HOH A O   1 
HETATM 1174 O O   . HOH D 3 .   ? -2.575  12.710  -13.766 1.000 23.959 ? 320 HOH A O   1 
HETATM 1175 O O   . HOH D 3 .   ? 10.506  -5.897  -4.903  1.000 20.873 ? 321 HOH A O   1 
HETATM 1176 O O   . HOH D 3 .   ? 5.853   -17.256 2.183   1.000 18.513 ? 322 HOH A O   1 
HETATM 1177 O O   . HOH D 3 .   ? -2.332  14.259  -2.556  1.000 13.284 ? 323 HOH A O   1 
HETATM 1178 O O   . HOH D 3 .   ? -3.028  17.022  -3.584  1.000 27.542 ? 324 HOH A O   1 
HETATM 1179 O O   . HOH D 3 .   ? -3.567  -20.974 3.104   1.000 38.070 ? 325 HOH A O   1 
HETATM 1180 O O   . HOH D 3 .   ? -4.420  15.018  -5.816  1.000 18.241 ? 326 HOH A O   1 
HETATM 1181 O O   . HOH D 3 .   ? -1.069  -10.903 -9.839  0.500 18.447 ? 327 HOH A O   1 
HETATM 1182 O O   . HOH D 3 .   ? -3.713  16.816  -1.178  1.000 24.067 ? 328 HOH A O   1 
HETATM 1183 O O   . HOH D 3 .   ? 11.489  7.357   4.043   1.000 20.803 ? 329 HOH A O   1 
HETATM 1184 O O   . HOH D 3 .   ? 15.947  9.983   -9.487  1.000 22.375 ? 330 HOH A O   1 
HETATM 1185 O O   . HOH D 3 .   ? 15.577  2.621   -10.895 1.000 32.244 ? 331 HOH A O   1 
HETATM 1186 O O   . HOH D 3 .   ? -3.244  3.573   9.529   1.000 41.493 ? 332 HOH A O   1 
HETATM 1187 O O   . HOH D 3 .   ? -3.206  -17.049 1.720   1.000 19.753 ? 333 HOH A O   1 
HETATM 1188 O O   . HOH D 3 .   ? 1.818   15.106  5.912   1.000 25.957 ? 334 HOH A O   1 
HETATM 1189 O O   . HOH D 3 .   ? 8.277   6.723   -12.560 1.000 15.711 ? 335 HOH A O   1 
HETATM 1190 O O   . HOH D 3 .   ? -5.930  -2.311  10.132  1.000 22.288 ? 336 HOH A O   1 
HETATM 1191 O O   . HOH D 3 .   ? 11.830  15.169  -2.278  1.000 21.711 ? 337 HOH A O   1 
HETATM 1192 O O   . HOH D 3 .   ? 7.683   -20.156 0.399   1.000 21.262 ? 338 HOH A O   1 
HETATM 1193 O O   . HOH D 3 .   ? 7.215   9.774   0.433   1.000 13.128 ? 339 HOH A O   1 
HETATM 1194 O O   . HOH D 3 .   ? -2.038  -14.376 -9.638  1.000 12.682 ? 340 HOH A O   1 
HETATM 1195 O O   . HOH D 3 .   ? 15.800  -1.786  5.595   1.000 28.378 ? 341 HOH A O   1 
HETATM 1196 O O   . HOH D 3 .   ? 14.358  10.084  -1.745  1.000 29.505 ? 342 HOH A O   1 
HETATM 1197 O O   . HOH D 3 .   ? -12.903 6.577   -1.167  1.000 27.295 ? 343 HOH A O   1 
HETATM 1198 O O   . HOH D 3 .   ? 8.097   -7.730  -1.108  1.000 23.406 ? 344 HOH A O   1 
HETATM 1199 O O   . HOH D 3 .   ? 5.521   -10.875 12.429  1.000 31.799 ? 345 HOH A O   1 
HETATM 1200 O O   . HOH D 3 .   ? -10.193 5.075   4.766   1.000 25.463 ? 346 HOH A O   1 
HETATM 1201 O O   . HOH D 3 .   ? -2.831  19.868  2.242   1.000 39.240 ? 347 HOH A O   1 
HETATM 1202 O O   . HOH D 3 .   ? 5.051   13.596  -11.739 1.000 30.879 ? 348 HOH A O   1 
HETATM 1203 O O   . HOH D 3 .   ? 8.624   -3.980  -7.629  1.000 17.495 ? 349 HOH A O   1 
HETATM 1204 O O   . HOH D 3 .   ? 7.855   17.462  -1.377  1.000 19.425 ? 350 HOH A O   1 
HETATM 1205 O O   . HOH D 3 .   ? 0.073   -17.194 8.843   1.000 36.668 ? 351 HOH A O   1 
HETATM 1206 O O   . HOH D 3 .   ? -1.112  -1.711  17.397  1.000 26.705 ? 352 HOH A O   1 
HETATM 1207 O O   . HOH D 3 .   ? -9.456  0.122   -11.533 1.000 25.613 ? 353 HOH A O   1 
HETATM 1208 O O   . HOH D 3 .   ? 5.929   11.073  -12.912 1.000 14.542 ? 354 HOH A O   1 
HETATM 1209 O O   . HOH D 3 .   ? -4.683  -11.455 7.773   1.000 23.208 ? 355 HOH A O   1 
HETATM 1210 O O   . HOH D 3 .   ? 14.530  5.643   4.219   1.000 30.285 ? 356 HOH A O   1 
HETATM 1211 O O   . HOH D 3 .   ? -3.833  -9.675  -10.408 1.000 31.058 ? 357 HOH A O   1 
HETATM 1212 O O   . HOH D 3 .   ? -1.461  4.018   -17.328 1.000 36.225 ? 358 HOH A O   1 
HETATM 1213 O O   . HOH D 3 .   ? 16.108  6.980   -0.816  1.000 31.385 ? 359 HOH A O   1 
HETATM 1214 O O   . HOH D 3 .   ? 11.998  5.838   6.411   1.000 36.050 ? 360 HOH A O   1 
# 
loop_
_pdbx_poly_seq_scheme.asym_id 
_pdbx_poly_seq_scheme.entity_id 
_pdbx_poly_seq_scheme.seq_id 
_pdbx_poly_seq_scheme.mon_id 
_pdbx_poly_seq_scheme.ndb_seq_num 
_pdbx_poly_seq_scheme.pdb_seq_num 
_pdbx_poly_seq_scheme.auth_seq_num 
_pdbx_poly_seq_scheme.pdb_mon_id 
_pdbx_poly_seq_scheme.auth_mon_id 
_pdbx_poly_seq_scheme.pdb_strand_id 
_pdbx_poly_seq_scheme.pdb_ins_code 
_pdbx_poly_seq_scheme.hetero 
A 1 1   GLY 1   -1  ?   ?   ?   A . n 
A 1 2   SER 2   0   ?   ?   ?   A . n 
A 1 3   MET 3   1   ?   ?   ?   A . n 
A 1 4   SER 4   2   2   SER SER A . n 
A 1 5   LEU 5   3   3   LEU LEU A . n 
A 1 6   LEU 6   4   4   LEU LEU A . n 
A 1 7   PRO 7   5   5   PRO PRO A . n 
A 1 8   VAL 8   6   6   VAL VAL A . n 
A 1 9   PRO 9   7   7   PRO PRO A . n 
A 1 10  TYR 10  8   8   TYR TYR A . n 
A 1 11  THR 11  9   9   THR THR A . n 
A 1 12  GLU 12  10  10  GLU GLU A . n 
A 1 13  ALA 13  11  11  ALA ALA A . n 
A 1 14  ALA 14  12  12  ALA ALA A . n 
A 1 15  SER 15  13  13  SER SER A . n 
A 1 16  LEU 16  14  14  LEU LEU A . n 
A 1 17  SER 17  15  15  SER SER A . n 
A 1 18  THR 18  16  16  THR THR A . n 
A 1 19  GLY 19  17  17  GLY GLY A . n 
A 1 20  SER 20  18  18  SER SER A . n 
A 1 21  THR 21  19  19  THR THR A . n 
A 1 22  VAL 22  20  20  VAL VAL A . n 
A 1 23  THR 23  21  21  THR THR A . n 
A 1 24  ILE 24  22  22  ILE ILE A . n 
A 1 25  LYS 25  23  23  LYS LYS A . n 
A 1 26  GLY 26  24  24  GLY GLY A . n 
A 1 27  ARG 27  25  25  ARG ARG A . n 
A 1 28  PRO 28  26  26  PRO PRO A . n 
A 1 29  LEU 29  27  27  LEU LEU A . n 
A 1 30  VAL 30  28  28  VAL VAL A . n 
A 1 31  CYS 31  29  29  CYS CYS A . n 
A 1 32  PHE 32  30  30  PHE PHE A . n 
A 1 33  LEU 33  31  31  LEU LEU A . n 
A 1 34  ASN 34  32  32  ASN ASN A . n 
A 1 35  GLU 35  33  33  GLU GLU A . n 
A 1 36  PRO 36  34  34  PRO PRO A . n 
A 1 37  TYR 37  35  35  TYR TYR A . n 
A 1 38  LEU 38  36  36  LEU LEU A . n 
A 1 39  GLN 39  37  37  GLN GLN A . n 
A 1 40  VAL 40  38  38  VAL VAL A . n 
A 1 41  ASP 41  39  39  ASP ASP A . n 
A 1 42  PHE 42  40  40  PHE PHE A . n 
A 1 43  HIS 43  41  41  HIS HIS A . n 
A 1 44  THR 44  42  42  THR THR A . n 
A 1 45  GLU 45  43  43  GLU GLU A . n 
A 1 46  MET 46  44  44  MET MET A . n 
A 1 47  LYS 47  45  45  LYS LYS A . n 
A 1 48  GLU 48  46  46  GLU GLU A . n 
A 1 49  GLU 49  47  47  GLU GLU A . n 
A 1 50  SER 50  48  48  SER SER A . n 
A 1 51  ASP 51  49  49  ASP ASP A . n 
A 1 52  ILE 52  50  50  ILE ILE A . n 
A 1 53  VAL 53  51  51  VAL VAL A . n 
A 1 54  PHE 54  52  52  PHE PHE A . n 
A 1 55  HIS 55  53  53  HIS HIS A . n 
A 1 56  PHE 56  54  54  PHE PHE A . n 
A 1 57  GLN 57  55  55  GLN GLN A . n 
A 1 58  VAL 58  56  56  VAL VAL A . n 
A 1 59  CYS 59  57  57  CYS CYS A . n 
A 1 60  PHE 60  58  58  PHE PHE A . n 
A 1 61  GLY 61  59  59  GLY GLY A . n 
A 1 62  ARG 62  60  60  ARG ARG A . n 
A 1 63  ARG 63  61  61  ARG ARG A . n 
A 1 64  VAL 64  62  62  VAL VAL A . n 
A 1 65  VAL 65  63  63  VAL VAL A . n 
A 1 66  MET 66  64  64  MET MET A . n 
A 1 67  ASN 67  65  65  ASN ASN A . n 
A 1 68  SER 68  66  66  SER SER A . n 
A 1 69  ARG 69  67  67  ARG ARG A . n 
A 1 70  GLU 70  68  68  GLU GLU A . n 
A 1 71  TYR 71  69  69  TYR TYR A . n 
A 1 72  GLY 72  70  70  GLY GLY A . n 
A 1 73  ALA 73  71  71  ALA ALA A . n 
A 1 74  TRP 74  72  72  TRP TRP A . n 
A 1 75  LYS 75  73  73  LYS LYS A . n 
A 1 76  GLN 76  74  74  GLN GLN A . n 
A 1 77  GLN 77  75  75  GLN GLN A . n 
A 1 78  VAL 78  76  76  VAL VAL A . n 
A 1 79  GLU 79  77  77  GLU GLU A . n 
A 1 80  SER 80  78  78  SER SER A . n 
A 1 81  LYS 81  79  79  LYS LYS A . n 
A 1 82  ASN 82  80  80  ASN ASN A . n 
A 1 83  MET 83  81  81  MET MET A . n 
A 1 84  PRO 84  82  82  PRO PRO A . n 
A 1 85  PHE 85  83  83  PHE PHE A . n 
A 1 86  GLN 86  84  84  GLN GLN A . n 
A 1 87  ASP 87  85  85  ASP ASP A . n 
A 1 88  GLY 88  86  86  GLY GLY A . n 
A 1 89  GLN 89  87  87  GLN GLN A . n 
A 1 90  GLU 90  88  88  GLU GLU A . n 
A 1 91  PHE 91  89  89  PHE PHE A . n 
A 1 92  GLU 92  90  90  GLU GLU A . n 
A 1 93  LEU 93  91  91  LEU LEU A . n 
A 1 94  SER 94  92  92  SER SER A . n 
A 1 95  ILE 95  93  93  ILE ILE A . n 
A 1 96  SER 96  94  94  SER SER A . n 
A 1 97  VAL 97  95  95  VAL VAL A . n 
A 1 98  LEU 98  96  96  LEU LEU A . n 
A 1 99  PRO 99  97  97  PRO PRO A . n 
A 1 100 ASP 100 98  98  ASP ASP A . n 
A 1 101 LYS 101 99  99  LYS LYS A . n 
A 1 102 TYR 102 100 100 TYR TYR A . n 
A 1 103 GLN 103 101 101 GLN GLN A . n 
A 1 104 VAL 104 102 102 VAL VAL A . n 
A 1 105 MET 105 103 103 MET MET A . n 
A 1 106 VAL 106 104 104 VAL VAL A . n 
A 1 107 ASN 107 105 105 ASN ASN A . n 
A 1 108 GLY 108 106 106 GLY GLY A . n 
A 1 109 GLN 109 107 107 GLN GLN A . n 
A 1 110 SER 110 108 108 SER SER A . n 
A 1 111 SER 111 109 109 SER SER A . n 
A 1 112 TYR 112 110 110 TYR TYR A . n 
A 1 113 THR 113 111 111 THR THR A . n 
A 1 114 PHE 114 112 112 PHE PHE A . n 
A 1 115 ASP 115 113 113 ASP ASP A . n 
A 1 116 HIS 116 114 114 HIS HIS A . n 
A 1 117 ARG 117 115 115 ARG ARG A . n 
A 1 118 ILE 118 116 116 ILE ILE A . n 
A 1 119 LYS 119 117 117 LYS LYS A . n 
A 1 120 PRO 120 118 118 PRO PRO A . n 
A 1 121 GLU 121 119 119 GLU GLU A . n 
A 1 122 ALA 122 120 120 ALA ALA A . n 
A 1 123 VAL 123 121 121 VAL VAL A . n 
A 1 124 LYS 124 122 122 LYS LYS A . n 
A 1 125 MET 125 123 123 MET MET A . n 
A 1 126 VAL 126 124 124 VAL VAL A . n 
A 1 127 GLN 127 125 125 GLN GLN A . n 
A 1 128 VAL 128 126 126 VAL VAL A . n 
A 1 129 TRP 129 127 127 TRP TRP A . n 
A 1 130 ARG 130 128 128 ARG ARG A . n 
A 1 131 ASP 131 129 129 ASP ASP A . n 
A 1 132 ILE 132 130 130 ILE ILE A . n 
A 1 133 SER 133 131 131 SER SER A . n 
A 1 134 LEU 134 132 132 LEU LEU A . n 
A 1 135 THR 135 133 133 THR THR A . n 
A 1 136 LYS 136 134 134 LYS LYS A . n 
A 1 137 PHE 137 135 135 PHE PHE A . n 
A 1 138 ASN 138 136 136 ASN ASN A . n 
A 1 139 VAL 139 137 137 VAL VAL A . n 
A 1 140 SER 140 138 138 SER SER A . n 
A 1 141 TYR 141 139 139 TYR TYR A . n 
A 1 142 LEU 142 140 140 LEU LEU A . n 
A 1 143 LYS 143 141 ?   ?   ?   A . n 
A 1 144 ARG 144 142 ?   ?   ?   A . n 
# 
loop_
_pdbx_nonpoly_scheme.asym_id 
_pdbx_nonpoly_scheme.entity_id 
_pdbx_nonpoly_scheme.mon_id 
_pdbx_nonpoly_scheme.ndb_seq_num 
_pdbx_nonpoly_scheme.pdb_seq_num 
_pdbx_nonpoly_scheme.auth_seq_num 
_pdbx_nonpoly_scheme.pdb_mon_id 
_pdbx_nonpoly_scheme.auth_mon_id 
_pdbx_nonpoly_scheme.pdb_strand_id 
_pdbx_nonpoly_scheme.pdb_ins_code 
B 2 ALL 1  201 201 ALL ALL A . 
C 2 ALL 1  202 202 ALL ALL A . 
D 3 HOH 1  301 24  HOH HOH A . 
D 3 HOH 2  302 32  HOH HOH A . 
D 3 HOH 3  303 29  HOH HOH A . 
D 3 HOH 4  304 46  HOH HOH A . 
D 3 HOH 5  305 53  HOH HOH A . 
D 3 HOH 6  306 58  HOH HOH A . 
D 3 HOH 7  307 7   HOH HOH A . 
D 3 HOH 8  308 40  HOH HOH A . 
D 3 HOH 9  309 1   HOH HOH A . 
D 3 HOH 10 310 14  HOH HOH A . 
D 3 HOH 11 311 25  HOH HOH A . 
D 3 HOH 12 312 44  HOH HOH A . 
D 3 HOH 13 313 49  HOH HOH A . 
D 3 HOH 14 314 20  HOH HOH A . 
D 3 HOH 15 315 60  HOH HOH A . 
D 3 HOH 16 316 43  HOH HOH A . 
D 3 HOH 17 317 8   HOH HOH A . 
D 3 HOH 18 318 13  HOH HOH A . 
D 3 HOH 19 319 26  HOH HOH A . 
D 3 HOH 20 320 47  HOH HOH A . 
D 3 HOH 21 321 34  HOH HOH A . 
D 3 HOH 22 322 3   HOH HOH A . 
D 3 HOH 23 323 30  HOH HOH A . 
D 3 HOH 24 324 59  HOH HOH A . 
D 3 HOH 25 325 27  HOH HOH A . 
D 3 HOH 26 326 23  HOH HOH A . 
D 3 HOH 27 327 19  HOH HOH A . 
D 3 HOH 28 328 31  HOH HOH A . 
D 3 HOH 29 329 6   HOH HOH A . 
D 3 HOH 30 330 39  HOH HOH A . 
D 3 HOH 31 331 22  HOH HOH A . 
D 3 HOH 32 332 50  HOH HOH A . 
D 3 HOH 33 333 5   HOH HOH A . 
D 3 HOH 34 334 54  HOH HOH A . 
D 3 HOH 35 335 2   HOH HOH A . 
D 3 HOH 36 336 17  HOH HOH A . 
D 3 HOH 37 337 48  HOH HOH A . 
D 3 HOH 38 338 33  HOH HOH A . 
D 3 HOH 39 339 4   HOH HOH A . 
D 3 HOH 40 340 9   HOH HOH A . 
D 3 HOH 41 341 57  HOH HOH A . 
D 3 HOH 42 342 35  HOH HOH A . 
D 3 HOH 43 343 56  HOH HOH A . 
D 3 HOH 44 344 45  HOH HOH A . 
D 3 HOH 45 345 38  HOH HOH A . 
D 3 HOH 46 346 16  HOH HOH A . 
D 3 HOH 47 347 55  HOH HOH A . 
D 3 HOH 48 348 10  HOH HOH A . 
D 3 HOH 49 349 12  HOH HOH A . 
D 3 HOH 50 350 11  HOH HOH A . 
D 3 HOH 51 351 42  HOH HOH A . 
D 3 HOH 52 352 36  HOH HOH A . 
D 3 HOH 53 353 41  HOH HOH A . 
D 3 HOH 54 354 15  HOH HOH A . 
D 3 HOH 55 355 28  HOH HOH A . 
D 3 HOH 56 356 18  HOH HOH A . 
D 3 HOH 57 357 52  HOH HOH A . 
D 3 HOH 58 358 37  HOH HOH A . 
D 3 HOH 59 359 51  HOH HOH A . 
D 3 HOH 60 360 21  HOH HOH A . 
# 
_pdbx_struct_assembly.id                   1 
_pdbx_struct_assembly.details              author_defined_assembly 
_pdbx_struct_assembly.method_details       ? 
_pdbx_struct_assembly.oligomeric_details   dimeric 
_pdbx_struct_assembly.oligomeric_count     2 
# 
loop_
_pdbx_struct_assembly_gen.assembly_id 
_pdbx_struct_assembly_gen.oper_expression 
_pdbx_struct_assembly_gen.asym_id_list 
1 1 A,B,C,D 
1 2 A,B,C,D 
# 
loop_
_pdbx_struct_oper_list.id 
_pdbx_struct_oper_list.type 
_pdbx_struct_oper_list.name 
_pdbx_struct_oper_list.symmetry_operation 
_pdbx_struct_oper_list.matrix[1][1] 
_pdbx_struct_oper_list.matrix[1][2] 
_pdbx_struct_oper_list.matrix[1][3] 
_pdbx_struct_oper_list.vector[1] 
_pdbx_struct_oper_list.matrix[2][1] 
_pdbx_struct_oper_list.matrix[2][2] 
_pdbx_struct_oper_list.matrix[2][3] 
_pdbx_struct_oper_list.vector[2] 
_pdbx_struct_oper_list.matrix[3][1] 
_pdbx_struct_oper_list.matrix[3][2] 
_pdbx_struct_oper_list.matrix[3][3] 
_pdbx_struct_oper_list.vector[3] 
1 'identity operation'         1_555  x,y,z         1.0000000000 0.0000000000 0.0000000000 0.0000000000 0.0000000000 1.0000000000  0.0000000000 0.0000000000   0.0000000000 0.0000000000 1.0000000000  0.0000000000   
2 'crystal symmetry operation' 11_555 -x+y,y,-z+1/2 0.7750452516 0.0495052778 0.6299635588 6.4975349436 0.0495052778 -0.9986193183 0.0175694231 -21.5657242135 0.6299635588 0.0175694231 -0.7764259333 -16.6133441119 
# 
_pdbx_struct_special_symmetry.id              1 
_pdbx_struct_special_symmetry.PDB_model_num   1 
_pdbx_struct_special_symmetry.auth_asym_id    A 
_pdbx_struct_special_symmetry.auth_comp_id    HOH 
_pdbx_struct_special_symmetry.auth_seq_id     327 
_pdbx_struct_special_symmetry.PDB_ins_code    ? 
_pdbx_struct_special_symmetry.label_asym_id   D 
_pdbx_struct_special_symmetry.label_comp_id   HOH 
_pdbx_struct_special_symmetry.label_seq_id    . 
# 
loop_
_pdbx_audit_revision_history.ordinal 
_pdbx_audit_revision_history.data_content_type 
_pdbx_audit_revision_history.major_revision 
_pdbx_audit_revision_history.minor_revision 
_pdbx_audit_revision_history.revision_date 
1 'Structure model' 1 0 2020-03-04 
2 'Structure model' 1 1 2020-07-29 
3 'Structure model' 1 2 2023-11-22 
# 
loop_
_pdbx_audit_revision_details.ordinal 
_pdbx_audit_revision_details.revision_ordinal 
_pdbx_audit_revision_details.data_content_type 
_pdbx_audit_revision_details.provider 
_pdbx_audit_revision_details.type 
_pdbx_audit_revision_details.description 
_pdbx_audit_revision_details.details 
1 1 'Structure model' repository 'Initial release' ?                          ? 
2 2 'Structure model' repository Remediation       'Carbohydrate remediation' ? 
# 
loop_
_pdbx_audit_revision_group.ordinal 
_pdbx_audit_revision_group.revision_ordinal 
_pdbx_audit_revision_group.data_content_type 
_pdbx_audit_revision_group.group 
1 2 'Structure model' 'Data collection'        
2 2 'Structure model' 'Derived calculations'   
3 2 'Structure model' 'Structure summary'      
4 3 'Structure model' 'Data collection'        
5 3 'Structure model' 'Database references'    
6 3 'Structure model' 'Derived calculations'   
7 3 'Structure model' 'Refinement description' 
8 3 'Structure model' 'Structure summary'      
# 
loop_
_pdbx_audit_revision_category.ordinal 
_pdbx_audit_revision_category.revision_ordinal 
_pdbx_audit_revision_category.data_content_type 
_pdbx_audit_revision_category.category 
1  2 'Structure model' chem_comp                     
2  2 'Structure model' entity                        
3  2 'Structure model' pdbx_chem_comp_identifier     
4  2 'Structure model' pdbx_entity_nonpoly           
5  3 'Structure model' atom_type                     
6  3 'Structure model' chem_comp                     
7  3 'Structure model' chem_comp_atom                
8  3 'Structure model' chem_comp_bond                
9  3 'Structure model' database_2                    
10 3 'Structure model' pdbx_initial_refinement_model 
# 
loop_
_pdbx_audit_revision_item.ordinal 
_pdbx_audit_revision_item.revision_ordinal 
_pdbx_audit_revision_item.data_content_type 
_pdbx_audit_revision_item.item 
1 2 'Structure model' '_chem_comp.name'                     
2 2 'Structure model' '_entity.pdbx_description'            
3 2 'Structure model' '_pdbx_entity_nonpoly.name'           
4 3 'Structure model' '_atom_type.pdbx_N_electrons'         
5 3 'Structure model' '_atom_type.pdbx_scat_Z'              
6 3 'Structure model' '_chem_comp.pdbx_synonyms'            
7 3 'Structure model' '_database_2.pdbx_DOI'                
8 3 'Structure model' '_database_2.pdbx_database_accession' 
# 
loop_
_software.citation_id 
_software.classification 
_software.compiler_name 
_software.compiler_version 
_software.contact_author 
_software.contact_author_email 
_software.date 
_software.description 
_software.dependencies 
_software.hardware 
_software.language 
_software.location 
_software.mods 
_software.name 
_software.os 
_software.os_version 
_software.type 
_software.version 
_software.pdbx_ordinal 
? refinement       ? ? ? ? ? ? ? ? ? ? ? REFMAC ? ? ? 5.8.0253 1 
? 'data reduction' ? ? ? ? ? ? ? ? ? ? ? XDS    ? ? ? .        2 
? 'data scaling'   ? ? ? ? ? ? ? ? ? ? ? XDS    ? ? ? .        3 
? phasing          ? ? ? ? ? ? ? ? ? ? ? MOLREP ? ? ? .        4 
# 
_pdbx_entry_details.entry_id                 6L68 
_pdbx_entry_details.has_ligand_of_interest   Y 
_pdbx_entry_details.compound_details         ? 
_pdbx_entry_details.source_details           ? 
_pdbx_entry_details.nonpolymer_details       ? 
_pdbx_entry_details.sequence_details         ? 
# 
loop_
_pdbx_validate_torsion.id 
_pdbx_validate_torsion.PDB_model_num 
_pdbx_validate_torsion.auth_comp_id 
_pdbx_validate_torsion.auth_asym_id 
_pdbx_validate_torsion.auth_seq_id 
_pdbx_validate_torsion.PDB_ins_code 
_pdbx_validate_torsion.label_alt_id 
_pdbx_validate_torsion.phi 
_pdbx_validate_torsion.psi 
1 1 ARG A 60  ? ? -122.29 -68.52  
2 1 LYS A 73  ? ? -104.10 -155.27 
3 1 ARG A 128 ? ? 83.40   -149.78 
4 1 ASP A 129 ? ? -90.95  57.60   
# 
loop_
_pdbx_unobs_or_zero_occ_residues.id 
_pdbx_unobs_or_zero_occ_residues.PDB_model_num 
_pdbx_unobs_or_zero_occ_residues.polymer_flag 
_pdbx_unobs_or_zero_occ_residues.occupancy_flag 
_pdbx_unobs_or_zero_occ_residues.auth_asym_id 
_pdbx_unobs_or_zero_occ_residues.auth_comp_id 
_pdbx_unobs_or_zero_occ_residues.auth_seq_id 
_pdbx_unobs_or_zero_occ_residues.PDB_ins_code 
_pdbx_unobs_or_zero_occ_residues.label_asym_id 
_pdbx_unobs_or_zero_occ_residues.label_comp_id 
_pdbx_unobs_or_zero_occ_residues.label_seq_id 
1 1 Y 1 A GLY -1  ? A GLY 1   
2 1 Y 1 A SER 0   ? A SER 2   
3 1 Y 1 A MET 1   ? A MET 3   
4 1 Y 1 A LYS 141 ? A LYS 143 
5 1 Y 1 A ARG 142 ? A ARG 144 
# 
loop_
_chem_comp_atom.comp_id 
_chem_comp_atom.atom_id 
_chem_comp_atom.type_symbol 
_chem_comp_atom.pdbx_aromatic_flag 
_chem_comp_atom.pdbx_stereo_config 
_chem_comp_atom.pdbx_ordinal 
ALA N    N N N 1   
ALA CA   C N S 2   
ALA C    C N N 3   
ALA O    O N N 4   
ALA CB   C N N 5   
ALA OXT  O N N 6   
ALA H    H N N 7   
ALA H2   H N N 8   
ALA HA   H N N 9   
ALA HB1  H N N 10  
ALA HB2  H N N 11  
ALA HB3  H N N 12  
ALA HXT  H N N 13  
ALL C1   C N R 14  
ALL C2   C N R 15  
ALL C3   C N R 16  
ALL C4   C N S 17  
ALL C5   C N R 18  
ALL C6   C N N 19  
ALL O1   O N N 20  
ALL O2   O N N 21  
ALL O3   O N N 22  
ALL O4   O N N 23  
ALL O5   O N N 24  
ALL O6   O N N 25  
ALL H1   H N N 26  
ALL H2   H N N 27  
ALL H3   H N N 28  
ALL H4   H N N 29  
ALL H5   H N N 30  
ALL H61  H N N 31  
ALL H62  H N N 32  
ALL HO1  H N N 33  
ALL HO2  H N N 34  
ALL HO3  H N N 35  
ALL HO4  H N N 36  
ALL HO6  H N N 37  
ARG N    N N N 38  
ARG CA   C N S 39  
ARG C    C N N 40  
ARG O    O N N 41  
ARG CB   C N N 42  
ARG CG   C N N 43  
ARG CD   C N N 44  
ARG NE   N N N 45  
ARG CZ   C N N 46  
ARG NH1  N N N 47  
ARG NH2  N N N 48  
ARG OXT  O N N 49  
ARG H    H N N 50  
ARG H2   H N N 51  
ARG HA   H N N 52  
ARG HB2  H N N 53  
ARG HB3  H N N 54  
ARG HG2  H N N 55  
ARG HG3  H N N 56  
ARG HD2  H N N 57  
ARG HD3  H N N 58  
ARG HE   H N N 59  
ARG HH11 H N N 60  
ARG HH12 H N N 61  
ARG HH21 H N N 62  
ARG HH22 H N N 63  
ARG HXT  H N N 64  
ASN N    N N N 65  
ASN CA   C N S 66  
ASN C    C N N 67  
ASN O    O N N 68  
ASN CB   C N N 69  
ASN CG   C N N 70  
ASN OD1  O N N 71  
ASN ND2  N N N 72  
ASN OXT  O N N 73  
ASN H    H N N 74  
ASN H2   H N N 75  
ASN HA   H N N 76  
ASN HB2  H N N 77  
ASN HB3  H N N 78  
ASN HD21 H N N 79  
ASN HD22 H N N 80  
ASN HXT  H N N 81  
ASP N    N N N 82  
ASP CA   C N S 83  
ASP C    C N N 84  
ASP O    O N N 85  
ASP CB   C N N 86  
ASP CG   C N N 87  
ASP OD1  O N N 88  
ASP OD2  O N N 89  
ASP OXT  O N N 90  
ASP H    H N N 91  
ASP H2   H N N 92  
ASP HA   H N N 93  
ASP HB2  H N N 94  
ASP HB3  H N N 95  
ASP HD2  H N N 96  
ASP HXT  H N N 97  
CYS N    N N N 98  
CYS CA   C N R 99  
CYS C    C N N 100 
CYS O    O N N 101 
CYS CB   C N N 102 
CYS SG   S N N 103 
CYS OXT  O N N 104 
CYS H    H N N 105 
CYS H2   H N N 106 
CYS HA   H N N 107 
CYS HB2  H N N 108 
CYS HB3  H N N 109 
CYS HG   H N N 110 
CYS HXT  H N N 111 
GLN N    N N N 112 
GLN CA   C N S 113 
GLN C    C N N 114 
GLN O    O N N 115 
GLN CB   C N N 116 
GLN CG   C N N 117 
GLN CD   C N N 118 
GLN OE1  O N N 119 
GLN NE2  N N N 120 
GLN OXT  O N N 121 
GLN H    H N N 122 
GLN H2   H N N 123 
GLN HA   H N N 124 
GLN HB2  H N N 125 
GLN HB3  H N N 126 
GLN HG2  H N N 127 
GLN HG3  H N N 128 
GLN HE21 H N N 129 
GLN HE22 H N N 130 
GLN HXT  H N N 131 
GLU N    N N N 132 
GLU CA   C N S 133 
GLU C    C N N 134 
GLU O    O N N 135 
GLU CB   C N N 136 
GLU CG   C N N 137 
GLU CD   C N N 138 
GLU OE1  O N N 139 
GLU OE2  O N N 140 
GLU OXT  O N N 141 
GLU H    H N N 142 
GLU H2   H N N 143 
GLU HA   H N N 144 
GLU HB2  H N N 145 
GLU HB3  H N N 146 
GLU HG2  H N N 147 
GLU HG3  H N N 148 
GLU HE2  H N N 149 
GLU HXT  H N N 150 
GLY N    N N N 151 
GLY CA   C N N 152 
GLY C    C N N 153 
GLY O    O N N 154 
GLY OXT  O N N 155 
GLY H    H N N 156 
GLY H2   H N N 157 
GLY HA2  H N N 158 
GLY HA3  H N N 159 
GLY HXT  H N N 160 
HIS N    N N N 161 
HIS CA   C N S 162 
HIS C    C N N 163 
HIS O    O N N 164 
HIS CB   C N N 165 
HIS CG   C Y N 166 
HIS ND1  N Y N 167 
HIS CD2  C Y N 168 
HIS CE1  C Y N 169 
HIS NE2  N Y N 170 
HIS OXT  O N N 171 
HIS H    H N N 172 
HIS H2   H N N 173 
HIS HA   H N N 174 
HIS HB2  H N N 175 
HIS HB3  H N N 176 
HIS HD1  H N N 177 
HIS HD2  H N N 178 
HIS HE1  H N N 179 
HIS HE2  H N N 180 
HIS HXT  H N N 181 
HOH O    O N N 182 
HOH H1   H N N 183 
HOH H2   H N N 184 
ILE N    N N N 185 
ILE CA   C N S 186 
ILE C    C N N 187 
ILE O    O N N 188 
ILE CB   C N S 189 
ILE CG1  C N N 190 
ILE CG2  C N N 191 
ILE CD1  C N N 192 
ILE OXT  O N N 193 
ILE H    H N N 194 
ILE H2   H N N 195 
ILE HA   H N N 196 
ILE HB   H N N 197 
ILE HG12 H N N 198 
ILE HG13 H N N 199 
ILE HG21 H N N 200 
ILE HG22 H N N 201 
ILE HG23 H N N 202 
ILE HD11 H N N 203 
ILE HD12 H N N 204 
ILE HD13 H N N 205 
ILE HXT  H N N 206 
LEU N    N N N 207 
LEU CA   C N S 208 
LEU C    C N N 209 
LEU O    O N N 210 
LEU CB   C N N 211 
LEU CG   C N N 212 
LEU CD1  C N N 213 
LEU CD2  C N N 214 
LEU OXT  O N N 215 
LEU H    H N N 216 
LEU H2   H N N 217 
LEU HA   H N N 218 
LEU HB2  H N N 219 
LEU HB3  H N N 220 
LEU HG   H N N 221 
LEU HD11 H N N 222 
LEU HD12 H N N 223 
LEU HD13 H N N 224 
LEU HD21 H N N 225 
LEU HD22 H N N 226 
LEU HD23 H N N 227 
LEU HXT  H N N 228 
LYS N    N N N 229 
LYS CA   C N S 230 
LYS C    C N N 231 
LYS O    O N N 232 
LYS CB   C N N 233 
LYS CG   C N N 234 
LYS CD   C N N 235 
LYS CE   C N N 236 
LYS NZ   N N N 237 
LYS OXT  O N N 238 
LYS H    H N N 239 
LYS H2   H N N 240 
LYS HA   H N N 241 
LYS HB2  H N N 242 
LYS HB3  H N N 243 
LYS HG2  H N N 244 
LYS HG3  H N N 245 
LYS HD2  H N N 246 
LYS HD3  H N N 247 
LYS HE2  H N N 248 
LYS HE3  H N N 249 
LYS HZ1  H N N 250 
LYS HZ2  H N N 251 
LYS HZ3  H N N 252 
LYS HXT  H N N 253 
MET N    N N N 254 
MET CA   C N S 255 
MET C    C N N 256 
MET O    O N N 257 
MET CB   C N N 258 
MET CG   C N N 259 
MET SD   S N N 260 
MET CE   C N N 261 
MET OXT  O N N 262 
MET H    H N N 263 
MET H2   H N N 264 
MET HA   H N N 265 
MET HB2  H N N 266 
MET HB3  H N N 267 
MET HG2  H N N 268 
MET HG3  H N N 269 
MET HE1  H N N 270 
MET HE2  H N N 271 
MET HE3  H N N 272 
MET HXT  H N N 273 
PHE N    N N N 274 
PHE CA   C N S 275 
PHE C    C N N 276 
PHE O    O N N 277 
PHE CB   C N N 278 
PHE CG   C Y N 279 
PHE CD1  C Y N 280 
PHE CD2  C Y N 281 
PHE CE1  C Y N 282 
PHE CE2  C Y N 283 
PHE CZ   C Y N 284 
PHE OXT  O N N 285 
PHE H    H N N 286 
PHE H2   H N N 287 
PHE HA   H N N 288 
PHE HB2  H N N 289 
PHE HB3  H N N 290 
PHE HD1  H N N 291 
PHE HD2  H N N 292 
PHE HE1  H N N 293 
PHE HE2  H N N 294 
PHE HZ   H N N 295 
PHE HXT  H N N 296 
PRO N    N N N 297 
PRO CA   C N S 298 
PRO C    C N N 299 
PRO O    O N N 300 
PRO CB   C N N 301 
PRO CG   C N N 302 
PRO CD   C N N 303 
PRO OXT  O N N 304 
PRO H    H N N 305 
PRO HA   H N N 306 
PRO HB2  H N N 307 
PRO HB3  H N N 308 
PRO HG2  H N N 309 
PRO HG3  H N N 310 
PRO HD2  H N N 311 
PRO HD3  H N N 312 
PRO HXT  H N N 313 
SER N    N N N 314 
SER CA   C N S 315 
SER C    C N N 316 
SER O    O N N 317 
SER CB   C N N 318 
SER OG   O N N 319 
SER OXT  O N N 320 
SER H    H N N 321 
SER H2   H N N 322 
SER HA   H N N 323 
SER HB2  H N N 324 
SER HB3  H N N 325 
SER HG   H N N 326 
SER HXT  H N N 327 
THR N    N N N 328 
THR CA   C N S 329 
THR C    C N N 330 
THR O    O N N 331 
THR CB   C N R 332 
THR OG1  O N N 333 
THR CG2  C N N 334 
THR OXT  O N N 335 
THR H    H N N 336 
THR H2   H N N 337 
THR HA   H N N 338 
THR HB   H N N 339 
THR HG1  H N N 340 
THR HG21 H N N 341 
THR HG22 H N N 342 
THR HG23 H N N 343 
THR HXT  H N N 344 
TRP N    N N N 345 
TRP CA   C N S 346 
TRP C    C N N 347 
TRP O    O N N 348 
TRP CB   C N N 349 
TRP CG   C Y N 350 
TRP CD1  C Y N 351 
TRP CD2  C Y N 352 
TRP NE1  N Y N 353 
TRP CE2  C Y N 354 
TRP CE3  C Y N 355 
TRP CZ2  C Y N 356 
TRP CZ3  C Y N 357 
TRP CH2  C Y N 358 
TRP OXT  O N N 359 
TRP H    H N N 360 
TRP H2   H N N 361 
TRP HA   H N N 362 
TRP HB2  H N N 363 
TRP HB3  H N N 364 
TRP HD1  H N N 365 
TRP HE1  H N N 366 
TRP HE3  H N N 367 
TRP HZ2  H N N 368 
TRP HZ3  H N N 369 
TRP HH2  H N N 370 
TRP HXT  H N N 371 
TYR N    N N N 372 
TYR CA   C N S 373 
TYR C    C N N 374 
TYR O    O N N 375 
TYR CB   C N N 376 
TYR CG   C Y N 377 
TYR CD1  C Y N 378 
TYR CD2  C Y N 379 
TYR CE1  C Y N 380 
TYR CE2  C Y N 381 
TYR CZ   C Y N 382 
TYR OH   O N N 383 
TYR OXT  O N N 384 
TYR H    H N N 385 
TYR H2   H N N 386 
TYR HA   H N N 387 
TYR HB2  H N N 388 
TYR HB3  H N N 389 
TYR HD1  H N N 390 
TYR HD2  H N N 391 
TYR HE1  H N N 392 
TYR HE2  H N N 393 
TYR HH   H N N 394 
TYR HXT  H N N 395 
VAL N    N N N 396 
VAL CA   C N S 397 
VAL C    C N N 398 
VAL O    O N N 399 
VAL CB   C N N 400 
VAL CG1  C N N 401 
VAL CG2  C N N 402 
VAL OXT  O N N 403 
VAL H    H N N 404 
VAL H2   H N N 405 
VAL HA   H N N 406 
VAL HB   H N N 407 
VAL HG11 H N N 408 
VAL HG12 H N N 409 
VAL HG13 H N N 410 
VAL HG21 H N N 411 
VAL HG22 H N N 412 
VAL HG23 H N N 413 
VAL HXT  H N N 414 
# 
loop_
_chem_comp_bond.comp_id 
_chem_comp_bond.atom_id_1 
_chem_comp_bond.atom_id_2 
_chem_comp_bond.value_order 
_chem_comp_bond.pdbx_aromatic_flag 
_chem_comp_bond.pdbx_stereo_config 
_chem_comp_bond.pdbx_ordinal 
ALA N   CA   sing N N 1   
ALA N   H    sing N N 2   
ALA N   H2   sing N N 3   
ALA CA  C    sing N N 4   
ALA CA  CB   sing N N 5   
ALA CA  HA   sing N N 6   
ALA C   O    doub N N 7   
ALA C   OXT  sing N N 8   
ALA CB  HB1  sing N N 9   
ALA CB  HB2  sing N N 10  
ALA CB  HB3  sing N N 11  
ALA OXT HXT  sing N N 12  
ALL C1  C2   sing N N 13  
ALL C1  O1   sing N N 14  
ALL C1  O5   sing N N 15  
ALL C1  H1   sing N N 16  
ALL C2  C3   sing N N 17  
ALL C2  O2   sing N N 18  
ALL C2  H2   sing N N 19  
ALL C3  C4   sing N N 20  
ALL C3  O3   sing N N 21  
ALL C3  H3   sing N N 22  
ALL C4  C5   sing N N 23  
ALL C4  O4   sing N N 24  
ALL C4  H4   sing N N 25  
ALL C5  C6   sing N N 26  
ALL C5  O5   sing N N 27  
ALL C5  H5   sing N N 28  
ALL C6  O6   sing N N 29  
ALL C6  H61  sing N N 30  
ALL C6  H62  sing N N 31  
ALL O1  HO1  sing N N 32  
ALL O2  HO2  sing N N 33  
ALL O3  HO3  sing N N 34  
ALL O4  HO4  sing N N 35  
ALL O6  HO6  sing N N 36  
ARG N   CA   sing N N 37  
ARG N   H    sing N N 38  
ARG N   H2   sing N N 39  
ARG CA  C    sing N N 40  
ARG CA  CB   sing N N 41  
ARG CA  HA   sing N N 42  
ARG C   O    doub N N 43  
ARG C   OXT  sing N N 44  
ARG CB  CG   sing N N 45  
ARG CB  HB2  sing N N 46  
ARG CB  HB3  sing N N 47  
ARG CG  CD   sing N N 48  
ARG CG  HG2  sing N N 49  
ARG CG  HG3  sing N N 50  
ARG CD  NE   sing N N 51  
ARG CD  HD2  sing N N 52  
ARG CD  HD3  sing N N 53  
ARG NE  CZ   sing N N 54  
ARG NE  HE   sing N N 55  
ARG CZ  NH1  sing N N 56  
ARG CZ  NH2  doub N N 57  
ARG NH1 HH11 sing N N 58  
ARG NH1 HH12 sing N N 59  
ARG NH2 HH21 sing N N 60  
ARG NH2 HH22 sing N N 61  
ARG OXT HXT  sing N N 62  
ASN N   CA   sing N N 63  
ASN N   H    sing N N 64  
ASN N   H2   sing N N 65  
ASN CA  C    sing N N 66  
ASN CA  CB   sing N N 67  
ASN CA  HA   sing N N 68  
ASN C   O    doub N N 69  
ASN C   OXT  sing N N 70  
ASN CB  CG   sing N N 71  
ASN CB  HB2  sing N N 72  
ASN CB  HB3  sing N N 73  
ASN CG  OD1  doub N N 74  
ASN CG  ND2  sing N N 75  
ASN ND2 HD21 sing N N 76  
ASN ND2 HD22 sing N N 77  
ASN OXT HXT  sing N N 78  
ASP N   CA   sing N N 79  
ASP N   H    sing N N 80  
ASP N   H2   sing N N 81  
ASP CA  C    sing N N 82  
ASP CA  CB   sing N N 83  
ASP CA  HA   sing N N 84  
ASP C   O    doub N N 85  
ASP C   OXT  sing N N 86  
ASP CB  CG   sing N N 87  
ASP CB  HB2  sing N N 88  
ASP CB  HB3  sing N N 89  
ASP CG  OD1  doub N N 90  
ASP CG  OD2  sing N N 91  
ASP OD2 HD2  sing N N 92  
ASP OXT HXT  sing N N 93  
CYS N   CA   sing N N 94  
CYS N   H    sing N N 95  
CYS N   H2   sing N N 96  
CYS CA  C    sing N N 97  
CYS CA  CB   sing N N 98  
CYS CA  HA   sing N N 99  
CYS C   O    doub N N 100 
CYS C   OXT  sing N N 101 
CYS CB  SG   sing N N 102 
CYS CB  HB2  sing N N 103 
CYS CB  HB3  sing N N 104 
CYS SG  HG   sing N N 105 
CYS OXT HXT  sing N N 106 
GLN N   CA   sing N N 107 
GLN N   H    sing N N 108 
GLN N   H2   sing N N 109 
GLN CA  C    sing N N 110 
GLN CA  CB   sing N N 111 
GLN CA  HA   sing N N 112 
GLN C   O    doub N N 113 
GLN C   OXT  sing N N 114 
GLN CB  CG   sing N N 115 
GLN CB  HB2  sing N N 116 
GLN CB  HB3  sing N N 117 
GLN CG  CD   sing N N 118 
GLN CG  HG2  sing N N 119 
GLN CG  HG3  sing N N 120 
GLN CD  OE1  doub N N 121 
GLN CD  NE2  sing N N 122 
GLN NE2 HE21 sing N N 123 
GLN NE2 HE22 sing N N 124 
GLN OXT HXT  sing N N 125 
GLU N   CA   sing N N 126 
GLU N   H    sing N N 127 
GLU N   H2   sing N N 128 
GLU CA  C    sing N N 129 
GLU CA  CB   sing N N 130 
GLU CA  HA   sing N N 131 
GLU C   O    doub N N 132 
GLU C   OXT  sing N N 133 
GLU CB  CG   sing N N 134 
GLU CB  HB2  sing N N 135 
GLU CB  HB3  sing N N 136 
GLU CG  CD   sing N N 137 
GLU CG  HG2  sing N N 138 
GLU CG  HG3  sing N N 139 
GLU CD  OE1  doub N N 140 
GLU CD  OE2  sing N N 141 
GLU OE2 HE2  sing N N 142 
GLU OXT HXT  sing N N 143 
GLY N   CA   sing N N 144 
GLY N   H    sing N N 145 
GLY N   H2   sing N N 146 
GLY CA  C    sing N N 147 
GLY CA  HA2  sing N N 148 
GLY CA  HA3  sing N N 149 
GLY C   O    doub N N 150 
GLY C   OXT  sing N N 151 
GLY OXT HXT  sing N N 152 
HIS N   CA   sing N N 153 
HIS N   H    sing N N 154 
HIS N   H2   sing N N 155 
HIS CA  C    sing N N 156 
HIS CA  CB   sing N N 157 
HIS CA  HA   sing N N 158 
HIS C   O    doub N N 159 
HIS C   OXT  sing N N 160 
HIS CB  CG   sing N N 161 
HIS CB  HB2  sing N N 162 
HIS CB  HB3  sing N N 163 
HIS CG  ND1  sing Y N 164 
HIS CG  CD2  doub Y N 165 
HIS ND1 CE1  doub Y N 166 
HIS ND1 HD1  sing N N 167 
HIS CD2 NE2  sing Y N 168 
HIS CD2 HD2  sing N N 169 
HIS CE1 NE2  sing Y N 170 
HIS CE1 HE1  sing N N 171 
HIS NE2 HE2  sing N N 172 
HIS OXT HXT  sing N N 173 
HOH O   H1   sing N N 174 
HOH O   H2   sing N N 175 
ILE N   CA   sing N N 176 
ILE N   H    sing N N 177 
ILE N   H2   sing N N 178 
ILE CA  C    sing N N 179 
ILE CA  CB   sing N N 180 
ILE CA  HA   sing N N 181 
ILE C   O    doub N N 182 
ILE C   OXT  sing N N 183 
ILE CB  CG1  sing N N 184 
ILE CB  CG2  sing N N 185 
ILE CB  HB   sing N N 186 
ILE CG1 CD1  sing N N 187 
ILE CG1 HG12 sing N N 188 
ILE CG1 HG13 sing N N 189 
ILE CG2 HG21 sing N N 190 
ILE CG2 HG22 sing N N 191 
ILE CG2 HG23 sing N N 192 
ILE CD1 HD11 sing N N 193 
ILE CD1 HD12 sing N N 194 
ILE CD1 HD13 sing N N 195 
ILE OXT HXT  sing N N 196 
LEU N   CA   sing N N 197 
LEU N   H    sing N N 198 
LEU N   H2   sing N N 199 
LEU CA  C    sing N N 200 
LEU CA  CB   sing N N 201 
LEU CA  HA   sing N N 202 
LEU C   O    doub N N 203 
LEU C   OXT  sing N N 204 
LEU CB  CG   sing N N 205 
LEU CB  HB2  sing N N 206 
LEU CB  HB3  sing N N 207 
LEU CG  CD1  sing N N 208 
LEU CG  CD2  sing N N 209 
LEU CG  HG   sing N N 210 
LEU CD1 HD11 sing N N 211 
LEU CD1 HD12 sing N N 212 
LEU CD1 HD13 sing N N 213 
LEU CD2 HD21 sing N N 214 
LEU CD2 HD22 sing N N 215 
LEU CD2 HD23 sing N N 216 
LEU OXT HXT  sing N N 217 
LYS N   CA   sing N N 218 
LYS N   H    sing N N 219 
LYS N   H2   sing N N 220 
LYS CA  C    sing N N 221 
LYS CA  CB   sing N N 222 
LYS CA  HA   sing N N 223 
LYS C   O    doub N N 224 
LYS C   OXT  sing N N 225 
LYS CB  CG   sing N N 226 
LYS CB  HB2  sing N N 227 
LYS CB  HB3  sing N N 228 
LYS CG  CD   sing N N 229 
LYS CG  HG2  sing N N 230 
LYS CG  HG3  sing N N 231 
LYS CD  CE   sing N N 232 
LYS CD  HD2  sing N N 233 
LYS CD  HD3  sing N N 234 
LYS CE  NZ   sing N N 235 
LYS CE  HE2  sing N N 236 
LYS CE  HE3  sing N N 237 
LYS NZ  HZ1  sing N N 238 
LYS NZ  HZ2  sing N N 239 
LYS NZ  HZ3  sing N N 240 
LYS OXT HXT  sing N N 241 
MET N   CA   sing N N 242 
MET N   H    sing N N 243 
MET N   H2   sing N N 244 
MET CA  C    sing N N 245 
MET CA  CB   sing N N 246 
MET CA  HA   sing N N 247 
MET C   O    doub N N 248 
MET C   OXT  sing N N 249 
MET CB  CG   sing N N 250 
MET CB  HB2  sing N N 251 
MET CB  HB3  sing N N 252 
MET CG  SD   sing N N 253 
MET CG  HG2  sing N N 254 
MET CG  HG3  sing N N 255 
MET SD  CE   sing N N 256 
MET CE  HE1  sing N N 257 
MET CE  HE2  sing N N 258 
MET CE  HE3  sing N N 259 
MET OXT HXT  sing N N 260 
PHE N   CA   sing N N 261 
PHE N   H    sing N N 262 
PHE N   H2   sing N N 263 
PHE CA  C    sing N N 264 
PHE CA  CB   sing N N 265 
PHE CA  HA   sing N N 266 
PHE C   O    doub N N 267 
PHE C   OXT  sing N N 268 
PHE CB  CG   sing N N 269 
PHE CB  HB2  sing N N 270 
PHE CB  HB3  sing N N 271 
PHE CG  CD1  doub Y N 272 
PHE CG  CD2  sing Y N 273 
PHE CD1 CE1  sing Y N 274 
PHE CD1 HD1  sing N N 275 
PHE CD2 CE2  doub Y N 276 
PHE CD2 HD2  sing N N 277 
PHE CE1 CZ   doub Y N 278 
PHE CE1 HE1  sing N N 279 
PHE CE2 CZ   sing Y N 280 
PHE CE2 HE2  sing N N 281 
PHE CZ  HZ   sing N N 282 
PHE OXT HXT  sing N N 283 
PRO N   CA   sing N N 284 
PRO N   CD   sing N N 285 
PRO N   H    sing N N 286 
PRO CA  C    sing N N 287 
PRO CA  CB   sing N N 288 
PRO CA  HA   sing N N 289 
PRO C   O    doub N N 290 
PRO C   OXT  sing N N 291 
PRO CB  CG   sing N N 292 
PRO CB  HB2  sing N N 293 
PRO CB  HB3  sing N N 294 
PRO CG  CD   sing N N 295 
PRO CG  HG2  sing N N 296 
PRO CG  HG3  sing N N 297 
PRO CD  HD2  sing N N 298 
PRO CD  HD3  sing N N 299 
PRO OXT HXT  sing N N 300 
SER N   CA   sing N N 301 
SER N   H    sing N N 302 
SER N   H2   sing N N 303 
SER CA  C    sing N N 304 
SER CA  CB   sing N N 305 
SER CA  HA   sing N N 306 
SER C   O    doub N N 307 
SER C   OXT  sing N N 308 
SER CB  OG   sing N N 309 
SER CB  HB2  sing N N 310 
SER CB  HB3  sing N N 311 
SER OG  HG   sing N N 312 
SER OXT HXT  sing N N 313 
THR N   CA   sing N N 314 
THR N   H    sing N N 315 
THR N   H2   sing N N 316 
THR CA  C    sing N N 317 
THR CA  CB   sing N N 318 
THR CA  HA   sing N N 319 
THR C   O    doub N N 320 
THR C   OXT  sing N N 321 
THR CB  OG1  sing N N 322 
THR CB  CG2  sing N N 323 
THR CB  HB   sing N N 324 
THR OG1 HG1  sing N N 325 
THR CG2 HG21 sing N N 326 
THR CG2 HG22 sing N N 327 
THR CG2 HG23 sing N N 328 
THR OXT HXT  sing N N 329 
TRP N   CA   sing N N 330 
TRP N   H    sing N N 331 
TRP N   H2   sing N N 332 
TRP CA  C    sing N N 333 
TRP CA  CB   sing N N 334 
TRP CA  HA   sing N N 335 
TRP C   O    doub N N 336 
TRP C   OXT  sing N N 337 
TRP CB  CG   sing N N 338 
TRP CB  HB2  sing N N 339 
TRP CB  HB3  sing N N 340 
TRP CG  CD1  doub Y N 341 
TRP CG  CD2  sing Y N 342 
TRP CD1 NE1  sing Y N 343 
TRP CD1 HD1  sing N N 344 
TRP CD2 CE2  doub Y N 345 
TRP CD2 CE3  sing Y N 346 
TRP NE1 CE2  sing Y N 347 
TRP NE1 HE1  sing N N 348 
TRP CE2 CZ2  sing Y N 349 
TRP CE3 CZ3  doub Y N 350 
TRP CE3 HE3  sing N N 351 
TRP CZ2 CH2  doub Y N 352 
TRP CZ2 HZ2  sing N N 353 
TRP CZ3 CH2  sing Y N 354 
TRP CZ3 HZ3  sing N N 355 
TRP CH2 HH2  sing N N 356 
TRP OXT HXT  sing N N 357 
TYR N   CA   sing N N 358 
TYR N   H    sing N N 359 
TYR N   H2   sing N N 360 
TYR CA  C    sing N N 361 
TYR CA  CB   sing N N 362 
TYR CA  HA   sing N N 363 
TYR C   O    doub N N 364 
TYR C   OXT  sing N N 365 
TYR CB  CG   sing N N 366 
TYR CB  HB2  sing N N 367 
TYR CB  HB3  sing N N 368 
TYR CG  CD1  doub Y N 369 
TYR CG  CD2  sing Y N 370 
TYR CD1 CE1  sing Y N 371 
TYR CD1 HD1  sing N N 372 
TYR CD2 CE2  doub Y N 373 
TYR CD2 HD2  sing N N 374 
TYR CE1 CZ   doub Y N 375 
TYR CE1 HE1  sing N N 376 
TYR CE2 CZ   sing Y N 377 
TYR CE2 HE2  sing N N 378 
TYR CZ  OH   sing N N 379 
TYR OH  HH   sing N N 380 
TYR OXT HXT  sing N N 381 
VAL N   CA   sing N N 382 
VAL N   H    sing N N 383 
VAL N   H2   sing N N 384 
VAL CA  C    sing N N 385 
VAL CA  CB   sing N N 386 
VAL CA  HA   sing N N 387 
VAL C   O    doub N N 388 
VAL C   OXT  sing N N 389 
VAL CB  CG1  sing N N 390 
VAL CB  CG2  sing N N 391 
VAL CB  HB   sing N N 392 
VAL CG1 HG11 sing N N 393 
VAL CG1 HG12 sing N N 394 
VAL CG1 HG13 sing N N 395 
VAL CG2 HG21 sing N N 396 
VAL CG2 HG22 sing N N 397 
VAL CG2 HG23 sing N N 398 
VAL OXT HXT  sing N N 399 
# 
loop_
_pdbx_chem_comp_identifier.comp_id 
_pdbx_chem_comp_identifier.type 
_pdbx_chem_comp_identifier.program 
_pdbx_chem_comp_identifier.program_version 
_pdbx_chem_comp_identifier.identifier 
ALL 'CONDENSED IUPAC CARBOHYDRATE SYMBOL' GMML     1.0 DAllpb           
ALL 'COMMON NAME'                         GMML     1.0 b-D-allopyranose 
ALL 'IUPAC CARBOHYDRATE SYMBOL'           PDB-CARE 1.0 b-D-Allp         
ALL 'SNFG CARBOHYDRATE SYMBOL'            GMML     1.0 All              
# 
_pdbx_entity_instance_feature.ordinal        1 
_pdbx_entity_instance_feature.comp_id        ALL 
_pdbx_entity_instance_feature.asym_id        ? 
_pdbx_entity_instance_feature.seq_num        ? 
_pdbx_entity_instance_feature.auth_comp_id   ALL 
_pdbx_entity_instance_feature.auth_asym_id   ? 
_pdbx_entity_instance_feature.auth_seq_num   ? 
_pdbx_entity_instance_feature.feature_type   'SUBJECT OF INVESTIGATION' 
_pdbx_entity_instance_feature.details        ? 
# 
loop_
_pdbx_entity_nonpoly.entity_id 
_pdbx_entity_nonpoly.name 
_pdbx_entity_nonpoly.comp_id 
2 beta-D-allopyranose ALL 
3 water               HOH 
# 
_pdbx_initial_refinement_model.id               1 
_pdbx_initial_refinement_model.entity_id_list   ? 
_pdbx_initial_refinement_model.type             'experimental model' 
_pdbx_initial_refinement_model.source_name      PDB 
_pdbx_initial_refinement_model.accession_code   1QKQ 
_pdbx_initial_refinement_model.details          ? 
# 
_pdbx_struct_assembly_auth_evidence.id                     1 
_pdbx_struct_assembly_auth_evidence.assembly_id            1 
_pdbx_struct_assembly_auth_evidence.experimental_support   'light scattering' 
_pdbx_struct_assembly_auth_evidence.details                ? 
# 
